data_9MEM
#
_entry.id   9MEM
#
loop_
_entity.id
_entity.type
_entity.pdbx_description
1 polymer Bacteriorhodopsin
2 non-polymer RETINAL
#
_entity_poly.entity_id   1
_entity_poly.type   'polypeptide(L)'
_entity_poly.pdbx_seq_one_letter_code
;MNLESLLHWIYVAGMTIGALHFWSLSRNPRGVPQYEYLVAMFIPIWSGLAYMAMAIDQGKVEAAGQIAHYARYIDWMVTT
PLLLLSLSWTAMQFIKKDWTLIGFLMSTQIVVITSGLIADLSERDWVRYLWYICGVCAFLIILWGIWNPLRAKTRTQSSE
LANLYDKLVTYFTVLWIGYPIVWIIGPSGFGWINQTIDTFLFCLLPFFSKVGFSFLDLHGLRNLNDSRQHHHHHH
;
_entity_poly.pdbx_strand_id   A
#
loop_
_chem_comp.id
_chem_comp.type
_chem_comp.name
_chem_comp.formula
RET non-polymer RETINAL 'C20 H28 O'
#
# COMPACT_ATOMS: atom_id res chain seq x y z
N MET A 1 0.78 16.82 18.35
CA MET A 1 0.34 16.80 16.93
C MET A 1 0.40 18.20 16.34
N ASN A 2 1.03 18.32 15.17
CA ASN A 2 1.15 19.61 14.49
C ASN A 2 0.06 19.78 13.44
N LEU A 3 -0.13 21.00 12.98
CA LEU A 3 -1.13 21.30 11.97
C LEU A 3 -0.66 22.42 11.05
N GLU A 4 0.62 22.41 10.71
CA GLU A 4 1.19 23.42 9.84
C GLU A 4 1.65 22.81 8.52
N SER A 5 2.26 23.63 7.66
CA SER A 5 2.75 23.18 6.36
C SER A 5 4.10 22.48 6.50
N LEU A 6 4.08 21.26 7.01
CA LEU A 6 5.31 20.48 7.20
C LEU A 6 4.99 18.99 7.29
N LEU A 7 3.88 18.59 6.70
CA LEU A 7 3.45 17.20 6.72
C LEU A 7 4.44 16.30 5.98
N HIS A 8 4.64 16.57 4.70
CA HIS A 8 5.56 15.78 3.88
C HIS A 8 6.91 15.59 4.57
N TRP A 9 7.30 16.58 5.38
CA TRP A 9 8.57 16.51 6.10
C TRP A 9 8.51 15.49 7.22
N ILE A 10 7.63 15.73 8.20
CA ILE A 10 7.49 14.83 9.33
C ILE A 10 7.19 13.40 8.87
N TYR A 11 6.64 13.27 7.67
CA TYR A 11 6.31 11.96 7.12
C TYR A 11 7.56 11.13 6.91
N VAL A 12 8.47 11.62 6.08
CA VAL A 12 9.71 10.90 5.79
C VAL A 12 10.45 10.56 7.08
N ALA A 13 10.30 11.41 8.09
CA ALA A 13 10.96 11.21 9.37
C ALA A 13 10.56 9.88 10.00
N GLY A 14 9.26 9.72 10.25
CA GLY A 14 8.78 8.48 10.84
C GLY A 14 9.11 7.25 10.01
N MET A 15 9.13 7.43 8.70
CA MET A 15 9.45 6.33 7.79
C MET A 15 10.92 5.92 7.92
N THR A 16 11.76 6.88 8.27
CA THR A 16 13.19 6.61 8.43
C THR A 16 13.44 5.64 9.58
N ILE A 17 12.79 5.88 10.71
CA ILE A 17 12.94 5.02 11.88
C ILE A 17 12.29 3.66 11.66
N GLY A 18 11.28 3.62 10.79
CA GLY A 18 10.58 2.38 10.51
C GLY A 18 11.47 1.37 9.81
N ALA A 19 11.92 1.70 8.60
CA ALA A 19 12.78 0.82 7.84
C ALA A 19 14.04 0.47 8.62
N LEU A 20 14.44 1.38 9.51
CA LEU A 20 15.65 1.17 10.32
C LEU A 20 15.43 0.03 11.31
N HIS A 21 14.30 0.05 12.01
CA HIS A 21 14.00 -0.98 12.99
C HIS A 21 14.14 -2.36 12.37
N PHE A 22 13.65 -2.51 11.13
CA PHE A 22 13.73 -3.78 10.43
C PHE A 22 15.18 -4.23 10.29
N TRP A 23 16.05 -3.29 9.98
CA TRP A 23 17.47 -3.60 9.82
C TRP A 23 18.02 -4.31 11.05
N SER A 24 17.53 -3.91 12.22
CA SER A 24 17.97 -4.50 13.47
C SER A 24 17.44 -5.92 13.62
N LEU A 25 16.30 -6.18 12.99
CA LEU A 25 15.67 -7.50 13.05
C LEU A 25 16.29 -8.46 12.03
N SER A 26 17.13 -7.94 11.14
CA SER A 26 17.78 -8.79 10.13
C SER A 26 18.59 -9.90 10.78
N ARG A 27 18.90 -9.76 12.07
CA ARG A 27 19.67 -10.78 12.80
C ARG A 27 19.06 -12.15 12.53
N ASN A 28 17.75 -12.15 12.37
CA ASN A 28 16.98 -13.36 12.11
C ASN A 28 15.51 -12.99 11.92
N PRO A 29 14.82 -13.52 10.89
CA PRO A 29 13.42 -13.19 10.68
C PRO A 29 12.48 -14.17 11.38
N ARG A 30 12.69 -15.46 11.16
CA ARG A 30 11.87 -16.49 11.78
C ARG A 30 10.41 -16.33 11.33
N GLY A 31 10.10 -16.88 10.16
CA GLY A 31 8.76 -16.79 9.63
C GLY A 31 8.73 -16.14 8.26
N VAL A 32 9.72 -15.31 7.98
CA VAL A 32 9.80 -14.64 6.69
C VAL A 32 11.22 -14.68 6.11
N PRO A 33 11.45 -15.39 4.99
CA PRO A 33 12.78 -15.49 4.37
C PRO A 33 13.35 -14.13 3.98
N GLN A 34 14.65 -14.12 3.70
CA GLN A 34 15.36 -12.89 3.33
C GLN A 34 14.59 -12.04 2.31
N TYR A 35 14.20 -12.65 1.18
CA TYR A 35 13.46 -11.95 0.12
C TYR A 35 12.34 -11.07 0.68
N GLU A 36 11.77 -11.46 1.81
CA GLU A 36 10.70 -10.69 2.43
C GLU A 36 11.28 -9.45 3.11
N TYR A 37 12.30 -9.67 3.94
CA TYR A 37 12.95 -8.57 4.64
C TYR A 37 13.36 -7.51 3.62
N LEU A 38 13.81 -8.00 2.46
CA LEU A 38 14.23 -7.12 1.38
C LEU A 38 13.05 -6.29 0.92
N VAL A 39 11.86 -6.90 0.96
CA VAL A 39 10.66 -6.20 0.55
C VAL A 39 10.51 -4.92 1.35
N ALA A 40 10.91 -4.96 2.62
CA ALA A 40 10.83 -3.80 3.49
C ALA A 40 11.73 -2.66 2.97
N MET A 41 13.00 -2.99 2.81
CA MET A 41 13.96 -2.03 2.31
C MET A 41 13.41 -1.46 1.02
N PHE A 42 12.78 -2.35 0.26
CA PHE A 42 12.18 -1.98 -1.02
C PHE A 42 11.13 -0.89 -0.84
N ILE A 43 10.00 -1.20 -0.18
CA ILE A 43 8.99 -0.17 -0.01
C ILE A 43 9.26 0.76 1.17
N PRO A 44 9.35 0.29 2.45
CA PRO A 44 9.65 1.21 3.57
C PRO A 44 10.69 2.31 3.26
N ILE A 45 11.79 1.98 2.57
CA ILE A 45 12.79 3.02 2.28
C ILE A 45 12.36 3.94 1.15
N TRP A 46 11.97 3.37 0.02
CA TRP A 46 11.54 4.17 -1.13
C TRP A 46 10.47 5.19 -0.75
N SER A 47 9.40 4.71 -0.11
CA SER A 47 8.31 5.58 0.31
C SER A 47 8.83 6.76 1.12
N GLY A 48 9.72 6.48 2.06
CA GLY A 48 10.28 7.53 2.90
C GLY A 48 10.78 8.72 2.11
N LEU A 49 11.90 8.53 1.40
CA LEU A 49 12.50 9.60 0.60
C LEU A 49 11.47 10.31 -0.28
N ALA A 50 10.48 9.57 -0.77
CA ALA A 50 9.44 10.14 -1.62
C ALA A 50 8.78 11.37 -0.99
N TYR A 51 8.21 11.18 0.20
CA TYR A 51 7.55 12.27 0.90
C TYR A 51 8.48 13.47 1.10
N MET A 52 9.72 13.21 1.48
CA MET A 52 10.70 14.27 1.71
C MET A 52 10.73 15.22 0.50
N ALA A 53 10.52 14.67 -0.68
CA ALA A 53 10.52 15.46 -1.90
C ALA A 53 9.32 16.40 -1.94
N MET A 54 8.15 15.86 -1.63
CA MET A 54 6.93 16.66 -1.64
C MET A 54 7.10 17.91 -0.77
N ALA A 55 7.98 17.82 0.22
CA ALA A 55 8.25 18.93 1.12
C ALA A 55 9.07 20.02 0.44
N ILE A 56 10.07 19.59 -0.33
CA ILE A 56 10.95 20.53 -1.04
C ILE A 56 10.26 21.13 -2.27
N ASP A 57 9.01 20.72 -2.52
CA ASP A 57 8.25 21.23 -3.67
C ASP A 57 8.80 20.67 -4.97
N GLN A 58 9.16 19.40 -4.96
CA GLN A 58 9.69 18.73 -6.15
C GLN A 58 8.94 17.43 -6.42
N GLY A 59 7.84 17.53 -7.14
CA GLY A 59 7.06 16.35 -7.47
C GLY A 59 5.88 16.66 -8.38
N LYS A 60 5.11 17.69 -8.02
CA LYS A 60 3.95 18.09 -8.81
C LYS A 60 4.30 19.26 -9.73
N VAL A 61 3.90 19.16 -10.99
CA VAL A 61 4.17 20.21 -11.96
C VAL A 61 2.89 20.66 -12.65
N GLU A 62 2.87 21.91 -13.09
CA GLU A 62 1.70 22.46 -13.76
C GLU A 62 1.65 22.00 -15.22
N ALA A 63 0.62 21.21 -15.54
CA ALA A 63 0.45 20.70 -16.89
C ALA A 63 -0.94 21.01 -17.44
N ALA A 64 -1.00 21.83 -18.47
CA ALA A 64 -2.27 22.21 -19.08
C ALA A 64 -3.08 23.12 -18.16
N GLY A 65 -2.43 24.15 -17.64
CA GLY A 65 -3.11 25.07 -16.75
C GLY A 65 -3.75 24.38 -15.57
N GLN A 66 -3.23 23.21 -15.22
CA GLN A 66 -3.76 22.44 -14.10
C GLN A 66 -2.63 21.88 -13.25
N ILE A 67 -2.99 21.31 -12.09
CA ILE A 67 -2.00 20.74 -11.19
C ILE A 67 -2.09 19.22 -11.18
N ALA A 68 -1.05 18.56 -11.69
CA ALA A 68 -1.00 17.11 -11.75
C ALA A 68 -0.24 16.54 -10.56
N HIS A 69 -0.78 15.46 -9.98
CA HIS A 69 -0.15 14.82 -8.83
C HIS A 69 0.71 13.64 -9.29
N TYR A 70 1.78 13.94 -10.01
CA TYR A 70 2.68 12.91 -10.51
C TYR A 70 3.40 12.21 -9.37
N ALA A 71 4.12 12.99 -8.57
CA ALA A 71 4.86 12.45 -7.44
C ALA A 71 3.97 11.66 -6.49
N ARG A 72 2.68 11.95 -6.52
CA ARG A 72 1.72 11.27 -5.66
C ARG A 72 1.43 9.84 -6.15
N TYR A 73 1.40 9.67 -7.46
CA TYR A 73 1.12 8.35 -8.02
C TYR A 73 2.33 7.42 -7.98
N ILE A 74 3.48 7.88 -8.48
CA ILE A 74 4.68 7.05 -8.47
C ILE A 74 4.96 6.51 -7.07
N ASP A 75 4.92 7.39 -6.08
CA ASP A 75 5.15 6.99 -4.71
C ASP A 75 4.05 6.04 -4.29
N TRP A 76 2.86 6.26 -4.82
CA TRP A 76 1.72 5.42 -4.50
C TRP A 76 1.84 4.07 -5.16
N MET A 77 2.79 3.95 -6.08
CA MET A 77 3.01 2.69 -6.78
C MET A 77 3.84 1.76 -5.88
N VAL A 78 5.11 2.08 -5.76
CA VAL A 78 5.97 1.27 -4.93
C VAL A 78 5.34 1.09 -3.55
N THR A 79 4.62 2.12 -3.11
CA THR A 79 3.96 2.09 -1.82
C THR A 79 2.72 1.20 -1.87
N THR A 80 1.75 1.54 -2.73
CA THR A 80 0.53 0.73 -2.80
C THR A 80 0.82 -0.65 -3.41
N PRO A 81 1.28 -0.80 -4.68
CA PRO A 81 1.59 -2.15 -5.18
C PRO A 81 2.36 -3.05 -4.19
N LEU A 82 3.39 -2.52 -3.51
CA LEU A 82 4.15 -3.36 -2.57
C LEU A 82 3.52 -3.44 -1.17
N LEU A 83 2.43 -2.71 -0.95
CA LEU A 83 1.74 -2.73 0.34
C LEU A 83 0.95 -4.02 0.45
N LEU A 84 0.17 -4.31 -0.59
CA LEU A 84 -0.64 -5.51 -0.62
C LEU A 84 0.26 -6.73 -0.76
N LEU A 85 1.30 -6.60 -1.59
CA LEU A 85 2.24 -7.69 -1.82
C LEU A 85 3.01 -7.99 -0.55
N SER A 86 3.21 -6.96 0.27
CA SER A 86 3.94 -7.10 1.53
C SER A 86 3.16 -7.98 2.51
N LEU A 87 1.84 -7.84 2.51
CA LEU A 87 0.99 -8.62 3.40
C LEU A 87 1.13 -10.10 3.08
N SER A 88 1.12 -10.43 1.79
CA SER A 88 1.26 -11.81 1.35
C SER A 88 2.68 -12.32 1.58
N TRP A 89 3.65 -11.47 1.28
CA TRP A 89 5.05 -11.82 1.45
C TRP A 89 5.36 -12.18 2.90
N THR A 90 4.89 -11.34 3.83
CA THR A 90 5.11 -11.56 5.25
C THR A 90 4.53 -12.91 5.70
N ALA A 91 3.41 -13.30 5.11
CA ALA A 91 2.76 -14.56 5.44
C ALA A 91 3.52 -15.73 4.83
N MET A 92 4.02 -15.52 3.61
CA MET A 92 4.76 -16.56 2.89
C MET A 92 5.87 -17.14 3.76
N GLN A 93 5.91 -18.46 3.86
CA GLN A 93 6.93 -19.14 4.66
C GLN A 93 8.19 -19.39 3.84
N PHE A 94 8.03 -20.15 2.75
CA PHE A 94 9.15 -20.47 1.87
C PHE A 94 8.73 -20.38 0.42
N ILE A 95 9.69 -20.49 -0.48
CA ILE A 95 9.40 -20.41 -1.91
C ILE A 95 10.27 -21.37 -2.72
N LYS A 96 9.75 -21.79 -3.86
CA LYS A 96 10.46 -22.72 -4.75
C LYS A 96 9.74 -22.82 -6.09
N LYS A 97 9.06 -21.74 -6.47
CA LYS A 97 8.32 -21.68 -7.72
C LYS A 97 7.72 -20.29 -7.94
N ASP A 98 6.98 -20.12 -9.03
CA ASP A 98 6.36 -18.84 -9.34
C ASP A 98 4.84 -18.95 -9.31
N TRP A 99 4.32 -20.11 -9.75
CA TRP A 99 2.89 -20.34 -9.77
C TRP A 99 2.20 -19.42 -10.76
N THR A 100 1.27 -19.98 -11.55
CA THR A 100 0.54 -19.21 -12.55
C THR A 100 -0.64 -18.48 -11.91
N LEU A 101 -1.38 -19.18 -11.07
CA LEU A 101 -2.55 -18.60 -10.40
C LEU A 101 -2.20 -17.26 -9.75
N ILE A 102 -1.32 -17.31 -8.76
CA ILE A 102 -0.90 -16.10 -8.05
C ILE A 102 -0.20 -15.14 -8.99
N GLY A 103 0.64 -15.67 -9.87
CA GLY A 103 1.36 -14.84 -10.81
C GLY A 103 0.45 -13.91 -11.58
N PHE A 104 -0.68 -14.42 -12.03
CA PHE A 104 -1.65 -13.63 -12.78
C PHE A 104 -2.27 -12.55 -11.90
N LEU A 105 -2.60 -12.92 -10.67
CA LEU A 105 -3.20 -11.97 -9.73
C LEU A 105 -2.29 -10.78 -9.49
N MET A 106 -1.03 -11.06 -9.15
CA MET A 106 -0.06 -10.00 -8.89
C MET A 106 0.02 -9.04 -10.07
N SER A 107 -0.20 -9.56 -11.27
CA SER A 107 -0.14 -8.74 -12.48
C SER A 107 -1.39 -7.87 -12.60
N THR A 108 -2.47 -8.30 -11.95
CA THR A 108 -3.73 -7.55 -12.00
C THR A 108 -3.60 -6.21 -11.29
N GLN A 109 -3.26 -6.25 -10.01
CA GLN A 109 -3.10 -5.03 -9.22
C GLN A 109 -2.03 -4.13 -9.82
N ILE A 110 -1.02 -4.75 -10.42
CA ILE A 110 0.08 -4.01 -11.03
C ILE A 110 -0.43 -3.08 -12.14
N VAL A 111 -1.37 -3.57 -12.93
CA VAL A 111 -1.94 -2.81 -14.03
C VAL A 111 -2.91 -1.74 -13.53
N VAL A 112 -3.66 -2.06 -12.49
CA VAL A 112 -4.63 -1.13 -11.92
C VAL A 112 -3.96 0.18 -11.50
N ILE A 113 -3.03 0.08 -10.57
CA ILE A 113 -2.30 1.23 -10.07
C ILE A 113 -1.68 2.01 -11.23
N THR A 114 -1.17 1.27 -12.21
CA THR A 114 -0.56 1.89 -13.37
C THR A 114 -1.56 2.88 -13.99
N SER A 115 -2.82 2.46 -14.05
CA SER A 115 -3.87 3.30 -14.60
C SER A 115 -3.97 4.58 -13.79
N GLY A 116 -3.65 4.48 -12.50
CA GLY A 116 -3.71 5.64 -11.64
C GLY A 116 -2.85 6.77 -12.14
N LEU A 117 -1.57 6.49 -12.38
CA LEU A 117 -0.63 7.50 -12.89
C LEU A 117 -1.23 8.20 -14.10
N ILE A 118 -1.71 7.41 -15.05
CA ILE A 118 -2.31 7.95 -16.26
C ILE A 118 -3.51 8.83 -15.95
N ALA A 119 -4.31 8.42 -14.97
CA ALA A 119 -5.50 9.17 -14.58
C ALA A 119 -5.15 10.64 -14.34
N ASP A 120 -3.96 10.87 -13.80
CA ASP A 120 -3.49 12.22 -13.51
C ASP A 120 -2.79 12.80 -14.74
N LEU A 121 -2.18 11.93 -15.54
CA LEU A 121 -1.49 12.35 -16.74
C LEU A 121 -2.41 12.23 -17.96
N SER A 122 -3.71 12.27 -17.71
CA SER A 122 -4.70 12.16 -18.77
C SER A 122 -4.56 13.29 -19.79
N GLU A 123 -5.30 13.17 -20.89
CA GLU A 123 -5.26 14.18 -21.95
C GLU A 123 -6.62 14.88 -22.05
N ARG A 124 -7.67 14.19 -21.64
CA ARG A 124 -9.03 14.74 -21.69
C ARG A 124 -9.79 14.40 -20.40
N ASP A 125 -10.99 14.96 -20.27
CA ASP A 125 -11.81 14.73 -19.09
C ASP A 125 -12.59 13.43 -19.22
N TRP A 126 -13.22 13.22 -20.36
CA TRP A 126 -14.00 12.01 -20.60
C TRP A 126 -13.18 10.77 -20.30
N VAL A 127 -11.87 10.87 -20.52
CA VAL A 127 -10.97 9.74 -20.27
C VAL A 127 -10.61 9.62 -18.79
N ARG A 128 -10.71 10.73 -18.06
CA ARG A 128 -10.39 10.72 -16.63
C ARG A 128 -11.40 9.87 -15.87
N TYR A 129 -12.68 10.19 -16.03
CA TYR A 129 -13.74 9.45 -15.36
C TYR A 129 -13.75 7.99 -15.82
N LEU A 130 -13.44 7.79 -17.10
CA LEU A 130 -13.43 6.45 -17.67
C LEU A 130 -12.32 5.60 -17.05
N TRP A 131 -11.12 6.19 -16.95
CA TRP A 131 -9.97 5.49 -16.37
C TRP A 131 -10.19 5.22 -14.88
N TYR A 132 -10.72 6.22 -14.18
CA TYR A 132 -10.96 6.09 -12.75
C TYR A 132 -11.75 4.81 -12.44
N ILE A 133 -12.79 4.57 -13.23
CA ILE A 133 -13.62 3.38 -13.05
C ILE A 133 -12.86 2.11 -13.43
N CYS A 134 -11.86 2.26 -14.31
CA CYS A 134 -11.06 1.13 -14.75
C CYS A 134 -10.29 0.52 -13.59
N GLY A 135 -9.80 1.37 -12.69
CA GLY A 135 -9.05 0.89 -11.55
C GLY A 135 -9.93 0.23 -10.50
N VAL A 136 -10.89 0.97 -9.98
CA VAL A 136 -11.80 0.44 -8.96
C VAL A 136 -12.40 -0.90 -9.37
N CYS A 137 -12.77 -1.01 -10.64
CA CYS A 137 -13.36 -2.25 -11.15
C CYS A 137 -12.42 -3.44 -10.95
N ALA A 138 -11.24 -3.38 -11.57
CA ALA A 138 -10.27 -4.45 -11.45
C ALA A 138 -9.85 -4.69 -10.01
N PHE A 139 -10.04 -3.69 -9.16
CA PHE A 139 -9.67 -3.80 -7.75
C PHE A 139 -10.54 -4.82 -7.03
N LEU A 140 -11.84 -4.53 -6.97
CA LEU A 140 -12.78 -5.42 -6.31
C LEU A 140 -12.65 -6.85 -6.82
N ILE A 141 -12.22 -6.99 -8.07
CA ILE A 141 -12.05 -8.30 -8.69
C ILE A 141 -10.83 -9.02 -8.12
N ILE A 142 -9.83 -8.24 -7.71
CA ILE A 142 -8.59 -8.81 -7.16
C ILE A 142 -8.83 -9.41 -5.78
N LEU A 143 -9.34 -8.60 -4.86
CA LEU A 143 -9.60 -9.06 -3.49
C LEU A 143 -10.44 -10.34 -3.51
N TRP A 144 -11.48 -10.34 -4.32
CA TRP A 144 -12.36 -11.50 -4.43
C TRP A 144 -11.65 -12.65 -5.12
N GLY A 145 -10.56 -12.34 -5.84
CA GLY A 145 -9.81 -13.36 -6.55
C GLY A 145 -8.81 -14.09 -5.67
N ILE A 146 -8.45 -13.49 -4.53
CA ILE A 146 -7.49 -14.11 -3.63
C ILE A 146 -8.17 -15.03 -2.62
N TRP A 147 -9.34 -14.64 -2.14
CA TRP A 147 -10.07 -15.46 -1.16
C TRP A 147 -10.97 -16.48 -1.84
N ASN A 148 -11.34 -16.21 -3.09
CA ASN A 148 -12.21 -17.11 -3.85
C ASN A 148 -11.58 -18.50 -4.01
N PRO A 149 -10.43 -18.61 -4.72
CA PRO A 149 -9.76 -19.91 -4.94
C PRO A 149 -9.39 -20.60 -3.63
N LEU A 150 -8.36 -20.08 -2.96
CA LEU A 150 -7.91 -20.66 -1.70
C LEU A 150 -7.30 -22.03 -1.95
N ARG A 151 -6.43 -22.11 -2.96
CA ARG A 151 -5.77 -23.35 -3.32
C ARG A 151 -5.19 -24.07 -2.10
N ALA A 152 -4.86 -25.34 -2.27
CA ALA A 152 -4.30 -26.15 -1.19
C ALA A 152 -2.98 -25.58 -0.70
N LYS A 153 -2.35 -24.73 -1.52
CA LYS A 153 -1.07 -24.12 -1.15
C LYS A 153 -1.13 -23.52 0.24
N THR A 154 -2.22 -22.82 0.55
CA THR A 154 -2.39 -22.20 1.86
C THR A 154 -3.13 -23.12 2.82
N ARG A 155 -4.16 -23.80 2.32
CA ARG A 155 -4.94 -24.72 3.13
C ARG A 155 -4.09 -25.87 3.64
N THR A 156 -2.95 -26.10 3.00
CA THR A 156 -2.05 -27.19 3.40
C THR A 156 -0.83 -26.64 4.14
N GLN A 157 -0.40 -25.44 3.78
CA GLN A 157 0.75 -24.82 4.42
C GLN A 157 0.57 -24.78 5.93
N SER A 158 -0.43 -24.03 6.38
CA SER A 158 -0.71 -23.91 7.80
C SER A 158 -2.06 -23.22 8.03
N SER A 159 -3.00 -23.97 8.60
CA SER A 159 -4.33 -23.44 8.87
C SER A 159 -4.25 -22.19 9.74
N GLU A 160 -3.30 -22.18 10.67
CA GLU A 160 -3.11 -21.03 11.55
C GLU A 160 -2.86 -19.76 10.76
N LEU A 161 -1.93 -19.84 9.81
CA LEU A 161 -1.57 -18.70 8.97
C LEU A 161 -2.74 -18.33 8.06
N ALA A 162 -3.55 -19.32 7.72
CA ALA A 162 -4.70 -19.11 6.85
C ALA A 162 -5.79 -18.32 7.57
N ASN A 163 -5.94 -18.56 8.86
CA ASN A 163 -6.94 -17.87 9.66
C ASN A 163 -6.54 -16.42 9.89
N LEU A 164 -5.42 -16.20 10.55
CA LEU A 164 -4.93 -14.86 10.84
C LEU A 164 -4.80 -14.06 9.55
N TYR A 165 -4.53 -14.75 8.45
CA TYR A 165 -4.38 -14.11 7.15
C TYR A 165 -5.69 -13.46 6.72
N ASP A 166 -6.78 -14.19 6.88
CA ASP A 166 -8.10 -13.69 6.51
C ASP A 166 -8.37 -12.36 7.19
N LYS A 167 -8.05 -12.28 8.47
CA LYS A 167 -8.25 -11.05 9.24
C LYS A 167 -7.34 -9.94 8.72
N LEU A 168 -6.20 -10.33 8.18
CA LEU A 168 -5.24 -9.37 7.64
C LEU A 168 -5.79 -8.71 6.39
N VAL A 169 -6.07 -9.52 5.37
CA VAL A 169 -6.61 -9.01 4.11
C VAL A 169 -7.83 -8.14 4.36
N THR A 170 -8.54 -8.43 5.44
CA THR A 170 -9.74 -7.67 5.80
C THR A 170 -9.37 -6.26 6.25
N TYR A 171 -8.38 -6.17 7.14
CA TYR A 171 -7.94 -4.87 7.65
C TYR A 171 -7.39 -4.02 6.52
N PHE A 172 -6.59 -4.64 5.65
CA PHE A 172 -6.00 -3.94 4.53
C PHE A 172 -7.08 -3.45 3.57
N THR A 173 -8.11 -4.29 3.40
CA THR A 173 -9.22 -3.94 2.53
C THR A 173 -9.89 -2.65 3.01
N VAL A 174 -9.85 -2.43 4.32
CA VAL A 174 -10.44 -1.23 4.91
C VAL A 174 -9.62 0.00 4.55
N LEU A 175 -8.30 -0.16 4.47
CA LEU A 175 -7.43 0.95 4.13
C LEU A 175 -7.87 1.56 2.80
N TRP A 176 -8.17 0.69 1.84
CA TRP A 176 -8.62 1.11 0.52
C TRP A 176 -9.97 1.84 0.65
N ILE A 177 -10.86 1.27 1.46
CA ILE A 177 -12.16 1.86 1.68
C ILE A 177 -11.94 3.33 2.04
N GLY A 178 -10.82 3.58 2.71
CA GLY A 178 -10.47 4.92 3.10
C GLY A 178 -10.16 5.79 1.89
N TYR A 179 -9.29 5.33 0.97
CA TYR A 179 -8.98 6.15 -0.18
C TYR A 179 -10.05 5.95 -1.28
N PRO A 180 -10.24 4.75 -1.91
CA PRO A 180 -11.30 4.62 -2.92
C PRO A 180 -12.64 5.31 -2.58
N ILE A 181 -12.93 5.55 -1.30
CA ILE A 181 -14.21 6.21 -0.96
C ILE A 181 -14.08 7.73 -1.01
N VAL A 182 -13.00 8.29 -0.45
CA VAL A 182 -12.83 9.74 -0.45
C VAL A 182 -12.53 10.24 -1.87
N TRP A 183 -12.01 9.37 -2.71
CA TRP A 183 -11.68 9.72 -4.09
C TRP A 183 -12.95 10.06 -4.86
N ILE A 184 -13.94 9.19 -4.80
CA ILE A 184 -15.20 9.40 -5.49
C ILE A 184 -15.79 10.77 -5.18
N ILE A 185 -16.41 10.88 -4.00
CA ILE A 185 -17.03 12.14 -3.58
C ILE A 185 -15.97 13.23 -3.41
N GLY A 186 -16.33 14.46 -3.78
CA GLY A 186 -15.41 15.57 -3.67
C GLY A 186 -14.15 15.37 -4.48
N PRO A 187 -13.37 16.44 -4.70
CA PRO A 187 -12.13 16.37 -5.47
C PRO A 187 -10.98 15.76 -4.68
N SER A 188 -10.83 14.45 -4.77
CA SER A 188 -9.78 13.74 -4.06
C SER A 188 -9.83 14.04 -2.57
N GLY A 189 -11.03 14.09 -2.03
CA GLY A 189 -11.20 14.37 -0.61
C GLY A 189 -12.63 14.17 -0.14
N PHE A 190 -13.04 14.98 0.83
CA PHE A 190 -14.40 14.89 1.37
C PHE A 190 -15.35 15.82 0.60
N GLY A 191 -14.80 16.87 0.01
CA GLY A 191 -15.61 17.81 -0.74
C GLY A 191 -15.21 19.25 -0.50
N TRP A 192 -15.22 20.06 -1.56
CA TRP A 192 -14.86 21.46 -1.44
C TRP A 192 -13.48 21.60 -0.78
N ILE A 193 -12.62 20.61 -0.99
CA ILE A 193 -11.29 20.61 -0.42
C ILE A 193 -10.30 21.33 -1.32
N ASN A 194 -9.38 22.07 -0.72
CA ASN A 194 -8.38 22.82 -1.48
C ASN A 194 -7.19 21.93 -1.83
N GLN A 195 -6.11 22.53 -2.30
CA GLN A 195 -4.92 21.80 -2.68
C GLN A 195 -4.14 21.36 -1.44
N THR A 196 -4.01 22.25 -0.47
CA THR A 196 -3.30 21.95 0.76
C THR A 196 -4.09 20.99 1.64
N ILE A 197 -5.30 21.39 2.01
CA ILE A 197 -6.16 20.56 2.86
C ILE A 197 -6.29 19.15 2.29
N ASP A 198 -6.25 19.05 0.97
CA ASP A 198 -6.37 17.76 0.30
C ASP A 198 -5.20 16.85 0.67
N THR A 199 -3.99 17.31 0.38
CA THR A 199 -2.78 16.55 0.69
C THR A 199 -2.73 16.18 2.17
N PHE A 200 -3.42 16.96 2.99
CA PHE A 200 -3.45 16.72 4.43
C PHE A 200 -4.24 15.46 4.76
N LEU A 201 -5.47 15.39 4.26
CA LEU A 201 -6.33 14.23 4.49
C LEU A 201 -5.60 12.94 4.14
N PHE A 202 -4.71 13.03 3.16
CA PHE A 202 -3.95 11.87 2.72
C PHE A 202 -2.76 11.61 3.64
N CYS A 203 -1.85 12.60 3.71
CA CYS A 203 -0.65 12.51 4.55
C CYS A 203 -0.98 11.83 5.87
N LEU A 204 -2.14 12.17 6.41
CA LEU A 204 -2.58 11.58 7.66
C LEU A 204 -2.99 10.14 7.40
N LEU A 205 -3.62 9.90 6.24
CA LEU A 205 -4.05 8.57 5.88
C LEU A 205 -2.92 7.62 5.44
N PRO A 206 -1.99 7.85 4.44
CA PRO A 206 -0.98 6.78 4.27
C PRO A 206 -0.07 6.63 5.49
N PHE A 207 0.01 7.66 6.32
CA PHE A 207 0.84 7.59 7.50
C PHE A 207 0.21 6.63 8.51
N PHE A 208 -1.12 6.60 8.51
CA PHE A 208 -1.87 5.74 9.42
C PHE A 208 -1.97 4.31 8.87
N SER A 209 -1.72 4.14 7.58
CA SER A 209 -1.79 2.83 6.95
C SER A 209 -0.48 2.07 7.11
N LYS A 210 0.63 2.72 6.79
CA LYS A 210 1.95 2.09 6.90
C LYS A 210 2.27 1.74 8.34
N VAL A 211 1.97 2.65 9.26
CA VAL A 211 2.22 2.43 10.67
C VAL A 211 1.38 1.27 11.21
N GLY A 212 0.09 1.30 10.93
CA GLY A 212 -0.80 0.25 11.40
C GLY A 212 -0.47 -1.11 10.81
N PHE A 213 -0.58 -1.23 9.50
CA PHE A 213 -0.30 -2.49 8.81
C PHE A 213 1.08 -3.04 9.21
N SER A 214 1.98 -2.14 9.59
CA SER A 214 3.32 -2.55 9.98
C SER A 214 3.28 -3.50 11.16
N PHE A 215 2.73 -3.02 12.28
CA PHE A 215 2.63 -3.83 13.49
C PHE A 215 1.64 -4.99 13.29
N LEU A 216 0.75 -4.84 12.31
CA LEU A 216 -0.25 -5.86 12.03
C LEU A 216 0.36 -7.07 11.31
N ASP A 217 1.23 -6.80 10.35
CA ASP A 217 1.88 -7.85 9.59
C ASP A 217 2.71 -8.76 10.50
N LEU A 218 3.52 -8.14 11.35
CA LEU A 218 4.37 -8.89 12.27
C LEU A 218 3.54 -9.55 13.37
N HIS A 219 2.55 -8.81 13.88
CA HIS A 219 1.68 -9.33 14.94
C HIS A 219 0.93 -10.57 14.47
N GLY A 220 0.47 -10.55 13.22
CA GLY A 220 -0.25 -11.67 12.67
C GLY A 220 0.57 -12.94 12.66
N LEU A 221 1.72 -12.90 12.01
CA LEU A 221 2.60 -14.07 11.93
C LEU A 221 2.86 -14.65 13.32
N ARG A 222 3.26 -13.79 14.24
CA ARG A 222 3.54 -14.23 15.61
C ARG A 222 3.49 -13.05 16.57
N ASN A 223 2.50 -13.06 17.47
CA ASN A 223 2.34 -11.98 18.45
C ASN A 223 2.79 -12.44 19.83
N LEU A 224 2.27 -13.59 20.27
CA LEU A 224 2.62 -14.13 21.57
C LEU A 224 2.21 -15.59 21.68
N ASN A 225 2.95 -16.36 22.48
CA ASN A 225 2.66 -17.77 22.66
C ASN A 225 1.82 -18.00 23.93
N ASP A 226 0.62 -18.53 23.74
CA ASP A 226 -0.27 -18.79 24.87
C ASP A 226 -0.89 -20.18 24.75
N SER A 227 -0.05 -21.21 24.71
CA SER A 227 -0.52 -22.58 24.61
C SER A 227 -0.22 -23.36 25.88
N ARG A 228 1.07 -23.51 26.18
CA ARG A 228 1.50 -24.23 27.37
C ARG A 228 1.10 -23.48 28.64
N GLN A 229 -0.10 -23.76 29.15
CA GLN A 229 -0.59 -23.11 30.35
C GLN A 229 -0.86 -21.63 30.10
C1 RET B . -6.22 4.84 -7.47
C2 RET B . -6.90 5.23 -8.79
C3 RET B . -7.74 4.09 -9.31
C4 RET B . -8.87 3.80 -8.36
C5 RET B . -8.33 3.47 -6.97
C6 RET B . -7.12 3.93 -6.54
C7 RET B . -6.62 3.55 -5.19
C8 RET B . -5.43 3.95 -4.67
C9 RET B . -4.99 3.55 -3.33
C10 RET B . -3.78 3.97 -2.82
C11 RET B . -3.34 3.58 -1.53
C12 RET B . -2.14 4.00 -1.00
C13 RET B . -1.71 3.61 0.28
C14 RET B . -0.47 4.04 0.80
C15 RET B . -0.03 3.67 2.05
C16 RET B . -5.88 6.15 -6.76
C17 RET B . -4.93 4.13 -7.82
C18 RET B . -9.17 2.58 -6.07
C19 RET B . -5.90 2.66 -2.49
C20 RET B . -2.60 2.71 1.12
H21 RET B . -7.54 6.09 -8.62
H22 RET B . -6.14 5.49 -9.51
H31 RET B . -8.13 4.36 -10.28
H32 RET B . -7.11 3.21 -9.41
H41 RET B . -9.50 4.67 -8.28
H42 RET B . -9.44 2.97 -8.72
H7 RET B . -7.24 2.94 -4.57
H8 RET B . -4.80 4.57 -5.26
H10 RET B . -3.15 4.59 -3.41
H11 RET B . -3.97 2.96 -0.93
H12 RET B . -1.50 4.62 -1.60
H14 RET B . 0.15 4.66 0.21
H15 RET B . -0.65 3.04 2.65
H161 RET B . -6.73 6.80 -6.77
H162 RET B . -5.06 6.63 -7.26
H163 RET B . -5.60 5.94 -5.74
H171 RET B . -4.18 4.85 -8.10
H172 RET B . -4.57 3.58 -6.96
H173 RET B . -5.10 3.45 -8.64
H181 RET B . -9.60 1.78 -6.64
H182 RET B . -8.55 2.18 -5.28
H183 RET B . -9.97 3.17 -5.63
H191 RET B . -5.34 2.28 -1.65
H192 RET B . -6.26 1.84 -3.09
H193 RET B . -6.74 3.24 -2.14
H201 RET B . -2.90 1.85 0.55
H202 RET B . -3.48 3.27 1.43
H203 RET B . -2.07 2.39 2.01
N MET A 1 -2.57 27.52 11.06
CA MET A 1 -2.30 26.99 12.42
C MET A 1 -0.85 26.54 12.55
N ASN A 2 -0.23 26.89 13.67
CA ASN A 2 1.17 26.52 13.92
C ASN A 2 2.07 27.03 12.80
N LEU A 3 3.36 26.75 12.92
CA LEU A 3 4.33 27.18 11.92
C LEU A 3 4.33 26.24 10.72
N GLU A 4 3.81 26.73 9.59
CA GLU A 4 3.75 25.93 8.38
C GLU A 4 3.10 24.58 8.65
N SER A 5 3.19 23.68 7.68
CA SER A 5 2.61 22.34 7.81
C SER A 5 3.67 21.27 7.61
N LEU A 6 4.40 21.39 6.49
CA LEU A 6 5.48 20.45 6.13
C LEU A 6 5.13 19.01 6.49
N LEU A 7 3.95 18.57 6.08
CA LEU A 7 3.50 17.21 6.35
C LEU A 7 4.33 16.19 5.58
N HIS A 8 4.85 16.62 4.42
CA HIS A 8 5.66 15.75 3.59
C HIS A 8 7.03 15.52 4.22
N TRP A 9 7.53 16.53 4.91
CA TRP A 9 8.84 16.43 5.56
C TRP A 9 8.76 15.54 6.79
N ILE A 10 7.68 15.70 7.57
CA ILE A 10 7.49 14.92 8.77
C ILE A 10 7.24 13.45 8.43
N TYR A 11 6.60 13.21 7.31
CA TYR A 11 6.30 11.85 6.87
C TYR A 11 7.58 11.04 6.70
N VAL A 12 8.44 11.48 5.78
CA VAL A 12 9.71 10.81 5.52
C VAL A 12 10.47 10.53 6.81
N ALA A 13 10.37 11.46 7.76
CA ALA A 13 11.05 11.30 9.04
C ALA A 13 10.64 10.01 9.72
N GLY A 14 9.33 9.77 9.80
CA GLY A 14 8.83 8.57 10.42
C GLY A 14 9.17 7.33 9.63
N MET A 15 9.40 7.50 8.33
CA MET A 15 9.73 6.38 7.45
C MET A 15 11.15 5.89 7.72
N THR A 16 12.08 6.84 7.87
CA THR A 16 13.47 6.51 8.12
C THR A 16 13.60 5.63 9.36
N ILE A 17 12.95 6.05 10.45
CA ILE A 17 13.01 5.30 11.70
C ILE A 17 12.37 3.92 11.53
N GLY A 18 11.42 3.82 10.62
CA GLY A 18 10.75 2.56 10.39
C GLY A 18 11.68 1.51 9.82
N ALA A 19 12.17 1.75 8.61
CA ALA A 19 13.07 0.82 7.95
C ALA A 19 14.30 0.53 8.83
N LEU A 20 14.63 1.48 9.69
CA LEU A 20 15.77 1.33 10.60
C LEU A 20 15.52 0.22 11.60
N HIS A 21 14.39 0.29 12.29
CA HIS A 21 14.04 -0.72 13.29
C HIS A 21 14.15 -2.12 12.71
N PHE A 22 13.80 -2.26 11.43
CA PHE A 22 13.88 -3.55 10.76
C PHE A 22 15.30 -4.06 10.72
N TRP A 23 16.24 -3.18 10.36
CA TRP A 23 17.65 -3.56 10.28
C TRP A 23 18.12 -4.17 11.60
N SER A 24 17.57 -3.67 12.71
CA SER A 24 17.93 -4.17 14.03
C SER A 24 17.35 -5.56 14.26
N LEU A 25 16.24 -5.85 13.58
CA LEU A 25 15.58 -7.15 13.72
C LEU A 25 16.27 -8.22 12.88
N SER A 26 17.15 -7.80 11.96
CA SER A 26 17.86 -8.76 11.12
C SER A 26 18.60 -9.80 11.95
N ARG A 27 18.88 -9.46 13.22
CA ARG A 27 19.58 -10.39 14.11
C ARG A 27 18.89 -11.74 14.07
N ASN A 28 17.57 -11.68 13.93
CA ASN A 28 16.74 -12.88 13.85
C ASN A 28 15.38 -12.50 13.24
N PRO A 29 14.84 -13.27 12.29
CA PRO A 29 13.56 -12.95 11.68
C PRO A 29 12.38 -13.52 12.45
N ARG A 30 12.20 -14.83 12.41
CA ARG A 30 11.10 -15.48 13.11
C ARG A 30 9.77 -14.88 12.67
N GLY A 31 9.18 -15.47 11.63
CA GLY A 31 7.92 -14.99 11.12
C GLY A 31 8.05 -14.52 9.69
N VAL A 32 9.17 -13.88 9.39
CA VAL A 32 9.44 -13.37 8.06
C VAL A 32 10.89 -13.70 7.66
N PRO A 33 11.11 -14.57 6.65
CA PRO A 33 12.46 -14.95 6.21
C PRO A 33 13.29 -13.74 5.78
N GLN A 34 14.58 -13.94 5.64
CA GLN A 34 15.49 -12.88 5.22
C GLN A 34 15.00 -12.15 3.97
N TYR A 35 14.52 -12.90 2.98
CA TYR A 35 14.03 -12.30 1.73
C TYR A 35 13.03 -11.19 2.02
N GLU A 36 12.07 -11.46 2.90
CA GLU A 36 11.05 -10.48 3.26
C GLU A 36 11.71 -9.18 3.73
N TYR A 37 12.66 -9.31 4.65
CA TYR A 37 13.37 -8.15 5.18
C TYR A 37 13.91 -7.31 4.03
N LEU A 38 14.41 -8.00 3.01
CA LEU A 38 14.97 -7.33 1.84
C LEU A 38 13.90 -6.45 1.19
N VAL A 39 12.65 -6.88 1.28
CA VAL A 39 11.55 -6.13 0.70
C VAL A 39 11.35 -4.82 1.46
N ALA A 40 11.64 -4.82 2.75
CA ALA A 40 11.49 -3.62 3.58
C ALA A 40 12.38 -2.49 3.04
N MET A 41 13.67 -2.80 2.93
CA MET A 41 14.62 -1.84 2.42
C MET A 41 14.09 -1.34 1.10
N PHE A 42 13.51 -2.26 0.34
CA PHE A 42 12.94 -1.95 -0.96
C PHE A 42 11.85 -0.90 -0.87
N ILE A 43 10.71 -1.23 -0.25
CA ILE A 43 9.64 -0.23 -0.16
C ILE A 43 9.84 0.76 0.99
N PRO A 44 9.91 0.34 2.29
CA PRO A 44 10.12 1.32 3.37
C PRO A 44 11.12 2.45 3.08
N ILE A 45 12.23 2.18 2.39
CA ILE A 45 13.17 3.28 2.11
C ILE A 45 12.76 4.09 0.88
N TRP A 46 12.15 3.42 -0.11
CA TRP A 46 11.73 4.13 -1.31
C TRP A 46 10.66 5.16 -0.97
N SER A 47 9.59 4.69 -0.36
CA SER A 47 8.49 5.57 0.03
C SER A 47 9.00 6.76 0.82
N GLY A 48 9.86 6.49 1.80
CA GLY A 48 10.41 7.55 2.62
C GLY A 48 10.99 8.70 1.80
N LEU A 49 12.02 8.41 1.03
CA LEU A 49 12.69 9.42 0.20
C LEU A 49 11.70 10.27 -0.59
N ALA A 50 10.85 9.62 -1.37
CA ALA A 50 9.85 10.32 -2.19
C ALA A 50 9.10 11.39 -1.41
N TYR A 51 8.59 11.02 -0.23
CA TYR A 51 7.84 11.97 0.59
C TYR A 51 8.64 13.23 0.84
N MET A 52 9.93 13.09 1.13
CA MET A 52 10.80 14.23 1.39
C MET A 52 10.67 15.26 0.27
N ALA A 53 10.79 14.80 -0.97
CA ALA A 53 10.69 15.68 -2.13
C ALA A 53 9.36 16.42 -2.14
N MET A 54 8.28 15.69 -1.87
CA MET A 54 6.95 16.29 -1.84
C MET A 54 6.93 17.53 -0.97
N ALA A 55 7.79 17.55 0.05
CA ALA A 55 7.86 18.69 0.96
C ALA A 55 8.62 19.84 0.32
N ILE A 56 9.58 19.52 -0.53
CA ILE A 56 10.39 20.53 -1.20
C ILE A 56 9.72 21.02 -2.49
N ASP A 57 8.44 20.68 -2.68
CA ASP A 57 7.72 21.10 -3.87
C ASP A 57 8.39 20.61 -5.14
N GLN A 58 8.38 19.29 -5.36
CA GLN A 58 9.00 18.70 -6.53
C GLN A 58 8.17 17.52 -7.05
N GLY A 59 7.29 17.81 -8.01
CA GLY A 59 6.45 16.77 -8.57
C GLY A 59 5.24 17.32 -9.28
N LYS A 60 4.81 18.50 -8.88
CA LYS A 60 3.65 19.14 -9.49
C LYS A 60 4.05 20.37 -10.29
N VAL A 61 3.59 20.42 -11.54
CA VAL A 61 3.91 21.54 -12.42
C VAL A 61 2.71 21.89 -13.31
N GLU A 62 2.47 23.18 -13.48
CA GLU A 62 1.36 23.66 -14.30
C GLU A 62 1.53 23.21 -15.75
N ALA A 63 1.01 22.02 -16.06
CA ALA A 63 1.11 21.47 -17.40
C ALA A 63 -0.27 21.11 -17.94
N ALA A 64 -0.54 21.52 -19.18
CA ALA A 64 -1.83 21.24 -19.82
C ALA A 64 -2.96 22.02 -19.15
N GLY A 65 -2.61 23.18 -18.60
CA GLY A 65 -3.61 24.01 -17.94
C GLY A 65 -4.15 23.40 -16.66
N GLN A 66 -3.47 22.35 -16.18
CA GLN A 66 -3.90 21.67 -14.96
C GLN A 66 -2.69 21.32 -14.10
N ILE A 67 -2.96 20.80 -12.91
CA ILE A 67 -1.88 20.43 -11.98
C ILE A 67 -1.68 18.91 -11.96
N ALA A 68 -0.51 18.47 -12.38
CA ALA A 68 -0.18 17.05 -12.42
C ALA A 68 0.43 16.58 -11.11
N HIS A 69 0.12 15.35 -10.71
CA HIS A 69 0.65 14.78 -9.48
C HIS A 69 1.30 13.43 -9.76
N TYR A 70 1.97 13.35 -10.91
CA TYR A 70 2.63 12.11 -11.32
C TYR A 70 3.64 11.65 -10.26
N ALA A 71 4.38 12.60 -9.71
CA ALA A 71 5.38 12.30 -8.69
C ALA A 71 4.78 11.46 -7.58
N ARG A 72 3.51 11.72 -7.27
CA ARG A 72 2.82 10.99 -6.21
C ARG A 72 2.50 9.58 -6.63
N TYR A 73 1.89 9.42 -7.79
CA TYR A 73 1.52 8.10 -8.29
C TYR A 73 2.69 7.14 -8.33
N ILE A 74 3.79 7.53 -8.96
CA ILE A 74 4.96 6.66 -9.04
C ILE A 74 5.36 6.18 -7.65
N ASP A 75 5.46 7.12 -6.72
CA ASP A 75 5.83 6.77 -5.36
C ASP A 75 4.74 5.94 -4.71
N TRP A 76 3.51 6.17 -5.15
CA TRP A 76 2.38 5.44 -4.62
C TRP A 76 2.37 4.02 -5.11
N MET A 77 2.86 3.82 -6.33
CA MET A 77 2.91 2.49 -6.93
C MET A 77 3.79 1.55 -6.09
N VAL A 78 5.08 1.82 -6.10
CA VAL A 78 6.03 1.01 -5.35
C VAL A 78 5.47 0.74 -3.96
N THR A 79 4.74 1.72 -3.43
CA THR A 79 4.14 1.57 -2.11
C THR A 79 2.90 0.65 -2.16
N THR A 80 2.05 0.78 -3.20
CA THR A 80 0.87 -0.07 -3.28
C THR A 80 1.21 -1.44 -3.83
N PRO A 81 1.71 -1.60 -5.10
CA PRO A 81 2.07 -2.94 -5.53
C PRO A 81 2.85 -3.77 -4.50
N LEU A 82 3.80 -3.16 -3.78
CA LEU A 82 4.59 -3.91 -2.79
C LEU A 82 3.91 -4.04 -1.42
N LEU A 83 2.83 -3.29 -1.17
CA LEU A 83 2.14 -3.37 0.11
C LEU A 83 1.31 -4.64 0.17
N LEU A 84 0.69 -5.00 -0.95
CA LEU A 84 -0.13 -6.19 -1.02
C LEU A 84 0.76 -7.43 -1.14
N LEU A 85 1.84 -7.30 -1.90
CA LEU A 85 2.77 -8.41 -2.09
C LEU A 85 3.54 -8.68 -0.80
N SER A 86 3.88 -7.61 -0.09
CA SER A 86 4.60 -7.71 1.16
C SER A 86 3.79 -8.49 2.19
N LEU A 87 2.53 -8.14 2.32
CA LEU A 87 1.63 -8.79 3.26
C LEU A 87 1.59 -10.29 3.03
N SER A 88 1.62 -10.70 1.76
CA SER A 88 1.59 -12.11 1.42
C SER A 88 2.93 -12.78 1.68
N TRP A 89 4.00 -12.14 1.20
CA TRP A 89 5.35 -12.66 1.38
C TRP A 89 5.68 -12.87 2.85
N THR A 90 5.12 -12.01 3.70
CA THR A 90 5.36 -12.10 5.14
C THR A 90 4.65 -13.31 5.75
N ALA A 91 3.45 -13.59 5.27
CA ALA A 91 2.67 -14.72 5.77
C ALA A 91 3.28 -16.07 5.35
N MET A 92 4.17 -16.05 4.36
CA MET A 92 4.80 -17.28 3.89
C MET A 92 6.29 -17.32 4.23
N GLN A 93 6.72 -18.42 4.84
CA GLN A 93 8.11 -18.60 5.22
C GLN A 93 8.95 -19.12 4.04
N PHE A 94 8.58 -20.29 3.53
CA PHE A 94 9.30 -20.89 2.41
C PHE A 94 8.49 -20.75 1.12
N ILE A 95 9.16 -20.37 0.03
CA ILE A 95 8.50 -20.19 -1.25
C ILE A 95 8.67 -21.43 -2.14
N LYS A 96 7.64 -21.68 -2.95
CA LYS A 96 7.64 -22.82 -3.86
C LYS A 96 6.36 -22.85 -4.68
N LYS A 97 5.82 -21.65 -4.96
CA LYS A 97 4.60 -21.53 -5.74
C LYS A 97 4.90 -21.09 -7.17
N ASP A 98 6.04 -21.54 -7.69
CA ASP A 98 6.45 -21.21 -9.04
C ASP A 98 6.40 -19.69 -9.26
N TRP A 99 6.35 -19.28 -10.53
CA TRP A 99 6.31 -17.86 -10.86
C TRP A 99 5.13 -17.55 -11.79
N THR A 100 4.33 -18.55 -12.12
CA THR A 100 3.18 -18.35 -13.00
C THR A 100 2.00 -17.76 -12.24
N LEU A 101 1.52 -18.48 -11.23
CA LEU A 101 0.40 -18.03 -10.43
C LEU A 101 0.63 -16.62 -9.89
N ILE A 102 1.78 -16.41 -9.28
CA ILE A 102 2.13 -15.10 -8.73
C ILE A 102 2.08 -14.02 -9.81
N GLY A 103 2.60 -14.34 -10.98
CA GLY A 103 2.61 -13.38 -12.08
C GLY A 103 1.23 -12.86 -12.41
N PHE A 104 0.20 -13.67 -12.16
CA PHE A 104 -1.17 -13.28 -12.44
C PHE A 104 -1.67 -12.25 -11.42
N LEU A 105 -1.75 -12.67 -10.17
CA LEU A 105 -2.22 -11.78 -9.10
C LEU A 105 -1.47 -10.45 -9.13
N MET A 106 -0.15 -10.52 -9.21
CA MET A 106 0.67 -9.33 -9.24
C MET A 106 0.20 -8.37 -10.34
N SER A 107 -0.14 -8.93 -11.50
CA SER A 107 -0.60 -8.13 -12.62
C SER A 107 -1.94 -7.45 -12.34
N THR A 108 -2.79 -8.11 -11.55
CA THR A 108 -4.11 -7.55 -11.22
C THR A 108 -3.98 -6.19 -10.56
N GLN A 109 -3.22 -6.12 -9.47
CA GLN A 109 -3.03 -4.86 -8.75
C GLN A 109 -2.05 -3.95 -9.48
N ILE A 110 -0.95 -4.53 -9.94
CA ILE A 110 0.07 -3.78 -10.66
C ILE A 110 -0.56 -2.96 -11.80
N VAL A 111 -1.66 -3.48 -12.34
CA VAL A 111 -2.36 -2.82 -13.43
C VAL A 111 -3.22 -1.66 -12.92
N VAL A 112 -3.97 -1.91 -11.86
CA VAL A 112 -4.84 -0.90 -11.27
C VAL A 112 -4.05 0.39 -11.02
N ILE A 113 -2.98 0.27 -10.24
CA ILE A 113 -2.15 1.42 -9.91
C ILE A 113 -1.67 2.11 -11.18
N THR A 114 -1.24 1.33 -12.16
CA THR A 114 -0.77 1.87 -13.43
C THR A 114 -1.83 2.78 -14.04
N SER A 115 -3.09 2.48 -13.74
CA SER A 115 -4.20 3.27 -14.25
C SER A 115 -4.25 4.61 -13.52
N GLY A 116 -3.78 4.61 -12.27
CA GLY A 116 -3.77 5.82 -11.48
C GLY A 116 -2.93 6.91 -12.10
N LEU A 117 -1.63 6.64 -12.25
CA LEU A 117 -0.73 7.62 -12.85
C LEU A 117 -1.27 8.11 -14.17
N ILE A 118 -1.81 7.19 -14.97
CA ILE A 118 -2.37 7.53 -16.27
C ILE A 118 -3.53 8.51 -16.12
N ALA A 119 -4.34 8.31 -15.10
CA ALA A 119 -5.49 9.17 -14.84
C ALA A 119 -5.08 10.64 -14.82
N ASP A 120 -4.22 10.99 -13.87
CA ASP A 120 -3.75 12.36 -13.73
C ASP A 120 -3.10 12.86 -15.02
N LEU A 121 -2.66 11.92 -15.86
CA LEU A 121 -2.02 12.27 -17.13
C LEU A 121 -3.04 12.29 -18.26
N SER A 122 -4.27 12.72 -17.95
CA SER A 122 -5.32 12.80 -18.96
C SER A 122 -5.28 14.13 -19.71
N GLU A 123 -5.96 14.18 -20.84
CA GLU A 123 -6.00 15.39 -21.65
C GLU A 123 -7.38 16.04 -21.57
N ARG A 124 -8.41 15.20 -21.51
CA ARG A 124 -9.78 15.69 -21.43
C ARG A 124 -10.48 15.13 -20.19
N ASP A 125 -11.30 15.95 -19.55
CA ASP A 125 -12.03 15.55 -18.36
C ASP A 125 -12.86 14.29 -18.61
N TRP A 126 -13.17 14.03 -19.87
CA TRP A 126 -13.96 12.86 -20.24
C TRP A 126 -13.23 11.57 -19.89
N VAL A 127 -12.00 11.45 -20.38
CA VAL A 127 -11.19 10.27 -20.13
C VAL A 127 -10.84 10.13 -18.65
N ARG A 128 -10.84 11.24 -17.93
CA ARG A 128 -10.52 11.25 -16.51
C ARG A 128 -11.62 10.57 -15.70
N TYR A 129 -12.86 10.64 -16.20
CA TYR A 129 -13.99 10.03 -15.52
C TYR A 129 -14.02 8.53 -15.76
N LEU A 130 -13.62 8.11 -16.94
CA LEU A 130 -13.61 6.69 -17.29
C LEU A 130 -12.39 5.99 -16.69
N TRP A 131 -11.31 6.75 -16.50
CA TRP A 131 -10.09 6.20 -15.94
C TRP A 131 -10.24 5.93 -14.45
N TYR A 132 -10.61 6.95 -13.69
CA TYR A 132 -10.80 6.82 -12.25
C TYR A 132 -11.73 5.66 -11.93
N ILE A 133 -12.85 5.58 -12.64
CA ILE A 133 -13.82 4.52 -12.42
C ILE A 133 -13.22 3.16 -12.75
N CYS A 134 -12.23 3.14 -13.65
CA CYS A 134 -11.57 1.91 -14.04
C CYS A 134 -10.70 1.37 -12.90
N GLY A 135 -10.15 2.28 -12.12
CA GLY A 135 -9.30 1.89 -11.00
C GLY A 135 -10.08 1.19 -9.90
N VAL A 136 -11.15 1.82 -9.45
CA VAL A 136 -11.99 1.25 -8.39
C VAL A 136 -12.66 -0.03 -8.86
N CYS A 137 -12.99 -0.09 -10.14
CA CYS A 137 -13.64 -1.26 -10.72
C CYS A 137 -12.67 -2.45 -10.75
N ALA A 138 -11.58 -2.30 -11.47
CA ALA A 138 -10.58 -3.36 -11.58
C ALA A 138 -10.06 -3.76 -10.20
N PHE A 139 -10.10 -2.82 -9.27
CA PHE A 139 -9.64 -3.07 -7.91
C PHE A 139 -10.42 -4.23 -7.28
N LEU A 140 -11.75 -4.16 -7.37
CA LEU A 140 -12.60 -5.19 -6.81
C LEU A 140 -12.33 -6.53 -7.48
N ILE A 141 -11.99 -6.49 -8.76
CA ILE A 141 -11.71 -7.70 -9.53
C ILE A 141 -10.48 -8.43 -8.99
N ILE A 142 -9.58 -7.69 -8.35
CA ILE A 142 -8.37 -8.28 -7.78
C ILE A 142 -8.64 -8.90 -6.42
N LEU A 143 -9.62 -8.35 -5.70
CA LEU A 143 -9.98 -8.85 -4.38
C LEU A 143 -10.43 -10.30 -4.48
N TRP A 144 -11.33 -10.58 -5.42
CA TRP A 144 -11.83 -11.92 -5.61
C TRP A 144 -10.72 -12.86 -6.07
N GLY A 145 -9.96 -12.41 -7.07
CA GLY A 145 -8.87 -13.22 -7.59
C GLY A 145 -7.87 -13.64 -6.53
N ILE A 146 -7.89 -12.97 -5.38
CA ILE A 146 -6.98 -13.29 -4.29
C ILE A 146 -7.57 -14.31 -3.32
N TRP A 147 -8.90 -14.28 -3.12
CA TRP A 147 -9.55 -15.22 -2.19
C TRP A 147 -10.40 -16.27 -2.91
N ASN A 148 -11.27 -15.82 -3.82
CA ASN A 148 -12.14 -16.73 -4.57
C ASN A 148 -11.40 -17.98 -5.07
N PRO A 149 -10.29 -17.80 -5.82
CA PRO A 149 -9.53 -18.92 -6.34
C PRO A 149 -8.55 -19.49 -5.31
N LEU A 150 -7.88 -18.61 -4.59
CA LEU A 150 -6.92 -19.01 -3.57
C LEU A 150 -7.61 -19.22 -2.23
N ARG A 151 -7.65 -20.47 -1.77
CA ARG A 151 -8.28 -20.81 -0.50
C ARG A 151 -7.86 -22.19 -0.03
N ALA A 152 -7.70 -23.11 -0.97
CA ALA A 152 -7.30 -24.48 -0.66
C ALA A 152 -5.81 -24.55 -0.34
N LYS A 153 -5.03 -23.72 -1.01
CA LYS A 153 -3.59 -23.69 -0.80
C LYS A 153 -3.25 -23.47 0.68
N THR A 154 -3.83 -22.44 1.26
CA THR A 154 -3.59 -22.13 2.67
C THR A 154 -4.32 -23.11 3.57
N ARG A 155 -5.57 -23.41 3.24
CA ARG A 155 -6.37 -24.34 4.03
C ARG A 155 -5.64 -25.67 4.20
N THR A 156 -4.76 -25.99 3.26
CA THR A 156 -4.00 -27.23 3.31
C THR A 156 -2.70 -27.05 4.08
N GLN A 157 -2.03 -25.92 3.86
CA GLN A 157 -0.77 -25.63 4.54
C GLN A 157 -0.93 -25.75 6.04
N SER A 158 -1.58 -24.77 6.65
CA SER A 158 -1.79 -24.77 8.10
C SER A 158 -3.15 -24.17 8.44
N SER A 159 -3.89 -24.84 9.32
CA SER A 159 -5.20 -24.37 9.74
C SER A 159 -5.10 -23.02 10.43
N GLU A 160 -4.06 -22.86 11.25
CA GLU A 160 -3.84 -21.60 11.97
C GLU A 160 -3.45 -20.49 11.01
N LEU A 161 -2.73 -20.85 9.95
CA LEU A 161 -2.29 -19.87 8.96
C LEU A 161 -3.48 -19.32 8.18
N ALA A 162 -4.44 -20.19 7.89
CA ALA A 162 -5.63 -19.78 7.16
C ALA A 162 -6.47 -18.79 7.95
N ASN A 163 -6.48 -18.95 9.27
CA ASN A 163 -7.24 -18.07 10.15
C ASN A 163 -6.61 -16.68 10.19
N LEU A 164 -5.29 -16.63 10.33
CA LEU A 164 -4.57 -15.36 10.38
C LEU A 164 -4.69 -14.63 9.04
N TYR A 165 -4.69 -15.40 7.96
CA TYR A 165 -4.78 -14.82 6.62
C TYR A 165 -6.18 -14.27 6.37
N ASP A 166 -7.19 -14.98 6.87
CA ASP A 166 -8.58 -14.55 6.70
C ASP A 166 -8.75 -13.11 7.13
N LYS A 167 -8.35 -12.81 8.36
CA LYS A 167 -8.47 -11.46 8.90
C LYS A 167 -7.49 -10.52 8.20
N LEU A 168 -6.38 -11.07 7.73
CA LEU A 168 -5.37 -10.28 7.02
C LEU A 168 -5.96 -9.60 5.80
N VAL A 169 -6.40 -10.41 4.83
CA VAL A 169 -6.99 -9.89 3.61
C VAL A 169 -8.09 -8.88 3.92
N THR A 170 -8.89 -9.19 4.93
CA THR A 170 -9.99 -8.31 5.32
C THR A 170 -9.46 -6.93 5.68
N TYR A 171 -8.42 -6.89 6.50
CA TYR A 171 -7.82 -5.62 6.93
C TYR A 171 -7.34 -4.84 5.71
N PHE A 172 -6.86 -5.57 4.71
CA PHE A 172 -6.36 -4.94 3.49
C PHE A 172 -7.51 -4.33 2.69
N THR A 173 -8.59 -5.09 2.55
CA THR A 173 -9.76 -4.61 1.82
C THR A 173 -10.34 -3.38 2.49
N VAL A 174 -10.17 -3.28 3.81
CA VAL A 174 -10.67 -2.15 4.57
C VAL A 174 -9.79 -0.93 4.37
N LEU A 175 -8.48 -1.16 4.25
CA LEU A 175 -7.52 -0.07 4.06
C LEU A 175 -7.87 0.72 2.80
N TRP A 176 -8.01 0.01 1.69
CA TRP A 176 -8.35 0.63 0.42
C TRP A 176 -9.77 1.24 0.51
N ILE A 177 -10.73 0.40 0.88
CA ILE A 177 -12.11 0.84 1.02
C ILE A 177 -12.11 2.14 1.81
N GLY A 178 -11.18 2.22 2.76
CA GLY A 178 -11.06 3.38 3.58
C GLY A 178 -10.45 4.55 2.84
N TYR A 179 -9.36 4.34 2.08
CA TYR A 179 -8.78 5.47 1.37
C TYR A 179 -9.55 5.72 0.06
N PRO A 180 -9.58 4.80 -0.95
CA PRO A 180 -10.38 5.07 -2.17
C PRO A 180 -11.77 5.68 -1.92
N ILE A 181 -12.43 5.39 -0.80
CA ILE A 181 -13.75 5.97 -0.56
C ILE A 181 -13.69 7.45 -0.15
N VAL A 182 -12.81 7.80 0.79
CA VAL A 182 -12.71 9.20 1.21
C VAL A 182 -12.32 10.10 0.05
N TRP A 183 -11.60 9.54 -0.91
CA TRP A 183 -11.17 10.29 -2.07
C TRP A 183 -12.22 10.27 -3.17
N ILE A 184 -12.96 9.17 -3.27
CA ILE A 184 -14.00 9.05 -4.28
C ILE A 184 -15.00 10.20 -4.18
N ILE A 185 -15.53 10.40 -2.98
CA ILE A 185 -16.51 11.47 -2.74
C ILE A 185 -15.94 12.83 -3.16
N GLY A 186 -16.48 13.38 -4.25
CA GLY A 186 -16.01 14.67 -4.74
C GLY A 186 -14.50 14.75 -4.84
N PRO A 187 -13.95 15.97 -4.89
CA PRO A 187 -12.51 16.17 -5.00
C PRO A 187 -11.78 15.92 -3.68
N SER A 188 -11.32 14.70 -3.48
CA SER A 188 -10.61 14.33 -2.27
C SER A 188 -11.43 14.60 -1.01
N GLY A 189 -12.53 13.88 -0.86
CA GLY A 189 -13.39 14.07 0.30
C GLY A 189 -14.40 15.17 0.11
N PHE A 190 -15.58 15.00 0.69
CA PHE A 190 -16.64 15.99 0.58
C PHE A 190 -16.89 16.35 -0.89
N GLY A 191 -17.73 17.34 -1.13
CA GLY A 191 -18.03 17.74 -2.48
C GLY A 191 -17.22 18.95 -2.94
N TRP A 192 -16.22 19.34 -2.16
CA TRP A 192 -15.38 20.48 -2.51
C TRP A 192 -14.22 20.64 -1.55
N ILE A 193 -13.42 19.58 -1.40
CA ILE A 193 -12.27 19.62 -0.50
C ILE A 193 -11.03 20.15 -1.23
N ASN A 194 -10.25 20.97 -0.53
CA ASN A 194 -9.04 21.56 -1.09
C ASN A 194 -7.90 20.55 -1.06
N GLN A 195 -6.72 20.99 -1.53
CA GLN A 195 -5.55 20.13 -1.55
C GLN A 195 -4.92 20.04 -0.16
N THR A 196 -5.10 21.08 0.65
CA THR A 196 -4.55 21.10 1.99
C THR A 196 -5.09 19.95 2.83
N ILE A 197 -6.42 19.88 2.94
CA ILE A 197 -7.06 18.83 3.72
C ILE A 197 -6.84 17.46 3.08
N ASP A 198 -6.73 17.44 1.76
CA ASP A 198 -6.52 16.19 1.03
C ASP A 198 -5.21 15.53 1.44
N THR A 199 -4.12 16.30 1.41
CA THR A 199 -2.81 15.79 1.77
C THR A 199 -2.69 15.58 3.28
N PHE A 200 -3.51 16.30 4.04
CA PHE A 200 -3.50 16.19 5.50
C PHE A 200 -4.10 14.87 5.95
N LEU A 201 -5.38 14.66 5.63
CA LEU A 201 -6.08 13.44 6.01
C LEU A 201 -5.35 12.22 5.49
N PHE A 202 -4.75 12.34 4.31
CA PHE A 202 -4.03 11.23 3.69
C PHE A 202 -2.74 10.90 4.43
N CYS A 203 -1.80 11.87 4.42
CA CYS A 203 -0.49 11.72 5.07
C CYS A 203 -0.61 10.99 6.38
N LEU A 204 -1.55 11.41 7.21
CA LEU A 204 -1.75 10.76 8.49
C LEU A 204 -2.22 9.33 8.24
N LEU A 205 -2.98 9.18 7.16
CA LEU A 205 -3.51 7.88 6.77
C LEU A 205 -2.46 6.91 6.17
N PRO A 206 -1.62 7.17 5.07
CA PRO A 206 -0.69 6.06 4.73
C PRO A 206 0.22 5.67 5.88
N PHE A 207 0.73 6.65 6.62
CA PHE A 207 1.61 6.36 7.75
C PHE A 207 0.93 5.38 8.70
N PHE A 208 -0.39 5.51 8.83
CA PHE A 208 -1.16 4.64 9.72
C PHE A 208 -1.35 3.26 9.11
N SER A 209 -1.18 3.14 7.80
CA SER A 209 -1.33 1.86 7.10
C SER A 209 -0.08 1.00 7.24
N LYS A 210 1.08 1.57 6.93
CA LYS A 210 2.34 0.83 7.02
C LYS A 210 2.59 0.31 8.43
N VAL A 211 2.64 1.22 9.40
CA VAL A 211 2.88 0.86 10.79
C VAL A 211 1.79 -0.07 11.33
N GLY A 212 0.55 0.19 10.95
CA GLY A 212 -0.56 -0.63 11.43
C GLY A 212 -0.53 -2.04 10.88
N PHE A 213 -0.63 -2.17 9.57
CA PHE A 213 -0.63 -3.49 8.93
C PHE A 213 0.64 -4.27 9.23
N SER A 214 1.78 -3.58 9.23
CA SER A 214 3.07 -4.22 9.50
C SER A 214 3.01 -5.07 10.77
N PHE A 215 2.76 -4.42 11.90
CA PHE A 215 2.69 -5.12 13.18
C PHE A 215 1.58 -6.17 13.20
N LEU A 216 0.62 -6.03 12.29
CA LEU A 216 -0.49 -6.97 12.21
C LEU A 216 -0.07 -8.28 11.55
N ASP A 217 0.55 -8.18 10.37
CA ASP A 217 1.01 -9.34 9.64
C ASP A 217 1.82 -10.28 10.52
N LEU A 218 2.91 -9.76 11.08
CA LEU A 218 3.77 -10.55 11.95
C LEU A 218 2.99 -11.11 13.14
N HIS A 219 2.19 -10.26 13.78
CA HIS A 219 1.40 -10.67 14.92
C HIS A 219 0.58 -11.93 14.61
N GLY A 220 -0.15 -11.89 13.51
CA GLY A 220 -0.96 -13.02 13.11
C GLY A 220 -0.17 -14.31 13.07
N LEU A 221 1.07 -14.23 12.62
CA LEU A 221 1.94 -15.41 12.54
C LEU A 221 2.22 -15.97 13.93
N ARG A 222 2.17 -15.10 14.93
CA ARG A 222 2.42 -15.51 16.31
C ARG A 222 1.12 -15.86 17.03
N ASN A 223 0.09 -16.19 16.26
CA ASN A 223 -1.22 -16.55 16.82
C ASN A 223 -1.80 -15.39 17.62
N LEU A 224 -1.46 -15.30 18.90
CA LEU A 224 -1.96 -14.24 19.76
C LEU A 224 -0.94 -13.90 20.85
N ASN A 225 -0.42 -14.92 21.51
CA ASN A 225 0.56 -14.72 22.57
C ASN A 225 1.63 -15.81 22.53
N ASP A 226 2.46 -15.87 23.56
CA ASP A 226 3.52 -16.85 23.64
C ASP A 226 3.04 -18.12 24.35
N SER A 227 2.92 -19.20 23.59
CA SER A 227 2.46 -20.47 24.14
C SER A 227 3.66 -21.32 24.59
N ARG A 228 3.36 -22.43 25.26
CA ARG A 228 4.41 -23.34 25.75
C ARG A 228 4.00 -24.79 25.56
N GLN A 229 4.94 -25.62 25.14
CA GLN A 229 4.69 -27.04 24.92
C GLN A 229 5.94 -27.87 25.21
C1 RET B . -5.07 5.39 -7.16
C2 RET B . -5.72 5.89 -8.47
C3 RET B . -6.67 4.85 -9.01
C4 RET B . -7.82 4.67 -8.06
C5 RET B . -7.31 4.24 -6.69
C6 RET B . -6.05 4.55 -6.25
C7 RET B . -5.60 4.10 -4.91
C8 RET B . -4.38 4.36 -4.39
C9 RET B . -3.98 3.88 -3.07
C10 RET B . -2.73 4.15 -2.55
C11 RET B . -2.32 3.69 -1.27
C12 RET B . -1.08 3.95 -0.75
C13 RET B . -0.68 3.50 0.52
C14 RET B . 0.60 3.78 1.04
C15 RET B . 0.99 3.33 2.28
C16 RET B . -4.60 6.65 -6.42
C17 RET B . -3.86 4.56 -7.54
C18 RET B . -8.24 3.42 -5.79
C19 RET B . -4.96 3.07 -2.25
C20 RET B . -1.67 2.68 1.35
H21 RET B . -6.26 6.81 -8.27
H22 RET B . -4.94 6.08 -9.19
H31 RET B . -7.05 5.18 -9.97
H32 RET B . -6.15 3.91 -9.13
H41 RET B . -8.36 5.59 -7.96
H42 RET B . -8.48 3.90 -8.44
H7 RET B . -6.29 3.53 -4.32
H8 RET B . -3.68 4.92 -4.97
H10 RET B . -2.03 4.72 -3.13
H11 RET B . -3.02 3.11 -0.69
H12 RET B . -0.38 4.53 -1.33
H14 RET B . 1.27 4.35 0.46
H15 RET B . 0.32 2.75 2.87
H161 RET B . -5.38 7.38 -6.41
H162 RET B . -3.73 7.05 -6.92
H163 RET B . -4.34 6.38 -5.41
H171 RET B . -3.05 5.21 -7.82
H172 RET B . -3.57 3.95 -6.69
H173 RET B . -4.11 3.92 -8.37
H181 RET B . -8.75 2.68 -6.39
H182 RET B . -7.66 2.94 -5.02
H183 RET B . -8.96 4.08 -5.34
H191 RET B . -4.44 2.61 -1.41
H192 RET B . -5.40 2.30 -2.86
H193 RET B . -5.74 3.72 -1.87
H201 RET B . -2.05 1.87 0.75
H202 RET B . -2.48 3.31 1.67
H203 RET B . -1.16 2.27 2.21
N MET A 1 1.56 23.55 17.12
CA MET A 1 2.60 22.67 16.53
C MET A 1 2.08 21.23 16.43
N ASN A 2 3.00 20.31 16.09
CA ASN A 2 2.64 18.90 15.97
C ASN A 2 1.73 18.68 14.76
N LEU A 3 1.98 19.44 13.69
CA LEU A 3 1.17 19.32 12.48
C LEU A 3 1.76 20.18 11.36
N GLU A 4 1.70 21.49 11.55
CA GLU A 4 2.22 22.43 10.55
C GLU A 4 1.66 22.13 9.17
N SER A 5 2.29 22.70 8.15
CA SER A 5 1.87 22.49 6.77
C SER A 5 2.72 21.44 6.08
N LEU A 6 3.95 21.27 6.56
CA LEU A 6 4.87 20.29 5.99
C LEU A 6 4.36 18.87 6.22
N LEU A 7 3.45 18.42 5.37
CA LEU A 7 2.89 17.08 5.48
C LEU A 7 3.82 16.04 4.87
N HIS A 8 4.10 16.17 3.58
CA HIS A 8 4.98 15.23 2.90
C HIS A 8 6.33 15.13 3.61
N TRP A 9 6.78 16.25 4.18
CA TRP A 9 8.05 16.29 4.90
C TRP A 9 8.01 15.37 6.11
N ILE A 10 7.14 15.69 7.06
CA ILE A 10 7.02 14.89 8.27
C ILE A 10 6.75 13.43 7.93
N TYR A 11 6.18 13.20 6.77
CA TYR A 11 5.86 11.85 6.31
C TYR A 11 7.14 11.03 6.14
N VAL A 12 8.19 11.66 5.61
CA VAL A 12 9.46 10.97 5.40
C VAL A 12 10.18 10.73 6.71
N ALA A 13 9.92 11.57 7.70
CA ALA A 13 10.55 11.44 9.01
C ALA A 13 10.11 10.17 9.71
N GLY A 14 8.80 9.99 9.83
CA GLY A 14 8.26 8.81 10.48
C GLY A 14 8.63 7.53 9.75
N MET A 15 8.71 7.61 8.42
CA MET A 15 9.05 6.46 7.60
C MET A 15 10.51 6.06 7.79
N THR A 16 11.34 7.03 8.15
CA THR A 16 12.76 6.79 8.37
C THR A 16 12.99 5.89 9.57
N ILE A 17 12.61 6.37 10.75
CA ILE A 17 12.79 5.61 11.97
C ILE A 17 12.20 4.20 11.83
N GLY A 18 11.07 4.10 11.14
CA GLY A 18 10.44 2.82 10.94
C GLY A 18 11.39 1.76 10.40
N ALA A 19 12.03 2.07 9.28
CA ALA A 19 12.98 1.15 8.67
C ALA A 19 14.04 0.70 9.67
N LEU A 20 14.51 1.65 10.48
CA LEU A 20 15.52 1.35 11.48
C LEU A 20 15.12 0.16 12.35
N HIS A 21 13.89 0.21 12.88
CA HIS A 21 13.38 -0.86 13.72
C HIS A 21 13.55 -2.21 13.05
N PHE A 22 13.14 -2.29 11.78
CA PHE A 22 13.24 -3.54 11.02
C PHE A 22 14.67 -4.07 11.04
N TRP A 23 15.63 -3.18 10.79
CA TRP A 23 17.04 -3.56 10.77
C TRP A 23 17.41 -4.31 12.03
N SER A 24 16.94 -3.82 13.18
CA SER A 24 17.23 -4.45 14.46
C SER A 24 16.59 -5.83 14.54
N LEU A 25 15.49 -6.01 13.82
CA LEU A 25 14.77 -7.29 13.82
C LEU A 25 15.51 -8.31 12.97
N SER A 26 16.39 -7.85 12.08
CA SER A 26 17.14 -8.77 11.23
C SER A 26 17.90 -9.80 12.06
N ARG A 27 18.15 -9.48 13.33
CA ARG A 27 18.86 -10.39 14.23
C ARG A 27 18.20 -11.76 14.16
N ASN A 28 16.88 -11.73 13.99
CA ASN A 28 16.08 -12.95 13.90
C ASN A 28 14.74 -12.62 13.23
N PRO A 29 14.27 -13.41 12.25
CA PRO A 29 13.00 -13.15 11.58
C PRO A 29 11.81 -13.78 12.31
N ARG A 30 11.71 -15.11 12.25
CA ARG A 30 10.62 -15.81 12.90
C ARG A 30 9.28 -15.24 12.45
N GLY A 31 8.77 -15.75 11.34
CA GLY A 31 7.50 -15.28 10.81
C GLY A 31 7.64 -14.74 9.41
N VAL A 32 8.72 -14.00 9.18
CA VAL A 32 8.99 -13.43 7.87
C VAL A 32 10.47 -13.62 7.49
N PRO A 33 10.78 -14.42 6.45
CA PRO A 33 12.16 -14.66 6.03
C PRO A 33 12.91 -13.38 5.67
N GLN A 34 14.23 -13.48 5.57
CA GLN A 34 15.07 -12.34 5.23
C GLN A 34 14.60 -11.60 3.97
N TYR A 35 14.25 -12.36 2.92
CA TYR A 35 13.79 -11.73 1.67
C TYR A 35 12.67 -10.73 1.94
N GLU A 36 11.75 -11.09 2.82
CA GLU A 36 10.63 -10.22 3.15
C GLU A 36 11.14 -8.90 3.70
N TYR A 37 12.08 -8.96 4.64
CA TYR A 37 12.65 -7.76 5.24
C TYR A 37 13.13 -6.81 4.15
N LEU A 38 13.52 -7.38 3.00
CA LEU A 38 13.99 -6.59 1.88
C LEU A 38 12.83 -5.82 1.26
N VAL A 39 11.66 -6.45 1.21
CA VAL A 39 10.48 -5.81 0.65
C VAL A 39 10.15 -4.53 1.41
N ALA A 40 10.53 -4.51 2.69
CA ALA A 40 10.29 -3.34 3.53
C ALA A 40 11.30 -2.23 3.23
N MET A 41 12.59 -2.55 3.41
CA MET A 41 13.66 -1.59 3.15
C MET A 41 13.39 -0.90 1.83
N PHE A 42 12.89 -1.65 0.88
CA PHE A 42 12.57 -1.10 -0.43
C PHE A 42 11.29 -0.29 -0.32
N ILE A 43 10.35 -0.74 0.53
CA ILE A 43 9.09 -0.03 0.70
C ILE A 43 9.18 1.24 1.57
N PRO A 44 9.58 1.27 2.89
CA PRO A 44 9.59 2.62 3.51
C PRO A 44 10.72 3.54 3.05
N ILE A 45 11.76 3.03 2.38
CA ILE A 45 12.83 3.91 1.93
C ILE A 45 12.42 4.68 0.69
N TRP A 46 11.66 4.03 -0.19
CA TRP A 46 11.19 4.66 -1.42
C TRP A 46 10.18 5.76 -1.11
N SER A 47 9.11 5.38 -0.42
CA SER A 47 8.07 6.32 -0.05
C SER A 47 8.65 7.56 0.63
N GLY A 48 9.72 7.35 1.39
CA GLY A 48 10.36 8.46 2.08
C GLY A 48 10.93 9.49 1.14
N LEU A 49 11.57 9.04 0.08
CA LEU A 49 12.17 9.95 -0.90
C LEU A 49 11.10 10.71 -1.69
N ALA A 50 10.22 9.96 -2.34
CA ALA A 50 9.15 10.56 -3.13
C ALA A 50 8.38 11.62 -2.34
N TYR A 51 8.05 11.31 -1.09
CA TYR A 51 7.32 12.25 -0.24
C TYR A 51 8.11 13.53 -0.01
N MET A 52 9.39 13.39 0.33
CA MET A 52 10.25 14.55 0.57
C MET A 52 10.18 15.53 -0.58
N ALA A 53 9.90 15.00 -1.78
CA ALA A 53 9.80 15.82 -2.98
C ALA A 53 8.55 16.69 -2.94
N MET A 54 7.41 16.08 -2.63
CA MET A 54 6.15 16.80 -2.56
C MET A 54 6.24 17.96 -1.55
N ALA A 55 7.19 17.86 -0.63
CA ALA A 55 7.38 18.89 0.39
C ALA A 55 8.07 20.12 -0.20
N ILE A 56 9.12 19.90 -1.00
CA ILE A 56 9.85 21.00 -1.60
C ILE A 56 9.16 21.53 -2.86
N ASP A 57 7.95 21.05 -3.13
CA ASP A 57 7.20 21.50 -4.31
C ASP A 57 7.81 20.97 -5.60
N GLN A 58 8.26 19.72 -5.58
CA GLN A 58 8.86 19.10 -6.75
C GLN A 58 8.30 17.71 -6.98
N GLY A 59 7.20 17.63 -7.71
CA GLY A 59 6.57 16.36 -7.99
C GLY A 59 5.39 16.46 -8.93
N LYS A 60 4.71 17.61 -8.89
CA LYS A 60 3.56 17.84 -9.75
C LYS A 60 3.91 18.83 -10.86
N VAL A 61 3.61 18.44 -12.10
CA VAL A 61 3.89 19.29 -13.24
C VAL A 61 2.61 19.68 -13.97
N GLU A 62 2.58 20.90 -14.49
CA GLU A 62 1.41 21.39 -15.21
C GLU A 62 1.57 21.14 -16.70
N ALA A 63 1.20 19.93 -17.12
CA ALA A 63 1.29 19.55 -18.53
C ALA A 63 -0.07 19.61 -19.21
N ALA A 64 -0.10 20.20 -20.40
CA ALA A 64 -1.33 20.32 -21.16
C ALA A 64 -2.29 21.33 -20.54
N GLY A 65 -1.84 22.03 -19.50
CA GLY A 65 -2.69 23.02 -18.84
C GLY A 65 -3.41 22.49 -17.62
N GLN A 66 -3.24 21.20 -17.32
CA GLN A 66 -3.88 20.59 -16.15
C GLN A 66 -2.86 20.22 -15.09
N ILE A 67 -3.37 19.78 -13.94
CA ILE A 67 -2.51 19.39 -12.82
C ILE A 67 -2.52 17.87 -12.63
N ALA A 68 -1.38 17.24 -12.84
CA ALA A 68 -1.28 15.80 -12.69
C ALA A 68 -0.52 15.41 -11.43
N HIS A 69 -1.11 14.51 -10.65
CA HIS A 69 -0.50 14.05 -9.41
C HIS A 69 0.44 12.89 -9.68
N TYR A 70 1.44 13.14 -10.53
CA TYR A 70 2.41 12.12 -10.89
C TYR A 70 3.23 11.67 -9.68
N ALA A 71 3.80 12.63 -8.98
CA ALA A 71 4.62 12.34 -7.80
C ALA A 71 3.88 11.48 -6.79
N ARG A 72 2.58 11.72 -6.63
CA ARG A 72 1.79 10.96 -5.69
C ARG A 72 1.45 9.56 -6.20
N TYR A 73 0.90 9.47 -7.40
CA TYR A 73 0.53 8.18 -7.97
C TYR A 73 1.69 7.19 -7.92
N ILE A 74 2.84 7.58 -8.46
CA ILE A 74 4.00 6.70 -8.47
C ILE A 74 4.31 6.22 -7.06
N ASP A 75 4.35 7.15 -6.11
CA ASP A 75 4.64 6.80 -4.72
C ASP A 75 3.54 5.92 -4.18
N TRP A 76 2.33 6.11 -4.71
CA TRP A 76 1.17 5.32 -4.27
C TRP A 76 1.19 3.95 -4.89
N MET A 77 2.03 3.78 -5.92
CA MET A 77 2.17 2.51 -6.62
C MET A 77 3.07 1.57 -5.79
N VAL A 78 4.33 1.90 -5.75
CA VAL A 78 5.27 1.09 -5.01
C VAL A 78 4.75 0.88 -3.60
N THR A 79 4.11 1.92 -3.07
CA THR A 79 3.56 1.84 -1.73
C THR A 79 2.34 0.93 -1.68
N THR A 80 1.29 1.27 -2.42
CA THR A 80 0.09 0.45 -2.39
C THR A 80 0.29 -0.91 -3.11
N PRO A 81 0.59 -0.99 -4.43
CA PRO A 81 0.82 -2.29 -5.08
C PRO A 81 1.69 -3.27 -4.28
N LEU A 82 2.81 -2.83 -3.70
CA LEU A 82 3.68 -3.74 -2.96
C LEU A 82 3.22 -3.95 -1.51
N LEU A 83 2.26 -3.17 -1.05
CA LEU A 83 1.77 -3.32 0.32
C LEU A 83 0.97 -4.60 0.43
N LEU A 84 0.09 -4.83 -0.55
CA LEU A 84 -0.73 -6.03 -0.55
C LEU A 84 0.14 -7.25 -0.88
N LEU A 85 0.99 -7.12 -1.88
CA LEU A 85 1.88 -8.20 -2.28
C LEU A 85 2.76 -8.61 -1.11
N SER A 86 3.23 -7.61 -0.35
CA SER A 86 4.08 -7.84 0.81
C SER A 86 3.41 -8.79 1.79
N LEU A 87 2.13 -8.55 2.06
CA LEU A 87 1.38 -9.38 2.98
C LEU A 87 1.53 -10.85 2.62
N SER A 88 1.37 -11.13 1.33
CA SER A 88 1.50 -12.50 0.83
C SER A 88 2.81 -13.12 1.29
N TRP A 89 3.91 -12.37 1.14
CA TRP A 89 5.22 -12.84 1.54
C TRP A 89 5.28 -13.06 3.05
N THR A 90 4.95 -12.02 3.81
CA THR A 90 4.97 -12.10 5.27
C THR A 90 4.24 -13.34 5.78
N ALA A 91 3.08 -13.61 5.19
CA ALA A 91 2.29 -14.76 5.59
C ALA A 91 3.05 -16.07 5.35
N MET A 92 3.91 -16.07 4.34
CA MET A 92 4.69 -17.25 4.01
C MET A 92 5.93 -17.35 4.89
N GLN A 93 6.11 -18.52 5.53
CA GLN A 93 7.26 -18.74 6.39
C GLN A 93 8.47 -19.20 5.57
N PHE A 94 8.20 -19.76 4.40
CA PHE A 94 9.23 -20.25 3.50
C PHE A 94 8.85 -19.93 2.06
N ILE A 95 9.70 -20.32 1.11
CA ILE A 95 9.42 -20.06 -0.29
C ILE A 95 9.74 -21.29 -1.15
N LYS A 96 8.90 -21.53 -2.16
CA LYS A 96 9.07 -22.66 -3.07
C LYS A 96 7.83 -22.84 -3.92
N LYS A 97 7.73 -22.07 -5.00
CA LYS A 97 6.59 -22.14 -5.92
C LYS A 97 7.00 -21.79 -7.34
N ASP A 98 6.00 -21.68 -8.22
CA ASP A 98 6.25 -21.34 -9.62
C ASP A 98 6.56 -19.86 -9.78
N TRP A 99 6.44 -19.36 -11.01
CA TRP A 99 6.71 -17.96 -11.30
C TRP A 99 5.57 -17.34 -12.10
N THR A 100 4.89 -18.15 -12.91
CA THR A 100 3.79 -17.67 -13.72
C THR A 100 2.56 -17.34 -12.87
N LEU A 101 2.25 -18.23 -11.92
CA LEU A 101 1.11 -18.03 -11.04
C LEU A 101 1.16 -16.65 -10.38
N ILE A 102 2.21 -16.40 -9.63
CA ILE A 102 2.38 -15.13 -8.94
C ILE A 102 2.41 -13.97 -9.94
N GLY A 103 3.11 -14.17 -11.05
CA GLY A 103 3.22 -13.14 -12.07
C GLY A 103 1.85 -12.62 -12.49
N PHE A 104 0.85 -13.49 -12.51
CA PHE A 104 -0.49 -13.12 -12.90
C PHE A 104 -1.14 -12.20 -11.86
N LEU A 105 -1.26 -12.70 -10.63
CA LEU A 105 -1.85 -11.92 -9.55
C LEU A 105 -1.18 -10.55 -9.42
N MET A 106 0.13 -10.56 -9.26
CA MET A 106 0.89 -9.32 -9.13
C MET A 106 0.68 -8.41 -10.33
N SER A 107 0.30 -8.98 -11.46
CA SER A 107 0.07 -8.21 -12.68
C SER A 107 -1.32 -7.57 -12.67
N THR A 108 -2.26 -8.20 -11.97
CA THR A 108 -3.63 -7.71 -11.89
C THR A 108 -3.69 -6.37 -11.16
N GLN A 109 -3.23 -6.36 -9.91
CA GLN A 109 -3.25 -5.14 -9.11
C GLN A 109 -2.31 -4.09 -9.70
N ILE A 110 -1.13 -4.53 -10.10
CA ILE A 110 -0.14 -3.64 -10.69
C ILE A 110 -0.74 -2.84 -11.84
N VAL A 111 -1.73 -3.43 -12.50
CA VAL A 111 -2.39 -2.79 -13.63
C VAL A 111 -3.40 -1.73 -13.18
N VAL A 112 -4.19 -2.04 -12.17
CA VAL A 112 -5.19 -1.10 -11.65
C VAL A 112 -4.53 0.22 -11.24
N ILE A 113 -3.66 0.15 -10.25
CA ILE A 113 -2.97 1.32 -9.75
C ILE A 113 -2.25 2.03 -10.90
N THR A 114 -1.75 1.24 -11.85
CA THR A 114 -1.06 1.78 -13.00
C THR A 114 -2.01 2.67 -13.80
N SER A 115 -3.29 2.34 -13.73
CA SER A 115 -4.31 3.11 -14.43
C SER A 115 -4.47 4.47 -13.77
N GLY A 116 -4.24 4.51 -12.46
CA GLY A 116 -4.35 5.75 -11.73
C GLY A 116 -3.40 6.80 -12.26
N LEU A 117 -2.12 6.50 -12.24
CA LEU A 117 -1.11 7.43 -12.75
C LEU A 117 -1.46 7.89 -14.16
N ILE A 118 -1.98 6.96 -14.96
CA ILE A 118 -2.36 7.27 -16.34
C ILE A 118 -3.51 8.28 -16.38
N ALA A 119 -4.51 8.04 -15.54
CA ALA A 119 -5.69 8.89 -15.46
C ALA A 119 -5.33 10.38 -15.45
N ASP A 120 -4.61 10.80 -14.41
CA ASP A 120 -4.20 12.19 -14.28
C ASP A 120 -3.05 12.57 -15.22
N LEU A 121 -2.46 11.56 -15.87
CA LEU A 121 -1.36 11.82 -16.80
C LEU A 121 -1.85 12.15 -18.20
N SER A 122 -3.15 11.94 -18.47
CA SER A 122 -3.70 12.23 -19.78
C SER A 122 -3.79 13.74 -20.01
N GLU A 123 -4.14 14.12 -21.24
CA GLU A 123 -4.28 15.51 -21.65
C GLU A 123 -4.91 16.39 -20.57
N ARG A 124 -6.19 16.16 -20.27
CA ARG A 124 -6.88 16.95 -19.25
C ARG A 124 -7.08 16.18 -17.95
N ASP A 125 -7.59 16.87 -16.94
CA ASP A 125 -7.82 16.27 -15.62
C ASP A 125 -9.15 15.52 -15.56
N TRP A 126 -10.12 15.93 -16.38
CA TRP A 126 -11.43 15.28 -16.41
C TRP A 126 -11.29 13.76 -16.52
N VAL A 127 -10.38 13.33 -17.37
CA VAL A 127 -10.13 11.91 -17.57
C VAL A 127 -9.62 11.26 -16.29
N ARG A 128 -8.97 12.06 -15.45
CA ARG A 128 -8.44 11.54 -14.20
C ARG A 128 -9.55 10.92 -13.36
N TYR A 129 -10.78 11.42 -13.55
CA TYR A 129 -11.93 10.92 -12.82
C TYR A 129 -12.48 9.68 -13.51
N LEU A 130 -12.55 9.72 -14.84
CA LEU A 130 -13.05 8.59 -15.60
C LEU A 130 -12.18 7.36 -15.36
N TRP A 131 -10.91 7.47 -15.71
CA TRP A 131 -9.97 6.36 -15.53
C TRP A 131 -9.99 5.88 -14.08
N TYR A 132 -10.09 6.82 -13.15
CA TYR A 132 -10.13 6.48 -11.73
C TYR A 132 -11.20 5.44 -11.46
N ILE A 133 -12.29 5.51 -12.23
CA ILE A 133 -13.39 4.58 -12.08
C ILE A 133 -13.05 3.23 -12.70
N CYS A 134 -12.17 3.26 -13.71
CA CYS A 134 -11.74 2.04 -14.39
C CYS A 134 -10.88 1.18 -13.47
N GLY A 135 -10.04 1.83 -12.67
CA GLY A 135 -9.17 1.10 -11.76
C GLY A 135 -9.94 0.41 -10.66
N VAL A 136 -10.78 1.16 -9.96
CA VAL A 136 -11.57 0.60 -8.87
C VAL A 136 -12.39 -0.61 -9.34
N CYS A 137 -12.97 -0.50 -10.52
CA CYS A 137 -13.77 -1.59 -11.08
C CYS A 137 -13.01 -2.90 -11.04
N ALA A 138 -11.85 -2.93 -11.69
CA ALA A 138 -11.00 -4.11 -11.73
C ALA A 138 -10.50 -4.48 -10.34
N PHE A 139 -10.37 -3.48 -9.48
CA PHE A 139 -9.90 -3.69 -8.12
C PHE A 139 -10.89 -4.52 -7.31
N LEU A 140 -12.18 -4.27 -7.53
CA LEU A 140 -13.22 -5.01 -6.81
C LEU A 140 -13.19 -6.49 -7.18
N ILE A 141 -13.18 -6.78 -8.48
CA ILE A 141 -13.15 -8.16 -8.95
C ILE A 141 -11.83 -8.84 -8.60
N ILE A 142 -10.74 -8.09 -8.65
CA ILE A 142 -9.42 -8.62 -8.34
C ILE A 142 -9.37 -9.15 -6.91
N LEU A 143 -9.66 -8.27 -5.95
CA LEU A 143 -9.64 -8.65 -4.55
C LEU A 143 -10.50 -9.89 -4.31
N TRP A 144 -11.69 -9.90 -4.90
CA TRP A 144 -12.60 -11.03 -4.77
C TRP A 144 -12.01 -12.30 -5.36
N GLY A 145 -11.03 -12.15 -6.24
CA GLY A 145 -10.40 -13.30 -6.86
C GLY A 145 -9.32 -13.90 -5.99
N ILE A 146 -8.75 -13.08 -5.11
CA ILE A 146 -7.70 -13.54 -4.22
C ILE A 146 -8.29 -14.34 -3.05
N TRP A 147 -9.54 -14.02 -2.70
CA TRP A 147 -10.20 -14.71 -1.60
C TRP A 147 -11.23 -15.72 -2.12
N ASN A 148 -11.64 -15.57 -3.38
CA ASN A 148 -12.62 -16.47 -3.98
C ASN A 148 -12.24 -17.92 -3.75
N PRO A 149 -11.07 -18.36 -4.25
CA PRO A 149 -10.62 -19.75 -4.09
C PRO A 149 -10.12 -20.03 -2.68
N LEU A 150 -9.77 -18.97 -1.95
CA LEU A 150 -9.27 -19.10 -0.58
C LEU A 150 -7.88 -19.72 -0.56
N ARG A 151 -7.19 -19.67 -1.70
CA ARG A 151 -5.85 -20.23 -1.80
C ARG A 151 -5.80 -21.66 -1.27
N ALA A 152 -6.18 -22.62 -2.11
CA ALA A 152 -6.20 -24.02 -1.71
C ALA A 152 -4.87 -24.44 -1.11
N LYS A 153 -3.79 -23.76 -1.50
CA LYS A 153 -2.46 -24.07 -0.99
C LYS A 153 -2.39 -23.88 0.52
N THR A 154 -2.82 -22.70 0.99
CA THR A 154 -2.80 -22.41 2.42
C THR A 154 -3.97 -23.07 3.14
N ARG A 155 -5.12 -23.13 2.46
CA ARG A 155 -6.30 -23.74 3.04
C ARG A 155 -6.08 -25.23 3.33
N THR A 156 -5.11 -25.82 2.63
CA THR A 156 -4.80 -27.23 2.81
C THR A 156 -3.51 -27.41 3.62
N GLN A 157 -2.62 -26.45 3.52
CA GLN A 157 -1.35 -26.50 4.23
C GLN A 157 -1.52 -26.19 5.71
N SER A 158 -1.85 -24.93 6.00
CA SER A 158 -2.05 -24.49 7.38
C SER A 158 -3.45 -23.89 7.56
N SER A 159 -4.20 -24.45 8.50
CA SER A 159 -5.56 -23.97 8.77
C SER A 159 -5.52 -22.63 9.51
N GLU A 160 -4.52 -22.47 10.37
CA GLU A 160 -4.38 -21.24 11.14
C GLU A 160 -3.94 -20.08 10.26
N LEU A 161 -2.88 -20.31 9.48
CA LEU A 161 -2.37 -19.29 8.58
C LEU A 161 -3.45 -18.80 7.63
N ALA A 162 -4.38 -19.68 7.30
CA ALA A 162 -5.48 -19.33 6.40
C ALA A 162 -6.53 -18.50 7.12
N ASN A 163 -6.68 -18.74 8.43
CA ASN A 163 -7.65 -18.01 9.23
C ASN A 163 -7.23 -16.55 9.40
N LEU A 164 -6.06 -16.34 9.98
CA LEU A 164 -5.54 -15.00 10.21
C LEU A 164 -5.42 -14.24 8.88
N TYR A 165 -5.14 -14.97 7.81
CA TYR A 165 -5.01 -14.36 6.49
C TYR A 165 -6.32 -13.72 6.06
N ASP A 166 -7.43 -14.35 6.41
CA ASP A 166 -8.75 -13.83 6.06
C ASP A 166 -9.02 -12.51 6.79
N LYS A 167 -8.82 -12.51 8.10
CA LYS A 167 -9.04 -11.32 8.89
C LYS A 167 -8.15 -10.18 8.42
N LEU A 168 -6.85 -10.45 8.28
CA LEU A 168 -5.90 -9.45 7.83
C LEU A 168 -6.34 -8.86 6.49
N VAL A 169 -6.92 -9.70 5.65
CA VAL A 169 -7.40 -9.27 4.33
C VAL A 169 -8.47 -8.20 4.47
N THR A 170 -9.26 -8.29 5.54
CA THR A 170 -10.33 -7.34 5.78
C THR A 170 -9.79 -6.03 6.37
N TYR A 171 -8.68 -6.12 7.10
CA TYR A 171 -8.07 -4.96 7.71
C TYR A 171 -7.57 -3.99 6.63
N PHE A 172 -6.61 -4.45 5.84
CA PHE A 172 -6.05 -3.63 4.77
C PHE A 172 -7.13 -3.19 3.79
N THR A 173 -8.13 -4.03 3.60
CA THR A 173 -9.23 -3.73 2.69
C THR A 173 -10.05 -2.54 3.18
N VAL A 174 -10.60 -2.65 4.38
CA VAL A 174 -11.42 -1.59 4.95
C VAL A 174 -10.66 -0.26 5.03
N LEU A 175 -9.34 -0.35 5.12
CA LEU A 175 -8.50 0.85 5.20
C LEU A 175 -8.61 1.68 3.92
N TRP A 176 -8.29 1.06 2.78
CA TRP A 176 -8.37 1.76 1.49
C TRP A 176 -9.84 2.05 1.16
N ILE A 177 -10.70 1.08 1.46
CA ILE A 177 -12.13 1.25 1.22
C ILE A 177 -12.54 2.61 1.76
N GLY A 178 -11.88 3.00 2.86
CA GLY A 178 -12.14 4.27 3.48
C GLY A 178 -11.54 5.43 2.71
N TYR A 179 -10.23 5.39 2.39
CA TYR A 179 -9.65 6.50 1.64
C TYR A 179 -10.23 6.51 0.24
N PRO A 180 -9.99 5.47 -0.64
CA PRO A 180 -10.63 5.53 -1.97
C PRO A 180 -12.09 6.00 -1.94
N ILE A 181 -12.80 5.81 -0.82
CA ILE A 181 -14.19 6.27 -0.72
C ILE A 181 -14.24 7.79 -0.81
N VAL A 182 -13.31 8.43 -0.12
CA VAL A 182 -13.23 9.88 -0.10
C VAL A 182 -12.85 10.46 -1.46
N TRP A 183 -12.17 9.67 -2.28
CA TRP A 183 -11.73 10.11 -3.61
C TRP A 183 -12.86 10.02 -4.65
N ILE A 184 -13.94 9.32 -4.34
CA ILE A 184 -15.05 9.18 -5.30
C ILE A 184 -15.96 10.43 -5.35
N ILE A 185 -15.43 11.62 -5.04
CA ILE A 185 -16.23 12.83 -5.07
C ILE A 185 -15.37 14.07 -4.79
N GLY A 186 -15.43 15.05 -5.69
CA GLY A 186 -14.65 16.28 -5.54
C GLY A 186 -13.42 16.33 -6.43
N PRO A 187 -12.71 17.48 -6.46
CA PRO A 187 -11.49 17.65 -7.27
C PRO A 187 -10.44 16.57 -6.99
N SER A 188 -9.77 16.11 -8.05
CA SER A 188 -8.75 15.07 -7.91
C SER A 188 -9.33 13.89 -7.15
N GLY A 189 -10.63 13.73 -7.24
CA GLY A 189 -11.29 12.66 -6.55
C GLY A 189 -11.71 13.07 -5.15
N PHE A 190 -10.82 13.74 -4.42
CA PHE A 190 -11.12 14.19 -3.07
C PHE A 190 -12.17 15.30 -3.06
N GLY A 191 -13.02 15.29 -2.03
CA GLY A 191 -14.09 16.28 -1.89
C GLY A 191 -13.71 17.70 -2.25
N TRP A 192 -14.73 18.54 -2.42
CA TRP A 192 -14.54 19.93 -2.78
C TRP A 192 -13.78 20.67 -1.70
N ILE A 193 -12.46 20.61 -1.78
CA ILE A 193 -11.61 21.27 -0.80
C ILE A 193 -10.25 21.64 -1.39
N ASN A 194 -9.41 22.27 -0.59
CA ASN A 194 -8.08 22.68 -1.03
C ASN A 194 -7.14 21.48 -1.08
N GLN A 195 -5.87 21.76 -1.38
CA GLN A 195 -4.86 20.71 -1.47
C GLN A 195 -4.34 20.33 -0.08
N THR A 196 -3.95 21.35 0.69
CA THR A 196 -3.43 21.12 2.03
C THR A 196 -4.38 20.24 2.84
N ILE A 197 -5.68 20.43 2.64
CA ILE A 197 -6.68 19.66 3.36
C ILE A 197 -6.75 18.23 2.82
N ASP A 198 -6.64 18.09 1.50
CA ASP A 198 -6.69 16.79 0.86
C ASP A 198 -5.53 15.91 1.32
N THR A 199 -4.31 16.40 1.12
CA THR A 199 -3.11 15.66 1.51
C THR A 199 -3.12 15.35 3.00
N PHE A 200 -3.81 16.19 3.76
CA PHE A 200 -3.90 16.02 5.21
C PHE A 200 -4.68 14.75 5.56
N LEU A 201 -5.72 14.47 4.79
CA LEU A 201 -6.54 13.27 5.02
C LEU A 201 -5.78 12.00 4.64
N PHE A 202 -4.85 12.13 3.70
CA PHE A 202 -4.05 10.99 3.26
C PHE A 202 -2.90 10.69 4.23
N CYS A 203 -2.02 11.67 4.38
CA CYS A 203 -0.89 11.53 5.27
C CYS A 203 -1.39 11.10 6.63
N LEU A 204 -2.55 11.61 7.02
CA LEU A 204 -3.13 11.29 8.31
C LEU A 204 -3.55 9.83 8.41
N LEU A 205 -4.48 9.37 7.56
CA LEU A 205 -4.90 7.98 7.67
C LEU A 205 -3.97 7.02 6.94
N PRO A 206 -3.68 7.22 5.62
CA PRO A 206 -2.74 6.31 4.98
C PRO A 206 -1.45 6.09 5.77
N PHE A 207 -1.02 7.07 6.58
CA PHE A 207 0.19 6.85 7.37
C PHE A 207 -0.15 5.88 8.49
N PHE A 208 -1.34 6.08 9.07
CA PHE A 208 -1.82 5.23 10.15
C PHE A 208 -1.92 3.78 9.67
N SER A 209 -1.92 3.58 8.35
CA SER A 209 -2.02 2.24 7.78
C SER A 209 -0.64 1.60 7.61
N LYS A 210 0.38 2.42 7.35
CA LYS A 210 1.74 1.90 7.17
C LYS A 210 2.26 1.33 8.48
N VAL A 211 2.12 2.09 9.56
CA VAL A 211 2.59 1.65 10.87
C VAL A 211 1.58 0.71 11.54
N GLY A 212 0.30 1.02 11.37
CA GLY A 212 -0.75 0.21 11.97
C GLY A 212 -0.81 -1.19 11.38
N PHE A 213 -0.62 -1.28 10.07
CA PHE A 213 -0.66 -2.56 9.37
C PHE A 213 0.65 -3.32 9.58
N SER A 214 1.73 -2.60 9.80
CA SER A 214 3.04 -3.22 10.01
C SER A 214 3.00 -4.21 11.16
N PHE A 215 2.58 -3.72 12.33
CA PHE A 215 2.50 -4.57 13.53
C PHE A 215 1.31 -5.53 13.46
N LEU A 216 0.27 -5.15 12.72
CA LEU A 216 -0.92 -5.98 12.58
C LEU A 216 -0.63 -7.23 11.76
N ASP A 217 0.15 -7.07 10.70
CA ASP A 217 0.50 -8.19 9.83
C ASP A 217 1.38 -9.20 10.58
N LEU A 218 2.34 -8.69 11.35
CA LEU A 218 3.23 -9.55 12.11
C LEU A 218 2.49 -10.23 13.26
N HIS A 219 1.81 -9.43 14.07
CA HIS A 219 1.06 -9.95 15.21
C HIS A 219 0.04 -10.98 14.75
N GLY A 220 -0.46 -10.82 13.53
CA GLY A 220 -1.44 -11.75 12.99
C GLY A 220 -0.87 -13.14 12.80
N LEU A 221 0.33 -13.22 12.21
CA LEU A 221 0.97 -14.50 11.98
C LEU A 221 1.14 -15.28 13.28
N ARG A 222 1.43 -14.57 14.36
CA ARG A 222 1.61 -15.19 15.66
C ARG A 222 2.83 -16.11 15.66
N ASN A 223 2.88 -17.02 16.62
CA ASN A 223 4.00 -17.95 16.74
C ASN A 223 5.27 -17.24 17.21
N LEU A 224 5.52 -17.30 18.51
CA LEU A 224 6.68 -16.65 19.09
C LEU A 224 7.73 -17.69 19.51
N ASN A 225 7.26 -18.90 19.82
CA ASN A 225 8.14 -19.98 20.23
C ASN A 225 8.93 -19.58 21.48
N ASP A 226 8.33 -19.83 22.65
CA ASP A 226 8.97 -19.50 23.92
C ASP A 226 8.56 -20.49 25.00
N SER A 227 7.33 -20.37 25.47
CA SER A 227 6.81 -21.26 26.51
C SER A 227 6.66 -22.68 25.98
N ARG A 228 6.36 -23.60 26.89
CA ARG A 228 6.18 -25.01 26.51
C ARG A 228 4.70 -25.37 26.49
N GLN A 229 4.01 -25.13 27.59
CA GLN A 229 2.58 -25.43 27.69
C GLN A 229 1.77 -24.47 26.85
C1 RET B . -6.18 4.92 -7.10
C2 RET B . -6.87 5.23 -8.43
C3 RET B . -7.62 4.02 -8.92
C4 RET B . -8.74 3.69 -7.97
C5 RET B . -8.20 3.42 -6.57
C6 RET B . -7.03 3.96 -6.15
C7 RET B . -6.52 3.66 -4.77
C8 RET B . -5.37 4.15 -4.26
C9 RET B . -4.92 3.82 -2.91
C10 RET B . -3.74 4.31 -2.40
C11 RET B . -3.29 3.99 -1.09
C12 RET B . -2.12 4.49 -0.57
C13 RET B . -1.68 4.16 0.72
C14 RET B . -0.48 4.69 1.25
C15 RET B . -0.03 4.38 2.50
C16 RET B . -5.93 6.26 -6.41
C17 RET B . -4.84 4.28 -7.41
C18 RET B . -8.99 2.50 -5.66
C19 RET B . -5.77 2.88 -2.06
C20 RET B . -2.52 3.23 1.58
H21 RET B . -7.57 6.04 -8.28
H22 RET B . -6.13 5.52 -9.15
H31 RET B . -8.04 4.24 -9.90
H32 RET B . -6.95 3.18 -9.00
H41 RET B . -9.44 4.52 -7.93
H42 RET B . -9.26 2.81 -8.33
H7 RET B . -7.11 3.02 -4.16
H8 RET B . -4.77 4.79 -4.86
H10 RET B . -3.15 4.96 -3.00
H11 RET B . -3.89 3.34 -0.49
H12 RET B . -1.53 5.15 -1.17
H14 RET B . 0.11 5.34 0.64
H15 RET B . -0.61 3.73 3.12
H161 RET B . -6.84 6.86 -6.44
H162 RET B . -5.15 6.78 -6.92
H163 RET B . -5.66 6.09 -5.39
H171 RET B . -4.14 5.05 -7.71
H172 RET B . -4.47 3.77 -6.53
H173 RET B . -4.96 3.57 -8.22
H181 RET B . -9.36 1.65 -6.22
H182 RET B . -8.36 2.16 -4.85
H183 RET B . -9.83 3.05 -5.24
H191 RET B . -5.20 2.56 -1.21
H192 RET B . -6.07 2.02 -2.64
H193 RET B . -6.65 3.41 -1.72
H201 RET B . -2.75 2.33 1.02
H202 RET B . -3.44 3.73 1.86
H203 RET B . -1.98 2.96 2.48
N MET A 1 -4.81 31.09 10.44
CA MET A 1 -4.04 31.51 11.65
C MET A 1 -2.84 30.59 11.86
N ASN A 2 -3.06 29.29 11.70
CA ASN A 2 -1.99 28.32 11.89
C ASN A 2 -1.48 27.80 10.54
N LEU A 3 -0.46 28.45 10.01
CA LEU A 3 0.13 28.05 8.72
C LEU A 3 1.43 27.30 8.94
N GLU A 4 1.54 26.63 10.09
CA GLU A 4 2.73 25.86 10.41
C GLU A 4 2.44 24.37 10.41
N SER A 5 2.58 23.75 9.24
CA SER A 5 2.33 22.31 9.11
C SER A 5 3.54 21.61 8.50
N LEU A 6 3.91 20.47 9.08
CA LEU A 6 5.05 19.70 8.59
C LEU A 6 4.73 18.21 8.56
N LEU A 7 3.61 17.87 7.93
CA LEU A 7 3.19 16.47 7.83
C LEU A 7 4.13 15.70 6.90
N HIS A 8 4.58 16.36 5.84
CA HIS A 8 5.48 15.74 4.88
C HIS A 8 6.86 15.54 5.48
N TRP A 9 7.26 16.46 6.35
CA TRP A 9 8.56 16.39 7.00
C TRP A 9 8.54 15.36 8.13
N ILE A 10 7.41 15.31 8.84
CA ILE A 10 7.26 14.37 9.95
C ILE A 10 7.22 12.93 9.44
N TYR A 11 6.72 12.76 8.21
CA TYR A 11 6.62 11.45 7.60
C TYR A 11 8.00 10.86 7.34
N VAL A 12 8.82 11.59 6.57
CA VAL A 12 10.16 11.13 6.24
C VAL A 12 10.93 10.76 7.51
N ALA A 13 10.62 11.46 8.60
CA ALA A 13 11.28 11.20 9.88
C ALA A 13 10.83 9.87 10.47
N GLY A 14 9.51 9.65 10.50
CA GLY A 14 8.97 8.42 11.04
C GLY A 14 9.39 7.21 10.24
N MET A 15 9.61 7.40 8.94
CA MET A 15 10.02 6.31 8.06
C MET A 15 11.46 5.89 8.35
N THR A 16 12.28 6.86 8.76
CA THR A 16 13.68 6.60 9.07
C THR A 16 13.80 5.62 10.24
N ILE A 17 13.28 6.02 11.40
CA ILE A 17 13.33 5.18 12.59
C ILE A 17 12.68 3.83 12.35
N GLY A 18 11.75 3.79 11.38
CA GLY A 18 11.06 2.54 11.08
C GLY A 18 12.01 1.46 10.61
N ALA A 19 12.84 1.78 9.63
CA ALA A 19 13.80 0.83 9.09
C ALA A 19 14.80 0.40 10.15
N LEU A 20 15.17 1.33 11.02
CA LEU A 20 16.11 1.06 12.09
C LEU A 20 15.66 -0.13 12.94
N HIS A 21 14.42 -0.08 13.41
CA HIS A 21 13.87 -1.14 14.22
C HIS A 21 13.98 -2.48 13.50
N PHE A 22 13.55 -2.52 12.24
CA PHE A 22 13.60 -3.73 11.44
C PHE A 22 15.03 -4.28 11.38
N TRP A 23 15.99 -3.38 11.24
CA TRP A 23 17.40 -3.76 11.16
C TRP A 23 17.82 -4.54 12.40
N SER A 24 17.32 -4.10 13.56
CA SER A 24 17.65 -4.75 14.82
C SER A 24 17.05 -6.15 14.88
N LEU A 25 15.89 -6.33 14.23
CA LEU A 25 15.22 -7.61 14.21
C LEU A 25 15.86 -8.55 13.19
N SER A 26 16.74 -8.03 12.35
CA SER A 26 17.42 -8.85 11.35
C SER A 26 18.18 -10.00 11.99
N ARG A 27 18.45 -9.90 13.29
CA ARG A 27 19.18 -10.94 14.00
C ARG A 27 18.51 -12.28 13.71
N ASN A 28 17.20 -12.23 13.57
CA ASN A 28 16.40 -13.40 13.28
C ASN A 28 14.96 -12.97 12.94
N PRO A 29 14.34 -13.51 11.87
CA PRO A 29 12.98 -13.15 11.50
C PRO A 29 11.94 -14.11 12.05
N ARG A 30 12.04 -15.38 11.65
CA ARG A 30 11.11 -16.41 12.09
C ARG A 30 9.75 -16.21 11.45
N GLY A 31 9.53 -16.92 10.34
CA GLY A 31 8.26 -16.82 9.63
C GLY A 31 8.41 -16.17 8.27
N VAL A 32 9.33 -15.22 8.17
CA VAL A 32 9.58 -14.52 6.91
C VAL A 32 11.08 -14.46 6.61
N PRO A 33 11.56 -15.14 5.55
CA PRO A 33 12.98 -15.13 5.19
C PRO A 33 13.54 -13.72 5.04
N GLN A 34 14.87 -13.64 5.01
CA GLN A 34 15.55 -12.35 4.88
C GLN A 34 15.04 -11.53 3.69
N TYR A 35 14.86 -12.19 2.55
CA TYR A 35 14.38 -11.49 1.35
C TYR A 35 13.12 -10.67 1.64
N GLU A 36 12.35 -11.10 2.65
CA GLU A 36 11.14 -10.39 3.03
C GLU A 36 11.48 -9.14 3.82
N TYR A 37 12.34 -9.30 4.83
CA TYR A 37 12.76 -8.18 5.67
C TYR A 37 13.43 -7.11 4.82
N LEU A 38 14.06 -7.53 3.72
CA LEU A 38 14.74 -6.60 2.83
C LEU A 38 13.73 -5.72 2.10
N VAL A 39 12.64 -6.34 1.66
CA VAL A 39 11.59 -5.62 0.94
C VAL A 39 11.07 -4.45 1.78
N ALA A 40 11.01 -4.65 3.09
CA ALA A 40 10.53 -3.62 4.00
C ALA A 40 11.53 -2.46 4.07
N MET A 41 12.77 -2.79 4.45
CA MET A 41 13.82 -1.81 4.57
C MET A 41 13.83 -0.92 3.35
N PHE A 42 13.56 -1.52 2.20
CA PHE A 42 13.51 -0.78 0.95
C PHE A 42 12.24 0.06 0.95
N ILE A 43 11.18 -0.50 1.54
CA ILE A 43 9.89 0.17 1.61
C ILE A 43 9.89 1.37 2.59
N PRO A 44 10.14 1.28 3.96
CA PRO A 44 10.09 2.58 4.69
C PRO A 44 11.18 3.59 4.31
N ILE A 45 12.28 3.16 3.67
CA ILE A 45 13.32 4.13 3.29
C ILE A 45 12.93 4.91 2.04
N TRP A 46 12.32 4.22 1.08
CA TRP A 46 11.91 4.87 -0.17
C TRP A 46 10.88 5.95 0.11
N SER A 47 9.77 5.56 0.72
CA SER A 47 8.70 6.49 1.05
C SER A 47 9.24 7.63 1.90
N GLY A 48 10.25 7.33 2.70
CA GLY A 48 10.85 8.33 3.56
C GLY A 48 11.24 9.58 2.79
N LEU A 49 12.29 9.48 1.99
CA LEU A 49 12.78 10.60 1.21
C LEU A 49 11.68 11.13 0.28
N ALA A 50 10.76 10.24 -0.10
CA ALA A 50 9.66 10.62 -0.98
C ALA A 50 8.79 11.70 -0.35
N TYR A 51 8.31 11.43 0.87
CA TYR A 51 7.47 12.37 1.59
C TYR A 51 8.20 13.69 1.78
N MET A 52 9.49 13.60 2.13
CA MET A 52 10.29 14.80 2.34
C MET A 52 10.17 15.74 1.15
N ALA A 53 10.10 15.16 -0.04
CA ALA A 53 9.96 15.94 -1.26
C ALA A 53 8.65 16.71 -1.27
N MET A 54 7.59 16.04 -0.85
CA MET A 54 6.27 16.67 -0.81
C MET A 54 6.34 18.00 -0.07
N ALA A 55 7.15 18.03 0.98
CA ALA A 55 7.31 19.24 1.79
C ALA A 55 7.91 20.35 0.95
N ILE A 56 8.97 20.04 0.22
CA ILE A 56 9.65 21.01 -0.63
C ILE A 56 8.87 21.25 -1.93
N ASP A 57 7.83 20.44 -2.17
CA ASP A 57 7.02 20.57 -3.36
C ASP A 57 7.88 20.43 -4.62
N GLN A 58 8.46 19.25 -4.80
CA GLN A 58 9.31 18.98 -5.95
C GLN A 58 8.57 18.14 -6.98
N GLY A 59 8.05 16.99 -6.55
CA GLY A 59 7.33 16.12 -7.46
C GLY A 59 6.14 16.80 -8.11
N LYS A 60 5.70 17.91 -7.52
CA LYS A 60 4.57 18.66 -8.04
C LYS A 60 5.05 19.83 -8.89
N VAL A 61 4.63 19.87 -10.15
CA VAL A 61 5.01 20.94 -11.06
C VAL A 61 3.80 21.51 -11.78
N GLU A 62 3.82 22.84 -11.98
CA GLU A 62 2.72 23.51 -12.67
C GLU A 62 3.10 23.79 -14.12
N ALA A 63 2.89 22.80 -14.97
CA ALA A 63 3.20 22.93 -16.40
C ALA A 63 2.00 22.57 -17.26
N ALA A 64 1.91 23.18 -18.43
CA ALA A 64 0.81 22.93 -19.35
C ALA A 64 -0.51 23.46 -18.80
N GLY A 65 -0.44 24.38 -17.85
CA GLY A 65 -1.64 24.94 -17.25
C GLY A 65 -2.35 23.97 -16.32
N GLN A 66 -1.76 22.80 -16.10
CA GLN A 66 -2.35 21.79 -15.23
C GLN A 66 -1.38 21.42 -14.10
N ILE A 67 -1.92 20.90 -13.01
CA ILE A 67 -1.11 20.50 -11.87
C ILE A 67 -0.96 18.98 -11.81
N ALA A 68 0.24 18.53 -11.49
CA ALA A 68 0.52 17.09 -11.40
C ALA A 68 0.79 16.67 -9.96
N HIS A 69 0.20 15.54 -9.57
CA HIS A 69 0.37 15.02 -8.21
C HIS A 69 1.03 13.63 -8.25
N TYR A 70 1.79 13.39 -9.30
CA TYR A 70 2.48 12.10 -9.45
C TYR A 70 3.47 11.87 -8.31
N ALA A 71 3.80 12.91 -7.57
CA ALA A 71 4.74 12.79 -6.46
C ALA A 71 4.23 11.78 -5.42
N ARG A 72 2.93 11.84 -5.15
CA ARG A 72 2.32 10.95 -4.18
C ARG A 72 1.98 9.60 -4.81
N TYR A 73 1.56 9.63 -6.06
CA TYR A 73 1.21 8.40 -6.76
C TYR A 73 2.43 7.49 -6.94
N ILE A 74 3.59 8.06 -7.24
CA ILE A 74 4.80 7.25 -7.41
C ILE A 74 5.17 6.64 -6.07
N ASP A 75 5.19 7.47 -5.03
CA ASP A 75 5.51 6.99 -3.71
C ASP A 75 4.46 5.97 -3.27
N TRP A 76 3.24 6.13 -3.81
CA TRP A 76 2.14 5.23 -3.48
C TRP A 76 2.24 3.94 -4.24
N MET A 77 3.07 3.92 -5.28
CA MET A 77 3.27 2.72 -6.08
C MET A 77 4.13 1.74 -5.30
N VAL A 78 5.41 2.08 -5.21
CA VAL A 78 6.33 1.24 -4.47
C VAL A 78 5.71 0.90 -3.14
N THR A 79 5.00 1.86 -2.57
CA THR A 79 4.34 1.67 -1.29
C THR A 79 3.13 0.76 -1.42
N THR A 80 2.32 0.91 -2.49
CA THR A 80 1.14 0.05 -2.62
C THR A 80 1.49 -1.28 -3.30
N PRO A 81 1.95 -1.33 -4.60
CA PRO A 81 2.30 -2.62 -5.18
C PRO A 81 3.09 -3.53 -4.24
N LEU A 82 3.91 -2.97 -3.35
CA LEU A 82 4.67 -3.80 -2.43
C LEU A 82 3.84 -4.16 -1.20
N LEU A 83 3.20 -3.16 -0.58
CA LEU A 83 2.37 -3.39 0.60
C LEU A 83 1.44 -4.56 0.37
N LEU A 84 0.81 -4.57 -0.80
CA LEU A 84 -0.11 -5.63 -1.16
C LEU A 84 0.64 -6.96 -1.34
N LEU A 85 1.83 -6.88 -1.94
CA LEU A 85 2.64 -8.07 -2.19
C LEU A 85 3.06 -8.75 -0.88
N SER A 86 3.43 -7.94 0.11
CA SER A 86 3.86 -8.47 1.40
C SER A 86 2.70 -9.07 2.18
N LEU A 87 1.60 -8.33 2.29
CA LEU A 87 0.43 -8.80 3.02
C LEU A 87 -0.30 -9.90 2.25
N SER A 88 -0.11 -9.96 0.93
CA SER A 88 -0.78 -10.98 0.12
C SER A 88 -0.03 -12.31 0.19
N TRP A 89 1.21 -12.34 -0.28
CA TRP A 89 1.99 -13.57 -0.27
C TRP A 89 2.16 -14.09 1.16
N THR A 90 2.09 -13.19 2.13
CA THR A 90 2.24 -13.58 3.53
C THR A 90 0.91 -14.08 4.10
N ALA A 91 -0.19 -13.66 3.48
CA ALA A 91 -1.52 -14.06 3.93
C ALA A 91 -2.06 -15.28 3.17
N MET A 92 -1.25 -15.81 2.25
CA MET A 92 -1.66 -16.99 1.46
C MET A 92 -2.63 -16.59 0.35
N GLN A 93 -2.30 -15.51 -0.36
CA GLN A 93 -3.14 -15.03 -1.45
C GLN A 93 -2.77 -15.71 -2.76
N PHE A 94 -1.48 -15.86 -3.01
CA PHE A 94 -1.01 -16.49 -4.24
C PHE A 94 -0.49 -17.91 -3.96
N ILE A 95 -0.36 -18.69 -5.03
CA ILE A 95 0.12 -20.06 -4.91
C ILE A 95 1.17 -20.36 -5.97
N LYS A 96 2.18 -21.14 -5.59
CA LYS A 96 3.26 -21.50 -6.51
C LYS A 96 3.89 -20.27 -7.15
N LYS A 97 4.84 -20.49 -8.04
CA LYS A 97 5.53 -19.41 -8.73
C LYS A 97 5.60 -19.67 -10.23
N ASP A 98 6.01 -18.64 -10.98
CA ASP A 98 6.13 -18.73 -12.44
C ASP A 98 4.92 -19.42 -13.06
N TRP A 99 3.75 -19.21 -12.47
CA TRP A 99 2.52 -19.80 -12.96
C TRP A 99 1.66 -18.76 -13.67
N THR A 100 0.46 -19.18 -14.09
CA THR A 100 -0.46 -18.30 -14.79
C THR A 100 -1.31 -17.49 -13.81
N LEU A 101 -1.88 -18.18 -12.83
CA LEU A 101 -2.72 -17.52 -11.82
C LEU A 101 -1.99 -16.34 -11.20
N ILE A 102 -0.75 -16.57 -10.78
CA ILE A 102 0.05 -15.51 -10.16
C ILE A 102 0.41 -14.43 -11.17
N GLY A 103 0.81 -14.85 -12.37
CA GLY A 103 1.17 -13.89 -13.41
C GLY A 103 0.06 -12.91 -13.72
N PHE A 104 -1.17 -13.40 -13.70
CA PHE A 104 -2.33 -12.55 -13.98
C PHE A 104 -2.69 -11.68 -12.78
N LEU A 105 -2.73 -12.28 -11.60
CA LEU A 105 -3.08 -11.55 -10.38
C LEU A 105 -2.08 -10.43 -10.12
N MET A 106 -0.80 -10.78 -9.97
CA MET A 106 0.24 -9.80 -9.72
C MET A 106 0.22 -8.69 -10.76
N SER A 107 -0.05 -9.07 -12.01
CA SER A 107 -0.09 -8.11 -13.10
C SER A 107 -1.29 -7.17 -12.98
N THR A 108 -2.30 -7.60 -12.24
CA THR A 108 -3.51 -6.80 -12.06
C THR A 108 -3.29 -5.61 -11.12
N GLN A 109 -2.62 -5.84 -10.01
CA GLN A 109 -2.36 -4.76 -9.05
C GLN A 109 -1.32 -3.78 -9.56
N ILE A 110 -0.16 -4.30 -9.98
CA ILE A 110 0.91 -3.45 -10.49
C ILE A 110 0.39 -2.49 -11.56
N VAL A 111 -0.50 -2.99 -12.41
CA VAL A 111 -1.08 -2.17 -13.47
C VAL A 111 -2.16 -1.25 -12.91
N VAL A 112 -2.88 -1.72 -11.90
CA VAL A 112 -3.94 -0.93 -11.28
C VAL A 112 -3.38 0.37 -10.72
N ILE A 113 -2.35 0.26 -9.90
CA ILE A 113 -1.73 1.44 -9.30
C ILE A 113 -1.22 2.38 -10.40
N THR A 114 -0.70 1.79 -11.49
CA THR A 114 -0.20 2.59 -12.60
C THR A 114 -1.34 3.47 -13.10
N SER A 115 -2.56 2.94 -13.02
CA SER A 115 -3.74 3.66 -13.44
C SER A 115 -4.00 4.82 -12.49
N GLY A 116 -3.53 4.67 -11.25
CA GLY A 116 -3.71 5.70 -10.25
C GLY A 116 -3.08 7.01 -10.68
N LEU A 117 -1.76 6.98 -10.91
CA LEU A 117 -1.06 8.19 -11.33
C LEU A 117 -1.76 8.79 -12.55
N ILE A 118 -2.21 7.92 -13.45
CA ILE A 118 -2.89 8.35 -14.67
C ILE A 118 -4.16 9.14 -14.34
N ALA A 119 -5.07 8.54 -13.60
CA ALA A 119 -6.33 9.20 -13.23
C ALA A 119 -6.11 10.59 -12.65
N ASP A 120 -4.92 10.82 -12.07
CA ASP A 120 -4.61 12.10 -11.48
C ASP A 120 -4.10 13.10 -12.51
N LEU A 121 -3.55 12.60 -13.61
CA LEU A 121 -3.04 13.46 -14.67
C LEU A 121 -4.17 14.08 -15.49
N SER A 122 -5.29 13.37 -15.59
CA SER A 122 -6.43 13.87 -16.35
C SER A 122 -7.42 14.59 -15.44
N GLU A 123 -8.27 15.42 -16.04
CA GLU A 123 -9.26 16.18 -15.29
C GLU A 123 -10.66 16.03 -15.87
N ARG A 124 -10.74 15.72 -17.16
CA ARG A 124 -12.03 15.55 -17.83
C ARG A 124 -12.94 14.61 -17.05
N ASP A 125 -14.22 14.96 -16.99
CA ASP A 125 -15.20 14.16 -16.27
C ASP A 125 -15.49 12.86 -17.01
N TRP A 126 -15.56 12.93 -18.34
CA TRP A 126 -15.83 11.76 -19.16
C TRP A 126 -14.68 10.77 -19.08
N VAL A 127 -13.48 11.23 -19.43
CA VAL A 127 -12.30 10.38 -19.41
C VAL A 127 -12.05 9.84 -18.01
N ARG A 128 -12.49 10.58 -17.00
CA ARG A 128 -12.32 10.17 -15.61
C ARG A 128 -13.06 8.87 -15.35
N TYR A 129 -14.33 8.82 -15.74
CA TYR A 129 -15.15 7.63 -15.54
C TYR A 129 -14.66 6.49 -16.42
N LEU A 130 -13.95 6.83 -17.50
CA LEU A 130 -13.43 5.82 -18.41
C LEU A 130 -12.20 5.13 -17.82
N TRP A 131 -11.13 5.90 -17.61
CA TRP A 131 -9.91 5.34 -17.06
C TRP A 131 -10.14 4.79 -15.66
N TYR A 132 -10.91 5.52 -14.85
CA TYR A 132 -11.19 5.07 -13.49
C TYR A 132 -11.81 3.68 -13.53
N ILE A 133 -12.67 3.46 -14.52
CA ILE A 133 -13.32 2.16 -14.67
C ILE A 133 -12.27 1.09 -14.89
N CYS A 134 -11.18 1.48 -15.55
CA CYS A 134 -10.09 0.57 -15.84
C CYS A 134 -9.48 0.02 -14.55
N GLY A 135 -9.31 0.91 -13.57
CA GLY A 135 -8.74 0.50 -12.29
C GLY A 135 -9.68 -0.36 -11.48
N VAL A 136 -10.86 0.18 -11.15
CA VAL A 136 -11.83 -0.56 -10.37
C VAL A 136 -12.09 -1.95 -10.97
N CYS A 137 -12.24 -2.00 -12.29
CA CYS A 137 -12.48 -3.27 -12.97
C CYS A 137 -11.43 -4.30 -12.54
N ALA A 138 -10.18 -3.86 -12.54
CA ALA A 138 -9.07 -4.73 -12.15
C ALA A 138 -9.14 -5.06 -10.66
N PHE A 139 -9.59 -4.09 -9.87
CA PHE A 139 -9.71 -4.28 -8.43
C PHE A 139 -10.64 -5.45 -8.13
N LEU A 140 -11.58 -5.70 -9.03
CA LEU A 140 -12.53 -6.79 -8.86
C LEU A 140 -11.85 -8.12 -9.15
N ILE A 141 -11.06 -8.16 -10.21
CA ILE A 141 -10.35 -9.38 -10.59
C ILE A 141 -9.52 -9.90 -9.42
N ILE A 142 -8.74 -9.00 -8.82
CA ILE A 142 -7.90 -9.35 -7.69
C ILE A 142 -8.75 -9.81 -6.51
N LEU A 143 -9.93 -9.23 -6.38
CA LEU A 143 -10.85 -9.58 -5.30
C LEU A 143 -11.13 -11.08 -5.33
N TRP A 144 -11.12 -11.65 -6.54
CA TRP A 144 -11.36 -13.07 -6.71
C TRP A 144 -10.16 -13.88 -6.21
N GLY A 145 -8.97 -13.46 -6.61
CA GLY A 145 -7.76 -14.14 -6.20
C GLY A 145 -7.44 -13.90 -4.74
N ILE A 146 -8.04 -12.86 -4.16
CA ILE A 146 -7.81 -12.52 -2.76
C ILE A 146 -8.78 -13.26 -1.83
N TRP A 147 -9.88 -13.77 -2.39
CA TRP A 147 -10.87 -14.48 -1.60
C TRP A 147 -10.81 -15.98 -1.84
N ASN A 148 -10.71 -16.36 -3.11
CA ASN A 148 -10.64 -17.75 -3.51
C ASN A 148 -9.68 -18.58 -2.66
N PRO A 149 -8.41 -18.12 -2.45
CA PRO A 149 -7.42 -18.84 -1.65
C PRO A 149 -7.98 -19.48 -0.38
N LEU A 150 -9.06 -18.90 0.15
CA LEU A 150 -9.68 -19.43 1.36
C LEU A 150 -10.20 -20.84 1.13
N ARG A 151 -9.33 -21.83 1.36
CA ARG A 151 -9.69 -23.22 1.18
C ARG A 151 -8.71 -24.15 1.90
N ALA A 152 -8.67 -25.42 1.47
CA ALA A 152 -7.78 -26.39 2.08
C ALA A 152 -6.32 -26.07 1.78
N LYS A 153 -6.09 -25.36 0.68
CA LYS A 153 -4.73 -24.99 0.28
C LYS A 153 -4.03 -24.24 1.40
N THR A 154 -4.69 -23.20 1.91
CA THR A 154 -4.13 -22.40 2.99
C THR A 154 -3.71 -23.28 4.16
N ARG A 155 -4.54 -24.28 4.46
CA ARG A 155 -4.27 -25.20 5.55
C ARG A 155 -3.29 -26.30 5.12
N THR A 156 -3.08 -26.44 3.82
CA THR A 156 -2.17 -27.46 3.30
C THR A 156 -0.71 -27.05 3.47
N GLN A 157 -0.48 -25.75 3.61
CA GLN A 157 0.88 -25.24 3.78
C GLN A 157 1.11 -24.74 5.20
N SER A 158 0.45 -23.64 5.57
CA SER A 158 0.60 -23.08 6.91
C SER A 158 -0.77 -22.85 7.56
N SER A 159 -1.03 -23.58 8.63
CA SER A 159 -2.29 -23.46 9.36
C SER A 159 -2.32 -22.18 10.17
N GLU A 160 -1.23 -21.88 10.85
CA GLU A 160 -1.13 -20.67 11.67
C GLU A 160 -1.33 -19.43 10.81
N LEU A 161 -0.70 -19.41 9.64
CA LEU A 161 -0.81 -18.27 8.73
C LEU A 161 -2.22 -18.17 8.16
N ALA A 162 -2.93 -19.31 8.14
CA ALA A 162 -4.30 -19.34 7.63
C ALA A 162 -5.23 -18.51 8.50
N ASN A 163 -5.01 -18.55 9.81
CA ASN A 163 -5.84 -17.81 10.74
C ASN A 163 -5.57 -16.31 10.62
N LEU A 164 -4.32 -15.91 10.85
CA LEU A 164 -3.95 -14.51 10.75
C LEU A 164 -4.39 -13.95 9.41
N TYR A 165 -4.38 -14.82 8.41
CA TYR A 165 -4.77 -14.43 7.05
C TYR A 165 -6.17 -13.84 7.05
N ASP A 166 -7.12 -14.56 7.62
CA ASP A 166 -8.51 -14.08 7.69
C ASP A 166 -8.57 -12.67 8.25
N LYS A 167 -8.03 -12.50 9.46
CA LYS A 167 -8.04 -11.18 10.11
C LYS A 167 -7.37 -10.13 9.24
N LEU A 168 -6.45 -10.56 8.39
CA LEU A 168 -5.73 -9.64 7.51
C LEU A 168 -6.58 -9.24 6.31
N VAL A 169 -7.23 -10.22 5.68
CA VAL A 169 -8.07 -9.96 4.53
C VAL A 169 -9.05 -8.83 4.81
N THR A 170 -9.46 -8.72 6.08
CA THR A 170 -10.40 -7.67 6.49
C THR A 170 -9.69 -6.33 6.64
N TYR A 171 -8.49 -6.36 7.22
CA TYR A 171 -7.71 -5.14 7.43
C TYR A 171 -7.42 -4.45 6.11
N PHE A 172 -6.70 -5.13 5.22
CA PHE A 172 -6.34 -4.58 3.92
C PHE A 172 -7.60 -4.19 3.13
N THR A 173 -8.59 -5.08 3.13
CA THR A 173 -9.83 -4.83 2.41
C THR A 173 -10.42 -3.46 2.75
N VAL A 174 -10.15 -2.99 3.97
CA VAL A 174 -10.64 -1.69 4.41
C VAL A 174 -9.78 -0.54 3.90
N LEU A 175 -8.47 -0.66 4.05
CA LEU A 175 -7.54 0.36 3.59
C LEU A 175 -7.85 0.80 2.17
N TRP A 176 -7.90 -0.15 1.25
CA TRP A 176 -8.20 0.13 -0.15
C TRP A 176 -9.57 0.82 -0.26
N ILE A 177 -10.61 0.14 0.24
CA ILE A 177 -11.97 0.68 0.19
C ILE A 177 -11.93 2.13 0.66
N GLY A 178 -11.02 2.40 1.59
CA GLY A 178 -10.88 3.73 2.11
C GLY A 178 -10.25 4.67 1.10
N TYR A 179 -9.09 4.30 0.53
CA TYR A 179 -8.48 5.20 -0.43
C TYR A 179 -9.18 5.08 -1.79
N PRO A 180 -9.16 3.92 -2.53
CA PRO A 180 -9.87 3.88 -3.81
C PRO A 180 -11.26 4.53 -3.82
N ILE A 181 -12.00 4.53 -2.71
CA ILE A 181 -13.31 5.17 -2.73
C ILE A 181 -13.19 6.70 -2.77
N VAL A 182 -12.23 7.26 -2.03
CA VAL A 182 -12.07 8.72 -2.04
C VAL A 182 -11.82 9.26 -3.45
N TRP A 183 -11.12 8.48 -4.29
CA TRP A 183 -10.83 8.89 -5.65
C TRP A 183 -12.04 8.76 -6.58
N ILE A 184 -13.08 8.06 -6.11
CA ILE A 184 -14.31 7.85 -6.88
C ILE A 184 -14.77 9.12 -7.60
N ILE A 185 -14.52 10.28 -7.01
CA ILE A 185 -14.93 11.55 -7.61
C ILE A 185 -14.04 12.70 -7.15
N GLY A 186 -14.05 13.78 -7.93
CA GLY A 186 -13.24 14.93 -7.58
C GLY A 186 -11.96 15.01 -8.39
N PRO A 187 -11.18 16.08 -8.19
CA PRO A 187 -9.93 16.28 -8.88
C PRO A 187 -8.79 15.51 -8.24
N SER A 188 -8.41 14.40 -8.88
CA SER A 188 -7.33 13.54 -8.38
C SER A 188 -7.44 13.30 -6.88
N GLY A 189 -8.49 12.61 -6.48
CA GLY A 189 -8.68 12.32 -5.07
C GLY A 189 -9.48 13.39 -4.36
N PHE A 190 -10.53 12.97 -3.65
CA PHE A 190 -11.38 13.90 -2.92
C PHE A 190 -12.11 14.81 -3.90
N GLY A 191 -13.37 15.14 -3.57
CA GLY A 191 -14.20 15.98 -4.41
C GLY A 191 -13.59 17.33 -4.70
N TRP A 192 -14.43 18.35 -4.87
CA TRP A 192 -13.96 19.69 -5.16
C TRP A 192 -13.16 20.29 -4.00
N ILE A 193 -11.92 19.82 -3.84
CA ILE A 193 -11.05 20.31 -2.77
C ILE A 193 -9.66 20.65 -3.32
N ASN A 194 -8.80 21.12 -2.43
CA ASN A 194 -7.43 21.47 -2.80
C ASN A 194 -6.45 20.38 -2.41
N GLN A 195 -5.17 20.60 -2.66
CA GLN A 195 -4.14 19.63 -2.34
C GLN A 195 -3.90 19.55 -0.84
N THR A 196 -4.04 20.69 -0.16
CA THR A 196 -3.84 20.76 1.28
C THR A 196 -4.63 19.68 2.01
N ILE A 197 -5.96 19.79 1.95
CA ILE A 197 -6.83 18.82 2.61
C ILE A 197 -6.56 17.39 2.12
N ASP A 198 -6.35 17.25 0.82
CA ASP A 198 -6.08 15.93 0.22
C ASP A 198 -4.97 15.21 0.98
N THR A 199 -3.78 15.81 0.99
CA THR A 199 -2.64 15.21 1.68
C THR A 199 -2.94 14.99 3.16
N PHE A 200 -3.89 15.74 3.69
CA PHE A 200 -4.27 15.62 5.09
C PHE A 200 -4.95 14.28 5.36
N LEU A 201 -5.77 13.83 4.41
CA LEU A 201 -6.48 12.58 4.55
C LEU A 201 -5.56 11.39 4.31
N PHE A 202 -4.45 11.62 3.61
CA PHE A 202 -3.49 10.56 3.32
C PHE A 202 -2.46 10.39 4.44
N CYS A 203 -1.79 11.48 4.77
CA CYS A 203 -0.80 11.44 5.83
C CYS A 203 -1.43 10.81 7.06
N LEU A 204 -2.71 11.11 7.26
CA LEU A 204 -3.45 10.58 8.39
C LEU A 204 -3.68 9.08 8.30
N LEU A 205 -4.43 8.60 7.29
CA LEU A 205 -4.67 7.16 7.21
C LEU A 205 -3.48 6.40 6.64
N PRO A 206 -2.97 6.76 5.44
CA PRO A 206 -1.80 6.04 4.93
C PRO A 206 -0.69 5.91 5.98
N PHE A 207 -0.62 6.81 6.96
CA PHE A 207 0.42 6.67 7.99
C PHE A 207 0.05 5.50 8.89
N PHE A 208 -1.24 5.45 9.23
CA PHE A 208 -1.77 4.39 10.08
C PHE A 208 -1.69 3.02 9.41
N SER A 209 -1.61 3.01 8.08
CA SER A 209 -1.53 1.76 7.32
C SER A 209 -0.09 1.30 7.18
N LYS A 210 0.81 2.23 6.89
CA LYS A 210 2.23 1.90 6.72
C LYS A 210 2.78 1.22 7.97
N VAL A 211 2.77 1.94 9.09
CA VAL A 211 3.28 1.40 10.35
C VAL A 211 2.32 0.37 10.96
N GLY A 212 1.02 0.62 10.81
CA GLY A 212 0.04 -0.30 11.35
C GLY A 212 0.13 -1.70 10.77
N PHE A 213 -0.11 -1.81 9.47
CA PHE A 213 -0.05 -3.10 8.78
C PHE A 213 1.31 -3.77 8.97
N SER A 214 2.36 -2.98 9.06
CA SER A 214 3.70 -3.52 9.23
C SER A 214 3.76 -4.50 10.41
N PHE A 215 3.47 -3.99 11.60
CA PHE A 215 3.49 -4.82 12.80
C PHE A 215 2.36 -5.86 12.78
N LEU A 216 1.30 -5.56 12.03
CA LEU A 216 0.16 -6.47 11.93
C LEU A 216 0.56 -7.78 11.26
N ASP A 217 1.16 -7.69 10.08
CA ASP A 217 1.58 -8.87 9.33
C ASP A 217 2.51 -9.75 10.17
N LEU A 218 3.58 -9.15 10.69
CA LEU A 218 4.54 -9.89 11.51
C LEU A 218 3.88 -10.48 12.75
N HIS A 219 3.24 -9.63 13.55
CA HIS A 219 2.57 -10.07 14.76
C HIS A 219 1.64 -11.25 14.48
N GLY A 220 0.92 -11.17 13.37
CA GLY A 220 0.01 -12.24 13.00
C GLY A 220 0.67 -13.60 13.03
N LEU A 221 1.83 -13.70 12.40
CA LEU A 221 2.58 -14.95 12.35
C LEU A 221 2.80 -15.49 13.76
N ARG A 222 3.14 -14.59 14.68
CA ARG A 222 3.38 -14.99 16.06
C ARG A 222 4.48 -16.04 16.15
N ASN A 223 5.69 -15.58 16.48
CA ASN A 223 6.84 -16.49 16.60
C ASN A 223 6.62 -17.48 17.74
N LEU A 224 5.85 -17.07 18.74
CA LEU A 224 5.55 -17.91 19.89
C LEU A 224 6.76 -18.01 20.82
N ASN A 225 7.82 -18.67 20.35
CA ASN A 225 9.04 -18.81 21.14
C ASN A 225 8.72 -19.38 22.53
N ASP A 226 7.65 -20.17 22.61
CA ASP A 226 7.24 -20.76 23.87
C ASP A 226 7.03 -19.69 24.93
N SER A 227 5.84 -19.07 24.90
CA SER A 227 5.51 -18.02 25.87
C SER A 227 4.53 -18.55 26.91
N ARG A 228 5.04 -19.36 27.83
CA ARG A 228 4.21 -19.93 28.89
C ARG A 228 5.07 -20.69 29.89
N GLN A 229 4.51 -20.93 31.08
CA GLN A 229 5.22 -21.65 32.13
C GLN A 229 5.29 -23.15 31.82
C1 RET B . -6.68 4.28 -7.60
C2 RET B . -7.50 4.71 -8.80
C3 RET B . -7.76 3.54 -9.72
C4 RET B . -8.61 2.52 -9.01
C5 RET B . -7.94 2.05 -7.74
C6 RET B . -7.04 2.83 -7.06
C7 RET B . -6.39 2.32 -5.82
C8 RET B . -5.48 3.02 -5.10
C9 RET B . -4.87 2.47 -3.89
C10 RET B . -3.95 3.19 -3.16
C11 RET B . -3.34 2.66 -1.99
C12 RET B . -2.43 3.38 -1.25
C13 RET B . -1.82 2.85 -0.09
C14 RET B . -0.90 3.59 0.66
C15 RET B . -0.29 3.09 1.80
C16 RET B . -6.92 5.32 -6.51
C17 RET B . -5.21 4.34 -7.99
C18 RET B . -8.26 0.66 -7.22
C19 RET B . -5.25 1.07 -3.43
C20 RET B . -2.21 1.44 0.38
H21 RET B . -8.44 5.11 -8.47
H22 RET B . -6.96 5.47 -9.35
H31 RET B . -8.27 3.88 -10.62
H32 RET B . -6.82 3.09 -10.00
H41 RET B . -9.56 2.96 -8.77
H42 RET B . -8.77 1.67 -9.66
H7 RET B . -6.65 1.34 -5.49
H8 RET B . -5.20 3.99 -5.41
H10 RET B . -3.68 4.17 -3.48
H11 RET B . -3.61 1.68 -1.66
H12 RET B . -2.16 4.36 -1.57
H14 RET B . -0.64 4.57 0.33
H15 RET B . -0.55 2.11 2.13
H161 RET B . -7.99 5.51 -6.42
H162 RET B . -6.42 6.24 -6.77
H163 RET B . -6.55 4.96 -5.57
H171 RET B . -4.88 5.37 -7.98
H172 RET B . -4.62 3.76 -7.29
H173 RET B . -5.09 3.93 -8.98
H181 RET B . -8.31 -0.04 -8.03
H182 RET B . -7.50 0.35 -6.51
H183 RET B . -9.22 0.68 -6.71
H191 RET B . -4.56 0.73 -2.68
H192 RET B . -5.22 0.39 -4.28
H193 RET B . -6.26 1.09 -3.03
H201 RET B . -2.11 0.75 -0.45
H202 RET B . -3.22 1.43 0.72
H203 RET B . -1.55 1.14 1.18
N MET A 1 -0.36 33.00 6.44
CA MET A 1 -0.84 32.51 7.77
C MET A 1 -0.24 31.15 8.09
N ASN A 2 -0.05 30.34 7.07
CA ASN A 2 0.52 29.00 7.25
C ASN A 2 2.03 29.03 7.07
N LEU A 3 2.49 29.73 6.03
CA LEU A 3 3.91 29.83 5.74
C LEU A 3 4.46 28.52 5.16
N GLU A 4 4.52 27.49 6.00
CA GLU A 4 5.02 26.19 5.58
C GLU A 4 4.01 25.09 5.89
N SER A 5 4.16 23.96 5.22
CA SER A 5 3.25 22.82 5.42
C SER A 5 3.80 21.87 6.48
N LEU A 6 5.00 21.36 6.23
CA LEU A 6 5.65 20.43 7.15
C LEU A 6 4.82 19.15 7.31
N LEU A 7 3.90 18.91 6.37
CA LEU A 7 3.07 17.72 6.42
C LEU A 7 3.81 16.52 5.85
N HIS A 8 4.34 16.68 4.65
CA HIS A 8 5.09 15.61 4.00
C HIS A 8 6.44 15.40 4.68
N TRP A 9 6.93 16.46 5.34
CA TRP A 9 8.21 16.38 6.04
C TRP A 9 8.10 15.49 7.27
N ILE A 10 7.23 15.87 8.21
CA ILE A 10 7.05 15.10 9.42
C ILE A 10 6.63 13.67 9.09
N TYR A 11 6.08 13.46 7.89
CA TYR A 11 5.64 12.15 7.46
C TYR A 11 6.83 11.20 7.30
N VAL A 12 7.85 11.64 6.58
CA VAL A 12 9.03 10.81 6.36
C VAL A 12 9.74 10.51 7.68
N ALA A 13 9.58 11.41 8.65
CA ALA A 13 10.21 11.23 9.95
C ALA A 13 9.71 9.95 10.61
N GLY A 14 8.39 9.82 10.72
CA GLY A 14 7.82 8.64 11.32
C GLY A 14 8.11 7.39 10.51
N MET A 15 8.39 7.57 9.22
CA MET A 15 8.69 6.46 8.34
C MET A 15 10.09 5.93 8.60
N THR A 16 10.98 6.82 9.05
CA THR A 16 12.36 6.44 9.35
C THR A 16 12.44 5.52 10.54
N ILE A 17 11.96 6.00 11.69
CA ILE A 17 11.97 5.20 12.91
C ILE A 17 11.36 3.82 12.67
N GLY A 18 10.27 3.79 11.91
CA GLY A 18 9.61 2.53 11.62
C GLY A 18 10.54 1.51 11.00
N ALA A 19 11.24 1.91 9.95
CA ALA A 19 12.18 1.03 9.26
C ALA A 19 13.27 0.54 10.21
N LEU A 20 13.64 1.39 11.16
CA LEU A 20 14.68 1.04 12.13
C LEU A 20 14.30 -0.22 12.89
N HIS A 21 13.07 -0.26 13.40
CA HIS A 21 12.59 -1.41 14.15
C HIS A 21 12.72 -2.69 13.32
N PHE A 22 12.35 -2.60 12.05
CA PHE A 22 12.43 -3.75 11.15
C PHE A 22 13.88 -4.10 10.83
N TRP A 23 14.73 -3.08 10.79
CA TRP A 23 16.15 -3.28 10.50
C TRP A 23 16.78 -4.23 11.52
N SER A 24 16.24 -4.24 12.73
CA SER A 24 16.76 -5.09 13.79
C SER A 24 16.22 -6.52 13.66
N LEU A 25 14.94 -6.63 13.30
CA LEU A 25 14.30 -7.93 13.15
C LEU A 25 15.04 -8.78 12.11
N SER A 26 15.76 -8.12 11.21
CA SER A 26 16.50 -8.82 10.17
C SER A 26 17.52 -9.77 10.78
N ARG A 27 17.85 -9.57 12.07
CA ARG A 27 18.81 -10.44 12.75
C ARG A 27 18.43 -11.89 12.52
N ASN A 28 17.12 -12.12 12.45
CA ASN A 28 16.56 -13.45 12.22
C ASN A 28 15.04 -13.33 12.03
N PRO A 29 14.46 -14.01 11.02
CA PRO A 29 13.03 -13.96 10.79
C PRO A 29 12.29 -15.16 11.39
N ARG A 30 11.02 -15.31 11.03
CA ARG A 30 10.21 -16.42 11.54
C ARG A 30 9.40 -17.06 10.42
N GLY A 31 10.06 -17.35 9.30
CA GLY A 31 9.37 -17.95 8.18
C GLY A 31 9.53 -17.13 6.90
N VAL A 32 10.05 -15.93 7.03
CA VAL A 32 10.25 -15.05 5.88
C VAL A 32 11.75 -14.88 5.58
N PRO A 33 12.23 -15.39 4.42
CA PRO A 33 13.66 -15.26 4.06
C PRO A 33 14.10 -13.80 3.99
N GLN A 34 15.41 -13.60 3.97
CA GLN A 34 15.99 -12.25 3.91
C GLN A 34 15.43 -11.45 2.73
N TYR A 35 15.16 -12.10 1.61
CA TYR A 35 14.65 -11.40 0.44
C TYR A 35 13.38 -10.61 0.78
N GLU A 36 12.48 -11.24 1.54
CA GLU A 36 11.24 -10.59 1.92
C GLU A 36 11.53 -9.38 2.83
N TYR A 37 12.37 -9.58 3.83
CA TYR A 37 12.71 -8.51 4.75
C TYR A 37 13.19 -7.29 3.98
N LEU A 38 13.78 -7.53 2.80
CA LEU A 38 14.28 -6.46 1.97
C LEU A 38 13.11 -5.71 1.32
N VAL A 39 12.03 -6.44 1.04
CA VAL A 39 10.86 -5.85 0.43
C VAL A 39 10.30 -4.74 1.31
N ALA A 40 10.36 -4.95 2.61
CA ALA A 40 9.86 -3.96 3.57
C ALA A 40 10.75 -2.72 3.58
N MET A 41 12.02 -2.94 3.97
CA MET A 41 13.03 -1.86 4.04
C MET A 41 12.96 -1.02 2.78
N PHE A 42 13.08 -1.66 1.63
CA PHE A 42 13.01 -0.93 0.37
C PHE A 42 11.67 -0.20 0.33
N ILE A 43 10.68 -0.78 1.01
CA ILE A 43 9.35 -0.22 1.08
C ILE A 43 9.24 1.02 1.98
N PRO A 44 9.53 1.11 3.34
CA PRO A 44 9.33 2.45 3.93
C PRO A 44 10.46 3.42 3.63
N ILE A 45 11.59 2.89 3.17
CA ILE A 45 12.74 3.73 2.87
C ILE A 45 12.48 4.56 1.60
N TRP A 46 11.77 3.96 0.65
CA TRP A 46 11.46 4.65 -0.60
C TRP A 46 10.38 5.70 -0.37
N SER A 47 9.23 5.27 0.14
CA SER A 47 8.13 6.18 0.41
C SER A 47 8.58 7.33 1.31
N GLY A 48 9.50 7.02 2.22
CA GLY A 48 9.99 8.03 3.13
C GLY A 48 10.58 9.23 2.39
N LEU A 49 11.67 9.00 1.67
CA LEU A 49 12.32 10.06 0.92
C LEU A 49 11.34 10.69 -0.07
N ALA A 50 10.35 9.93 -0.49
CA ALA A 50 9.35 10.42 -1.43
C ALA A 50 8.57 11.59 -0.83
N TYR A 51 8.04 11.37 0.36
CA TYR A 51 7.26 12.41 1.06
C TYR A 51 8.14 13.63 1.32
N MET A 52 9.35 13.38 1.79
CA MET A 52 10.28 14.47 2.08
C MET A 52 10.42 15.40 0.89
N ALA A 53 10.22 14.85 -0.30
CA ALA A 53 10.31 15.63 -1.53
C ALA A 53 9.11 16.54 -1.72
N MET A 54 7.92 16.02 -1.43
CA MET A 54 6.69 16.79 -1.57
C MET A 54 6.80 18.12 -0.84
N ALA A 55 7.43 18.11 0.32
CA ALA A 55 7.62 19.33 1.11
C ALA A 55 8.61 20.25 0.43
N ILE A 56 9.68 19.66 -0.10
CA ILE A 56 10.73 20.43 -0.78
C ILE A 56 10.21 21.00 -2.10
N ASP A 57 9.09 20.46 -2.59
CA ASP A 57 8.47 20.91 -3.84
C ASP A 57 9.20 20.32 -5.04
N GLN A 58 9.07 19.01 -5.22
CA GLN A 58 9.71 18.31 -6.32
C GLN A 58 8.91 17.08 -6.72
N GLY A 59 9.19 16.54 -7.90
CA GLY A 59 8.49 15.36 -8.37
C GLY A 59 7.27 15.70 -9.20
N LYS A 60 6.48 16.66 -8.73
CA LYS A 60 5.28 17.08 -9.43
C LYS A 60 5.56 18.35 -10.23
N VAL A 61 4.81 18.52 -11.33
CA VAL A 61 4.98 19.70 -12.18
C VAL A 61 3.66 20.09 -12.84
N GLU A 62 3.48 21.38 -13.07
CA GLU A 62 2.27 21.90 -13.69
C GLU A 62 2.38 21.88 -15.21
N ALA A 63 1.79 20.85 -15.83
CA ALA A 63 1.83 20.72 -17.29
C ALA A 63 0.45 20.99 -17.89
N ALA A 64 0.43 21.79 -18.94
CA ALA A 64 -0.81 22.14 -19.62
C ALA A 64 -1.66 23.08 -18.77
N GLY A 65 -0.99 23.90 -17.96
CA GLY A 65 -1.69 24.84 -17.11
C GLY A 65 -2.50 24.14 -16.02
N GLN A 66 -2.13 22.91 -15.71
CA GLN A 66 -2.82 22.13 -14.69
C GLN A 66 -1.83 21.49 -13.74
N ILE A 67 -2.20 21.41 -12.46
CA ILE A 67 -1.33 20.81 -11.45
C ILE A 67 -1.59 19.31 -11.34
N ALA A 68 -0.66 18.52 -11.86
CA ALA A 68 -0.77 17.07 -11.82
C ALA A 68 0.10 16.47 -10.71
N HIS A 69 -0.52 15.67 -9.86
CA HIS A 69 0.18 15.03 -8.75
C HIS A 69 0.93 13.79 -9.23
N TYR A 70 1.97 14.00 -10.02
CA TYR A 70 2.77 12.89 -10.55
C TYR A 70 3.64 12.29 -9.46
N ALA A 71 4.23 13.15 -8.64
CA ALA A 71 5.09 12.69 -7.56
C ALA A 71 4.36 11.73 -6.62
N ARG A 72 3.05 11.93 -6.51
CA ARG A 72 2.24 11.08 -5.64
C ARG A 72 2.02 9.70 -6.23
N TYR A 73 1.57 9.63 -7.49
CA TYR A 73 1.32 8.35 -8.14
C TYR A 73 2.53 7.43 -8.08
N ILE A 74 3.71 7.93 -8.43
CA ILE A 74 4.91 7.10 -8.39
C ILE A 74 5.07 6.48 -7.00
N ASP A 75 5.02 7.32 -5.97
CA ASP A 75 5.14 6.85 -4.60
C ASP A 75 3.95 5.93 -4.27
N TRP A 76 2.87 6.11 -5.03
CA TRP A 76 1.64 5.34 -4.87
C TRP A 76 1.85 3.93 -5.38
N MET A 77 2.73 3.80 -6.37
CA MET A 77 3.03 2.52 -6.97
C MET A 77 3.89 1.64 -6.04
N VAL A 78 5.15 1.98 -5.90
CA VAL A 78 6.03 1.20 -5.05
C VAL A 78 5.37 0.94 -3.70
N THR A 79 4.64 1.93 -3.22
CA THR A 79 3.97 1.80 -1.95
C THR A 79 2.77 0.86 -2.04
N THR A 80 1.88 1.08 -3.01
CA THR A 80 0.71 0.21 -3.12
C THR A 80 1.07 -1.15 -3.75
N PRO A 81 1.55 -1.25 -5.02
CA PRO A 81 1.93 -2.56 -5.55
C PRO A 81 2.71 -3.47 -4.59
N LEU A 82 3.72 -2.94 -3.90
CA LEU A 82 4.52 -3.76 -2.99
C LEU A 82 3.90 -3.92 -1.60
N LEU A 83 2.85 -3.18 -1.30
CA LEU A 83 2.20 -3.29 0.01
C LEU A 83 1.42 -4.60 0.10
N LEU A 84 0.54 -4.82 -0.88
CA LEU A 84 -0.25 -6.03 -0.92
C LEU A 84 0.65 -7.23 -1.17
N LEU A 85 1.58 -7.10 -2.11
CA LEU A 85 2.50 -8.18 -2.43
C LEU A 85 3.34 -8.54 -1.19
N SER A 86 3.55 -7.55 -0.34
CA SER A 86 4.32 -7.75 0.89
C SER A 86 3.59 -8.69 1.84
N LEU A 87 2.33 -8.36 2.14
CA LEU A 87 1.52 -9.17 3.05
C LEU A 87 1.59 -10.65 2.66
N SER A 88 1.69 -10.89 1.35
CA SER A 88 1.76 -12.26 0.84
C SER A 88 3.00 -12.99 1.35
N TRP A 89 4.17 -12.46 1.02
CA TRP A 89 5.44 -13.06 1.45
C TRP A 89 5.59 -13.09 2.97
N THR A 90 5.31 -11.96 3.61
CA THR A 90 5.42 -11.87 5.07
C THR A 90 4.69 -13.02 5.76
N ALA A 91 3.65 -13.53 5.11
CA ALA A 91 2.88 -14.63 5.66
C ALA A 91 3.53 -15.98 5.34
N MET A 92 4.27 -16.04 4.24
CA MET A 92 4.95 -17.26 3.83
C MET A 92 5.88 -17.78 4.92
N GLN A 93 5.67 -19.04 5.29
CA GLN A 93 6.49 -19.67 6.33
C GLN A 93 7.74 -20.32 5.72
N PHE A 94 7.55 -21.00 4.58
CA PHE A 94 8.65 -21.66 3.90
C PHE A 94 8.36 -21.79 2.41
N ILE A 95 9.28 -22.40 1.66
CA ILE A 95 9.10 -22.59 0.23
C ILE A 95 8.77 -24.03 -0.10
N LYS A 96 7.98 -24.23 -1.16
CA LYS A 96 7.59 -25.57 -1.58
C LYS A 96 6.78 -25.53 -2.88
N LYS A 97 7.18 -24.64 -3.78
CA LYS A 97 6.49 -24.50 -5.06
C LYS A 97 7.09 -23.35 -5.88
N ASP A 98 6.51 -23.09 -7.05
CA ASP A 98 6.98 -22.02 -7.92
C ASP A 98 6.26 -20.71 -7.59
N TRP A 99 6.33 -19.76 -8.52
CA TRP A 99 5.70 -18.46 -8.34
C TRP A 99 4.76 -18.16 -9.51
N THR A 100 4.13 -19.19 -10.03
CA THR A 100 3.20 -19.05 -11.15
C THR A 100 1.93 -18.34 -10.72
N LEU A 101 1.25 -18.89 -9.71
CA LEU A 101 0.01 -18.32 -9.20
C LEU A 101 0.19 -16.84 -8.86
N ILE A 102 1.03 -16.55 -7.88
CA ILE A 102 1.29 -15.18 -7.46
C ILE A 102 1.67 -14.30 -8.64
N GLY A 103 2.23 -14.91 -9.68
CA GLY A 103 2.63 -14.16 -10.86
C GLY A 103 1.46 -13.53 -11.58
N PHE A 104 0.33 -14.24 -11.60
CA PHE A 104 -0.87 -13.74 -12.28
C PHE A 104 -1.60 -12.71 -11.43
N LEU A 105 -1.89 -13.08 -10.18
CA LEU A 105 -2.58 -12.19 -9.26
C LEU A 105 -1.90 -10.82 -9.21
N MET A 106 -0.64 -10.81 -8.82
CA MET A 106 0.14 -9.58 -8.73
C MET A 106 0.00 -8.75 -10.01
N SER A 107 0.41 -9.35 -11.13
CA SER A 107 0.34 -8.68 -12.43
C SER A 107 -0.99 -7.97 -12.65
N THR A 108 -2.05 -8.53 -12.08
CA THR A 108 -3.37 -7.93 -12.20
C THR A 108 -3.41 -6.55 -11.56
N GLN A 109 -2.93 -6.47 -10.32
CA GLN A 109 -2.90 -5.20 -9.60
C GLN A 109 -1.90 -4.24 -10.22
N ILE A 110 -0.75 -4.77 -10.63
CA ILE A 110 0.29 -3.94 -11.25
C ILE A 110 -0.30 -3.10 -12.39
N VAL A 111 -1.21 -3.70 -13.14
CA VAL A 111 -1.85 -3.03 -14.27
C VAL A 111 -2.74 -1.87 -13.82
N VAL A 112 -3.68 -2.16 -12.93
CA VAL A 112 -4.59 -1.13 -12.42
C VAL A 112 -3.84 0.12 -11.98
N ILE A 113 -2.77 -0.07 -11.21
CA ILE A 113 -1.97 1.06 -10.73
C ILE A 113 -1.48 1.92 -11.89
N THR A 114 -1.07 1.27 -12.99
CA THR A 114 -0.59 2.00 -14.14
C THR A 114 -1.62 3.04 -14.57
N SER A 115 -2.90 2.65 -14.49
CA SER A 115 -3.99 3.54 -14.85
C SER A 115 -3.94 4.80 -13.98
N GLY A 116 -3.65 4.61 -12.70
CA GLY A 116 -3.56 5.73 -11.77
C GLY A 116 -2.68 6.85 -12.30
N LEU A 117 -1.42 6.52 -12.55
CA LEU A 117 -0.45 7.50 -13.05
C LEU A 117 -1.04 8.30 -14.21
N ILE A 118 -1.41 7.59 -15.27
CA ILE A 118 -1.97 8.23 -16.46
C ILE A 118 -3.15 9.14 -16.10
N ALA A 119 -3.99 8.70 -15.18
CA ALA A 119 -5.15 9.48 -14.76
C ALA A 119 -4.76 10.93 -14.44
N ASP A 120 -3.60 11.08 -13.79
CA ASP A 120 -3.10 12.40 -13.43
C ASP A 120 -2.46 13.08 -14.63
N LEU A 121 -1.95 12.28 -15.56
CA LEU A 121 -1.31 12.80 -16.75
C LEU A 121 -2.29 12.82 -17.92
N SER A 122 -3.58 12.96 -17.60
CA SER A 122 -4.62 12.99 -18.60
C SER A 122 -4.59 14.30 -19.40
N GLU A 123 -5.23 14.29 -20.57
CA GLU A 123 -5.27 15.47 -21.43
C GLU A 123 -6.71 15.91 -21.64
N ARG A 124 -7.64 14.97 -21.56
CA ARG A 124 -9.06 15.26 -21.74
C ARG A 124 -9.83 15.01 -20.44
N ASP A 125 -10.68 15.97 -20.08
CA ASP A 125 -11.47 15.85 -18.86
C ASP A 125 -12.38 14.61 -18.90
N TRP A 126 -12.64 14.11 -20.10
CA TRP A 126 -13.49 12.93 -20.26
C TRP A 126 -12.67 11.65 -20.17
N VAL A 127 -11.44 11.70 -20.66
CA VAL A 127 -10.56 10.54 -20.63
C VAL A 127 -10.21 10.14 -19.20
N ARG A 128 -10.28 11.09 -18.28
CA ARG A 128 -9.97 10.82 -16.88
C ARG A 128 -11.12 10.12 -16.19
N TYR A 129 -12.34 10.35 -16.68
CA TYR A 129 -13.52 9.73 -16.09
C TYR A 129 -13.58 8.25 -16.46
N LEU A 130 -13.18 7.94 -17.69
CA LEU A 130 -13.19 6.57 -18.17
C LEU A 130 -12.02 5.78 -17.56
N TRP A 131 -10.95 6.48 -17.23
CA TRP A 131 -9.78 5.86 -16.64
C TRP A 131 -10.01 5.54 -15.17
N TYR A 132 -10.43 6.55 -14.41
CA TYR A 132 -10.69 6.36 -12.99
C TYR A 132 -11.62 5.17 -12.76
N ILE A 133 -12.58 5.01 -13.66
CA ILE A 133 -13.54 3.91 -13.57
C ILE A 133 -12.92 2.60 -14.06
N CYS A 134 -11.87 2.70 -14.87
CA CYS A 134 -11.20 1.53 -15.41
C CYS A 134 -10.46 0.77 -14.32
N GLY A 135 -9.79 1.50 -13.44
CA GLY A 135 -9.04 0.87 -12.36
C GLY A 135 -9.92 0.32 -11.26
N VAL A 136 -10.87 1.11 -10.78
CA VAL A 136 -11.76 0.67 -9.72
C VAL A 136 -12.38 -0.68 -10.04
N CYS A 137 -12.76 -0.88 -11.30
CA CYS A 137 -13.36 -2.14 -11.73
C CYS A 137 -12.38 -3.30 -11.53
N ALA A 138 -11.22 -3.19 -12.15
CA ALA A 138 -10.20 -4.23 -12.04
C ALA A 138 -9.84 -4.50 -10.58
N PHE A 139 -9.87 -3.44 -9.77
CA PHE A 139 -9.55 -3.56 -8.35
C PHE A 139 -10.46 -4.57 -7.66
N LEU A 140 -11.77 -4.38 -7.84
CA LEU A 140 -12.75 -5.28 -7.24
C LEU A 140 -12.43 -6.73 -7.57
N ILE A 141 -11.97 -6.97 -8.79
CA ILE A 141 -11.61 -8.32 -9.23
C ILE A 141 -10.46 -8.87 -8.40
N ILE A 142 -9.45 -8.03 -8.15
CA ILE A 142 -8.30 -8.44 -7.37
C ILE A 142 -8.70 -8.90 -5.98
N LEU A 143 -9.60 -8.14 -5.35
CA LEU A 143 -10.08 -8.46 -4.01
C LEU A 143 -10.54 -9.91 -3.94
N TRP A 144 -11.35 -10.31 -4.92
CA TRP A 144 -11.87 -11.68 -4.96
C TRP A 144 -10.73 -12.67 -5.26
N GLY A 145 -9.62 -12.16 -5.78
CA GLY A 145 -8.49 -13.03 -6.11
C GLY A 145 -7.61 -13.34 -4.91
N ILE A 146 -7.52 -12.39 -3.97
CA ILE A 146 -6.68 -12.59 -2.78
C ILE A 146 -7.33 -13.58 -1.82
N TRP A 147 -8.65 -13.50 -1.66
CA TRP A 147 -9.37 -14.40 -0.76
C TRP A 147 -9.85 -15.65 -1.49
N ASN A 148 -9.81 -15.60 -2.82
CA ASN A 148 -10.24 -16.74 -3.64
C ASN A 148 -9.62 -18.06 -3.15
N PRO A 149 -8.29 -18.10 -2.94
CA PRO A 149 -7.60 -19.32 -2.46
C PRO A 149 -8.22 -19.90 -1.20
N LEU A 150 -9.03 -19.12 -0.50
CA LEU A 150 -9.71 -19.55 0.74
C LEU A 150 -10.27 -20.97 0.62
N ARG A 151 -10.63 -21.37 -0.60
CA ARG A 151 -11.18 -22.71 -0.84
C ARG A 151 -10.17 -23.79 -0.46
N ALA A 152 -10.30 -24.97 -1.06
CA ALA A 152 -9.38 -26.08 -0.77
C ALA A 152 -7.92 -25.64 -0.91
N LYS A 153 -7.68 -24.62 -1.72
CA LYS A 153 -6.33 -24.11 -1.93
C LYS A 153 -5.71 -23.66 -0.61
N THR A 154 -6.53 -23.09 0.26
CA THR A 154 -6.06 -22.60 1.55
C THR A 154 -5.90 -23.75 2.54
N ARG A 155 -6.67 -24.82 2.34
CA ARG A 155 -6.61 -25.98 3.22
C ARG A 155 -5.36 -26.80 2.95
N THR A 156 -4.90 -26.79 1.70
CA THR A 156 -3.71 -27.54 1.31
C THR A 156 -2.43 -26.83 1.77
N GLN A 157 -2.45 -25.51 1.73
CA GLN A 157 -1.29 -24.73 2.15
C GLN A 157 -1.21 -24.66 3.67
N SER A 158 -2.08 -23.85 4.27
CA SER A 158 -2.11 -23.70 5.71
C SER A 158 -3.45 -23.14 6.16
N SER A 159 -4.21 -23.95 6.89
CA SER A 159 -5.52 -23.53 7.38
C SER A 159 -5.38 -22.53 8.53
N GLU A 160 -4.27 -22.62 9.25
CA GLU A 160 -4.01 -21.73 10.37
C GLU A 160 -3.58 -20.35 9.88
N LEU A 161 -2.48 -20.31 9.14
CA LEU A 161 -1.96 -19.06 8.60
C LEU A 161 -2.98 -18.38 7.70
N ALA A 162 -3.86 -19.18 7.11
CA ALA A 162 -4.89 -18.65 6.22
C ALA A 162 -6.08 -18.11 7.01
N ASN A 163 -6.31 -18.67 8.19
CA ASN A 163 -7.41 -18.23 9.03
C ASN A 163 -7.20 -16.80 9.51
N LEU A 164 -6.03 -16.54 10.08
CA LEU A 164 -5.69 -15.21 10.57
C LEU A 164 -5.41 -14.25 9.43
N TYR A 165 -4.71 -14.74 8.41
CA TYR A 165 -4.37 -13.92 7.24
C TYR A 165 -5.63 -13.45 6.52
N ASP A 166 -6.73 -14.19 6.70
CA ASP A 166 -7.99 -13.83 6.06
C ASP A 166 -8.66 -12.65 6.77
N LYS A 167 -8.82 -12.77 8.08
CA LYS A 167 -9.44 -11.72 8.87
C LYS A 167 -8.55 -10.47 8.91
N LEU A 168 -7.25 -10.67 8.73
CA LEU A 168 -6.30 -9.55 8.74
C LEU A 168 -6.44 -8.69 7.49
N VAL A 169 -6.15 -9.29 6.34
CA VAL A 169 -6.24 -8.58 5.06
C VAL A 169 -7.57 -7.85 4.93
N THR A 170 -8.61 -8.38 5.56
CA THR A 170 -9.94 -7.76 5.50
C THR A 170 -9.95 -6.42 6.20
N TYR A 171 -9.44 -6.39 7.43
CA TYR A 171 -9.40 -5.15 8.21
C TYR A 171 -8.54 -4.10 7.51
N PHE A 172 -7.41 -4.55 6.99
CA PHE A 172 -6.49 -3.66 6.30
C PHE A 172 -7.13 -3.10 5.03
N THR A 173 -7.81 -3.97 4.28
CA THR A 173 -8.48 -3.56 3.05
C THR A 173 -9.61 -2.59 3.35
N VAL A 174 -10.21 -2.72 4.53
CA VAL A 174 -11.30 -1.85 4.93
C VAL A 174 -10.80 -0.43 5.22
N LEU A 175 -9.53 -0.33 5.59
CA LEU A 175 -8.93 0.96 5.89
C LEU A 175 -8.80 1.78 4.61
N TRP A 176 -8.12 1.22 3.62
CA TRP A 176 -7.91 1.91 2.35
C TRP A 176 -9.26 2.39 1.79
N ILE A 177 -10.26 1.49 1.91
CA ILE A 177 -11.63 1.74 1.44
C ILE A 177 -12.11 3.11 1.89
N GLY A 178 -12.03 3.38 3.18
CA GLY A 178 -12.45 4.68 3.65
C GLY A 178 -11.65 5.75 2.93
N TYR A 179 -10.44 5.37 2.51
CA TYR A 179 -9.53 6.25 1.81
C TYR A 179 -9.87 6.45 0.30
N PRO A 180 -9.98 5.46 -0.69
CA PRO A 180 -10.30 5.99 -2.02
C PRO A 180 -11.77 6.37 -2.16
N ILE A 181 -12.60 5.89 -1.23
CA ILE A 181 -14.01 6.20 -1.26
C ILE A 181 -14.27 7.67 -0.94
N VAL A 182 -13.50 8.22 0.01
CA VAL A 182 -13.66 9.63 0.37
C VAL A 182 -13.15 10.52 -0.74
N TRP A 183 -12.14 10.05 -1.46
CA TRP A 183 -11.58 10.81 -2.57
C TRP A 183 -12.31 10.54 -3.88
N ILE A 184 -13.13 9.51 -3.91
CA ILE A 184 -13.88 9.16 -5.11
C ILE A 184 -14.80 10.30 -5.55
N ILE A 185 -15.17 11.17 -4.62
CA ILE A 185 -16.05 12.30 -4.94
C ILE A 185 -15.37 13.64 -4.63
N GLY A 186 -15.96 14.72 -5.12
CA GLY A 186 -15.40 16.05 -4.89
C GLY A 186 -13.98 16.17 -5.39
N PRO A 187 -13.40 17.39 -5.36
CA PRO A 187 -12.03 17.62 -5.81
C PRO A 187 -11.02 17.21 -4.75
N SER A 188 -10.67 15.93 -4.74
CA SER A 188 -9.71 15.41 -3.79
C SER A 188 -10.23 15.50 -2.35
N GLY A 189 -11.56 15.58 -2.21
CA GLY A 189 -12.14 15.68 -0.89
C GLY A 189 -13.66 15.67 -0.91
N PHE A 190 -14.25 15.77 0.27
CA PHE A 190 -15.71 15.78 0.40
C PHE A 190 -16.31 16.99 -0.29
N GLY A 191 -16.55 16.87 -1.59
CA GLY A 191 -17.12 17.98 -2.35
C GLY A 191 -16.32 19.24 -2.19
N TRP A 192 -16.99 20.39 -2.24
CA TRP A 192 -16.32 21.69 -2.10
C TRP A 192 -15.35 21.69 -0.93
N ILE A 193 -14.07 21.46 -1.23
CA ILE A 193 -13.04 21.42 -0.20
C ILE A 193 -11.78 22.15 -0.65
N ASN A 194 -10.78 22.16 0.22
CA ASN A 194 -9.52 22.83 -0.08
C ASN A 194 -8.38 21.82 -0.18
N GLN A 195 -7.30 22.20 -0.85
CA GLN A 195 -6.14 21.33 -1.02
C GLN A 195 -5.53 20.95 0.32
N THR A 196 -5.68 21.83 1.31
CA THR A 196 -5.16 21.59 2.64
C THR A 196 -5.83 20.40 3.31
N ILE A 197 -7.12 20.52 3.57
CA ILE A 197 -7.88 19.46 4.21
C ILE A 197 -7.66 18.12 3.53
N ASP A 198 -7.34 18.14 2.23
CA ASP A 198 -7.11 16.91 1.48
C ASP A 198 -5.88 16.17 1.99
N THR A 199 -4.73 16.82 1.93
CA THR A 199 -3.47 16.22 2.38
C THR A 199 -3.52 15.87 3.87
N PHE A 200 -4.44 16.49 4.60
CA PHE A 200 -4.59 16.24 6.02
C PHE A 200 -5.16 14.85 6.30
N LEU A 201 -6.19 14.47 5.56
CA LEU A 201 -6.82 13.17 5.73
C LEU A 201 -5.92 12.03 5.27
N PHE A 202 -5.14 12.25 4.21
CA PHE A 202 -4.26 11.20 3.73
C PHE A 202 -3.29 10.78 4.84
N CYS A 203 -2.69 11.77 5.47
CA CYS A 203 -1.77 11.50 6.56
C CYS A 203 -2.51 10.66 7.59
N LEU A 204 -3.80 10.94 7.72
CA LEU A 204 -4.64 10.23 8.67
C LEU A 204 -4.77 8.75 8.30
N LEU A 205 -5.37 8.43 7.14
CA LEU A 205 -5.51 7.02 6.79
C LEU A 205 -4.27 6.43 6.11
N PRO A 206 -3.76 7.02 5.00
CA PRO A 206 -2.55 6.46 4.39
C PRO A 206 -1.42 6.19 5.39
N PHE A 207 -1.27 7.00 6.44
CA PHE A 207 -0.20 6.73 7.40
C PHE A 207 -0.64 5.58 8.30
N PHE A 208 -1.92 5.57 8.65
CA PHE A 208 -2.49 4.54 9.50
C PHE A 208 -2.34 3.16 8.85
N SER A 209 -2.11 3.14 7.54
CA SER A 209 -1.94 1.90 6.81
C SER A 209 -0.50 1.41 6.93
N LYS A 210 0.44 2.33 6.78
CA LYS A 210 1.86 1.98 6.89
C LYS A 210 2.14 1.31 8.23
N VAL A 211 1.68 1.95 9.30
CA VAL A 211 1.86 1.44 10.65
C VAL A 211 0.94 0.26 10.94
N GLY A 212 -0.22 0.24 10.27
CA GLY A 212 -1.17 -0.83 10.48
C GLY A 212 -0.71 -2.15 9.89
N PHE A 213 -0.05 -2.10 8.75
CA PHE A 213 0.44 -3.30 8.09
C PHE A 213 1.59 -3.93 8.87
N SER A 214 2.53 -3.11 9.33
CA SER A 214 3.67 -3.59 10.08
C SER A 214 3.24 -4.46 11.26
N PHE A 215 2.50 -3.86 12.19
CA PHE A 215 2.03 -4.58 13.37
C PHE A 215 1.03 -5.67 12.99
N LEU A 216 0.41 -5.52 11.82
CA LEU A 216 -0.57 -6.50 11.35
C LEU A 216 0.10 -7.83 11.00
N ASP A 217 1.21 -7.75 10.27
CA ASP A 217 1.94 -8.95 9.88
C ASP A 217 2.59 -9.63 11.08
N LEU A 218 3.01 -8.83 12.05
CA LEU A 218 3.64 -9.35 13.25
C LEU A 218 2.61 -10.02 14.15
N HIS A 219 1.63 -9.24 14.59
CA HIS A 219 0.58 -9.74 15.46
C HIS A 219 -0.14 -10.93 14.83
N GLY A 220 -0.21 -10.92 13.50
CA GLY A 220 -0.86 -12.00 12.78
C GLY A 220 -0.24 -13.35 13.07
N LEU A 221 1.04 -13.49 12.78
CA LEU A 221 1.75 -14.74 13.01
C LEU A 221 1.53 -15.24 14.44
N ARG A 222 1.58 -14.31 15.39
CA ARG A 222 1.37 -14.65 16.79
C ARG A 222 2.36 -15.73 17.24
N ASN A 223 3.61 -15.33 17.44
CA ASN A 223 4.65 -16.26 17.87
C ASN A 223 4.24 -16.98 19.15
N LEU A 224 4.96 -18.06 19.48
CA LEU A 224 4.67 -18.82 20.69
C LEU A 224 5.91 -18.96 21.55
N ASN A 225 5.70 -19.00 22.87
CA ASN A 225 6.81 -19.12 23.81
C ASN A 225 6.86 -20.51 24.42
N ASP A 226 5.69 -21.07 24.72
CA ASP A 226 5.60 -22.39 25.30
C ASP A 226 5.27 -23.43 24.24
N SER A 227 6.18 -23.61 23.29
CA SER A 227 5.99 -24.58 22.21
C SER A 227 6.86 -25.80 22.41
N ARG A 228 8.18 -25.60 22.37
CA ARG A 228 9.12 -26.70 22.55
C ARG A 228 10.14 -26.36 23.64
N GLN A 229 10.85 -27.37 24.11
CA GLN A 229 11.86 -27.20 25.15
C GLN A 229 13.25 -27.12 24.55
C1 RET B . -5.78 3.80 -8.14
C2 RET B . -6.32 4.14 -9.53
C3 RET B . -7.21 3.04 -10.04
C4 RET B . -8.43 2.93 -9.17
C5 RET B . -8.04 2.65 -7.73
C6 RET B . -6.82 3.04 -7.23
C7 RET B . -6.48 2.72 -5.81
C8 RET B . -5.30 3.05 -5.23
C9 RET B . -5.01 2.72 -3.84
C10 RET B . -3.81 3.05 -3.25
C11 RET B . -3.51 2.73 -1.90
C12 RET B . -2.32 3.07 -1.31
C13 RET B . -2.03 2.75 0.03
C14 RET B . -0.80 3.10 0.63
C15 RET B . -0.50 2.79 1.93
C16 RET B . -5.37 5.12 -7.50
C17 RET B . -4.54 2.94 -8.33
C18 RET B . -9.04 1.91 -6.84
C19 RET B . -6.06 1.98 -3.02
C20 RET B . -3.07 2.00 0.86
H21 RET B . -6.88 5.06 -9.48
H22 RET B . -5.48 4.27 -10.21
H31 RET B . -7.51 3.27 -11.05
H32 RET B . -6.67 2.10 -10.02
H41 RET B . -8.98 3.85 -9.22
H42 RET B . -9.06 2.13 -9.54
H7 RET B . -7.20 2.20 -5.22
H8 RET B . -4.57 3.56 -5.80
H10 RET B . -3.08 3.58 -3.83
H11 RET B . -4.24 2.21 -1.32
H12 RET B . -1.58 3.59 -1.89
H14 RET B . -0.08 3.63 0.04
H15 RET B . -1.22 2.27 2.52
H161 RET B . -6.17 5.84 -7.62
H162 RET B . -4.48 5.48 -7.96
H163 RET B . -5.20 4.96 -6.44
H171 RET B . -3.70 3.57 -8.59
H172 RET B . -4.31 2.42 -7.40
H173 RET B . -4.71 2.22 -9.10
H181 RET B . -9.49 1.11 -7.39
H182 RET B . -8.52 1.52 -5.98
H183 RET B . -9.80 2.61 -6.51
H191 RET B . -5.61 1.61 -2.11
H192 RET B . -6.44 1.15 -3.58
H193 RET B . -6.87 2.65 -2.78
H201 RET B . -3.40 1.13 0.31
H202 RET B . -3.92 2.65 1.05
H203 RET B . -2.63 1.70 1.80
N MET A 1 2.51 16.87 16.98
CA MET A 1 3.20 18.17 17.11
C MET A 1 2.46 19.26 16.32
N ASN A 2 2.06 20.31 17.03
CA ASN A 2 1.34 21.43 16.40
C ASN A 2 2.29 22.58 16.09
N LEU A 3 1.74 23.68 15.59
CA LEU A 3 2.53 24.85 15.25
C LEU A 3 3.60 24.52 14.21
N GLU A 4 3.42 23.40 13.51
CA GLU A 4 4.38 22.99 12.48
C GLU A 4 3.71 22.13 11.43
N SER A 5 3.07 22.78 10.46
CA SER A 5 2.38 22.06 9.39
C SER A 5 3.38 21.58 8.32
N LEU A 6 3.73 20.30 8.39
CA LEU A 6 4.67 19.72 7.44
C LEU A 6 4.58 18.21 7.46
N LEU A 7 3.47 17.69 6.94
CA LEU A 7 3.25 16.24 6.90
C LEU A 7 4.27 15.56 6.00
N HIS A 8 4.57 16.16 4.86
CA HIS A 8 5.54 15.60 3.93
C HIS A 8 6.90 15.44 4.58
N TRP A 9 7.23 16.34 5.51
CA TRP A 9 8.49 16.29 6.22
C TRP A 9 8.49 15.21 7.28
N ILE A 10 7.43 15.18 8.09
CA ILE A 10 7.30 14.19 9.14
C ILE A 10 7.28 12.78 8.58
N TYR A 11 6.68 12.64 7.39
CA TYR A 11 6.58 11.34 6.74
C TYR A 11 7.97 10.77 6.47
N VAL A 12 8.75 11.47 5.65
CA VAL A 12 10.10 11.02 5.31
C VAL A 12 10.89 10.70 6.57
N ALA A 13 10.57 11.40 7.66
CA ALA A 13 11.25 11.20 8.92
C ALA A 13 10.90 9.84 9.52
N GLY A 14 9.60 9.53 9.52
CA GLY A 14 9.15 8.27 10.06
C GLY A 14 9.60 7.08 9.23
N MET A 15 9.86 7.34 7.96
CA MET A 15 10.31 6.29 7.04
C MET A 15 11.79 5.99 7.25
N THR A 16 12.55 7.02 7.63
CA THR A 16 13.98 6.87 7.85
C THR A 16 14.24 5.88 8.98
N ILE A 17 13.62 6.12 10.13
CA ILE A 17 13.78 5.25 11.29
C ILE A 17 13.19 3.87 11.02
N GLY A 18 12.18 3.83 10.16
CA GLY A 18 11.54 2.57 9.82
C GLY A 18 12.52 1.55 9.28
N ALA A 19 13.25 1.95 8.24
CA ALA A 19 14.24 1.07 7.63
C ALA A 19 15.35 0.73 8.61
N LEU A 20 15.63 1.65 9.53
CA LEU A 20 16.67 1.44 10.52
C LEU A 20 16.29 0.31 11.47
N HIS A 21 15.05 0.34 11.95
CA HIS A 21 14.56 -0.68 12.88
C HIS A 21 14.69 -2.07 12.26
N PHE A 22 14.32 -2.18 10.99
CA PHE A 22 14.38 -3.46 10.27
C PHE A 22 15.82 -3.97 10.25
N TRP A 23 16.76 -3.08 9.98
CA TRP A 23 18.17 -3.45 9.93
C TRP A 23 18.58 -4.20 11.18
N SER A 24 18.04 -3.78 12.32
CA SER A 24 18.34 -4.42 13.60
C SER A 24 17.86 -5.87 13.60
N LEU A 25 16.65 -6.09 13.09
CA LEU A 25 16.08 -7.43 13.03
C LEU A 25 16.80 -8.30 12.00
N SER A 26 17.69 -7.69 11.21
CA SER A 26 18.42 -8.43 10.20
C SER A 26 19.29 -9.53 10.82
N ARG A 27 19.49 -9.46 12.14
CA ARG A 27 20.29 -10.47 12.83
C ARG A 27 19.79 -11.85 12.44
N ASN A 28 18.49 -11.93 12.20
CA ASN A 28 17.84 -13.16 11.81
C ASN A 28 16.33 -12.89 11.58
N PRO A 29 15.73 -13.38 10.49
CA PRO A 29 14.31 -13.16 10.22
C PRO A 29 13.44 -14.28 10.78
N ARG A 30 13.76 -15.52 10.43
CA ARG A 30 13.01 -16.67 10.89
C ARG A 30 11.59 -16.67 10.33
N GLY A 31 11.33 -17.57 9.40
CA GLY A 31 10.02 -17.66 8.78
C GLY A 31 9.98 -17.00 7.41
N VAL A 32 10.78 -15.96 7.24
CA VAL A 32 10.83 -15.24 5.97
C VAL A 32 12.28 -15.05 5.52
N PRO A 33 12.70 -15.68 4.41
CA PRO A 33 14.08 -15.55 3.90
C PRO A 33 14.48 -14.10 3.67
N GLN A 34 15.79 -13.88 3.51
CA GLN A 34 16.34 -12.56 3.28
C GLN A 34 15.62 -11.78 2.19
N TYR A 35 15.37 -12.43 1.05
CA TYR A 35 14.69 -11.77 -0.07
C TYR A 35 13.42 -11.06 0.37
N GLU A 36 12.81 -11.56 1.45
CA GLU A 36 11.59 -10.96 1.96
C GLU A 36 11.89 -9.70 2.77
N TYR A 37 12.73 -9.86 3.79
CA TYR A 37 13.11 -8.72 4.63
C TYR A 37 13.67 -7.59 3.77
N LEU A 38 14.26 -7.96 2.64
CA LEU A 38 14.84 -6.98 1.72
C LEU A 38 13.75 -6.19 1.02
N VAL A 39 12.67 -6.88 0.66
CA VAL A 39 11.55 -6.24 -0.02
C VAL A 39 11.05 -5.03 0.77
N ALA A 40 10.66 -5.26 2.02
CA ALA A 40 10.16 -4.19 2.89
C ALA A 40 11.11 -2.99 2.86
N MET A 41 12.40 -3.27 3.09
CA MET A 41 13.43 -2.23 3.08
C MET A 41 13.24 -1.32 1.89
N PHE A 42 13.02 -1.93 0.73
CA PHE A 42 12.79 -1.16 -0.47
C PHE A 42 11.53 -0.34 -0.26
N ILE A 43 10.59 -0.95 0.47
CA ILE A 43 9.33 -0.31 0.79
C ILE A 43 9.49 0.92 1.70
N PRO A 44 10.03 0.92 2.99
CA PRO A 44 10.06 2.25 3.64
C PRO A 44 11.20 3.15 3.17
N ILE A 45 12.19 2.59 2.50
CA ILE A 45 13.33 3.39 2.02
C ILE A 45 12.96 4.23 0.80
N TRP A 46 12.22 3.65 -0.15
CA TRP A 46 11.83 4.37 -1.36
C TRP A 46 10.77 5.41 -1.03
N SER A 47 9.67 4.95 -0.41
CA SER A 47 8.59 5.85 -0.04
C SER A 47 9.08 6.96 0.88
N GLY A 48 10.20 6.71 1.56
CA GLY A 48 10.75 7.68 2.46
C GLY A 48 11.26 8.92 1.74
N LEU A 49 12.15 8.71 0.78
CA LEU A 49 12.72 9.81 0.01
C LEU A 49 11.65 10.55 -0.78
N ALA A 50 10.74 9.79 -1.37
CA ALA A 50 9.66 10.37 -2.16
C ALA A 50 8.92 11.45 -1.38
N TYR A 51 8.39 11.10 -0.22
CA TYR A 51 7.65 12.05 0.61
C TYR A 51 8.50 13.29 0.89
N MET A 52 9.80 13.10 1.02
CA MET A 52 10.71 14.21 1.29
C MET A 52 10.48 15.35 0.29
N ALA A 53 10.45 15.00 -0.99
CA ALA A 53 10.23 15.97 -2.05
C ALA A 53 8.90 16.68 -1.89
N MET A 54 7.86 15.91 -1.52
CA MET A 54 6.53 16.48 -1.34
C MET A 54 6.59 17.69 -0.41
N ALA A 55 7.52 17.67 0.53
CA ALA A 55 7.67 18.77 1.47
C ALA A 55 8.36 19.96 0.80
N ILE A 56 9.31 19.66 -0.08
CA ILE A 56 10.04 20.71 -0.80
C ILE A 56 9.18 21.36 -1.88
N ASP A 57 8.02 20.77 -2.18
CA ASP A 57 7.12 21.30 -3.20
C ASP A 57 7.68 21.07 -4.60
N GLN A 58 8.26 19.90 -4.82
CA GLN A 58 8.83 19.56 -6.11
C GLN A 58 8.41 18.15 -6.53
N GLY A 59 7.12 17.99 -6.79
CA GLY A 59 6.61 16.69 -7.20
C GLY A 59 5.17 16.74 -7.66
N LYS A 60 4.80 17.81 -8.35
CA LYS A 60 3.44 17.98 -8.84
C LYS A 60 3.46 18.60 -10.24
N VAL A 61 2.63 18.07 -11.15
CA VAL A 61 2.58 18.60 -12.52
C VAL A 61 1.24 19.28 -12.83
N GLU A 62 1.30 20.61 -12.87
CA GLU A 62 0.12 21.42 -13.15
C GLU A 62 0.44 22.49 -14.20
N ALA A 63 0.37 22.11 -15.47
CA ALA A 63 0.64 23.03 -16.56
C ALA A 63 -0.59 23.21 -17.44
N ALA A 64 -1.32 24.30 -17.21
CA ALA A 64 -2.51 24.60 -17.99
C ALA A 64 -3.65 23.64 -17.68
N GLY A 65 -4.40 23.92 -16.62
CA GLY A 65 -5.51 23.07 -16.25
C GLY A 65 -5.10 21.62 -16.04
N GLN A 66 -3.87 21.42 -15.60
CA GLN A 66 -3.38 20.07 -15.38
C GLN A 66 -3.48 19.72 -13.89
N ILE A 67 -3.16 18.48 -13.58
CA ILE A 67 -3.24 18.00 -12.21
C ILE A 67 -1.88 17.86 -11.52
N ALA A 68 -1.69 18.57 -10.42
CA ALA A 68 -0.43 18.50 -9.72
C ALA A 68 -0.44 17.33 -8.71
N HIS A 69 0.08 16.18 -9.13
CA HIS A 69 0.12 15.00 -8.26
C HIS A 69 0.80 13.81 -8.95
N TYR A 70 1.64 14.10 -9.93
CA TYR A 70 2.34 13.05 -10.67
C TYR A 70 3.35 12.32 -9.77
N ALA A 71 4.22 13.09 -9.11
CA ALA A 71 5.22 12.50 -8.22
C ALA A 71 4.57 11.63 -7.16
N ARG A 72 3.30 11.88 -6.89
CA ARG A 72 2.58 11.10 -5.90
C ARG A 72 2.34 9.68 -6.39
N TYR A 73 1.79 9.56 -7.59
CA TYR A 73 1.51 8.25 -8.17
C TYR A 73 2.72 7.31 -8.10
N ILE A 74 3.88 7.78 -8.56
CA ILE A 74 5.08 6.95 -8.53
C ILE A 74 5.35 6.40 -7.13
N ASP A 75 5.34 7.29 -6.13
CA ASP A 75 5.57 6.85 -4.76
C ASP A 75 4.44 5.96 -4.31
N TRP A 76 3.25 6.20 -4.85
CA TRP A 76 2.09 5.41 -4.51
C TRP A 76 2.18 4.04 -5.14
N MET A 77 3.10 3.87 -6.09
CA MET A 77 3.29 2.58 -6.75
C MET A 77 4.11 1.65 -5.87
N VAL A 78 5.42 1.93 -5.79
CA VAL A 78 6.28 1.10 -4.98
C VAL A 78 5.67 0.92 -3.59
N THR A 79 4.92 1.92 -3.17
CA THR A 79 4.27 1.89 -1.88
C THR A 79 3.03 0.98 -1.95
N THR A 80 2.14 1.19 -2.93
CA THR A 80 0.95 0.34 -3.01
C THR A 80 1.30 -1.05 -3.55
N PRO A 81 1.81 -1.23 -4.81
CA PRO A 81 2.18 -2.58 -5.24
C PRO A 81 2.94 -3.42 -4.18
N LEU A 82 3.94 -2.83 -3.49
CA LEU A 82 4.70 -3.60 -2.49
C LEU A 82 4.02 -3.66 -1.12
N LEU A 83 2.93 -2.92 -0.94
CA LEU A 83 2.21 -2.92 0.32
C LEU A 83 1.44 -4.22 0.45
N LEU A 84 0.87 -4.67 -0.66
CA LEU A 84 0.12 -5.92 -0.68
C LEU A 84 1.09 -7.07 -0.60
N LEU A 85 2.04 -7.06 -1.52
CA LEU A 85 3.06 -8.08 -1.56
C LEU A 85 3.66 -8.26 -0.18
N SER A 86 3.81 -7.13 0.52
CA SER A 86 4.37 -7.14 1.86
C SER A 86 3.54 -7.98 2.81
N LEU A 87 2.22 -7.82 2.78
CA LEU A 87 1.34 -8.60 3.65
C LEU A 87 1.41 -10.08 3.31
N SER A 88 1.74 -10.37 2.06
CA SER A 88 1.85 -11.75 1.60
C SER A 88 2.86 -12.55 2.41
N TRP A 89 4.10 -12.07 2.45
CA TRP A 89 5.16 -12.75 3.20
C TRP A 89 5.16 -12.37 4.68
N THR A 90 4.80 -11.13 4.98
CA THR A 90 4.78 -10.66 6.36
C THR A 90 3.80 -11.46 7.22
N ALA A 91 2.81 -12.06 6.57
CA ALA A 91 1.82 -12.86 7.29
C ALA A 91 2.17 -14.34 7.26
N MET A 92 2.53 -14.85 6.08
CA MET A 92 2.88 -16.26 5.94
C MET A 92 4.38 -16.45 5.85
N GLN A 93 4.87 -17.54 6.47
CA GLN A 93 6.29 -17.84 6.47
C GLN A 93 6.68 -18.67 5.25
N PHE A 94 5.72 -19.38 4.68
CA PHE A 94 5.98 -20.22 3.51
C PHE A 94 5.41 -19.58 2.24
N ILE A 95 5.94 -20.01 1.09
CA ILE A 95 5.50 -19.48 -0.20
C ILE A 95 5.44 -20.58 -1.26
N LYS A 96 4.48 -20.49 -2.15
CA LYS A 96 4.31 -21.47 -3.22
C LYS A 96 3.23 -21.02 -4.19
N LYS A 97 3.61 -20.86 -5.46
CA LYS A 97 2.66 -20.42 -6.49
C LYS A 97 3.11 -20.83 -7.89
N ASP A 98 4.04 -21.79 -7.96
CA ASP A 98 4.55 -22.27 -9.24
C ASP A 98 5.17 -21.13 -10.06
N TRP A 99 4.34 -20.46 -10.88
CA TRP A 99 4.83 -19.36 -11.71
C TRP A 99 3.66 -18.60 -12.34
N THR A 100 2.82 -19.32 -13.08
CA THR A 100 1.67 -18.72 -13.74
C THR A 100 0.78 -17.97 -12.75
N LEU A 101 0.72 -18.48 -11.52
CA LEU A 101 -0.10 -17.87 -10.48
C LEU A 101 0.43 -16.49 -10.10
N ILE A 102 1.73 -16.29 -10.25
CA ILE A 102 2.35 -15.01 -9.92
C ILE A 102 2.18 -14.00 -11.04
N GLY A 103 2.06 -14.49 -12.26
CA GLY A 103 1.89 -13.62 -13.40
C GLY A 103 0.50 -13.05 -13.52
N PHE A 104 -0.48 -13.78 -13.00
CA PHE A 104 -1.88 -13.33 -13.05
C PHE A 104 -2.16 -12.33 -11.93
N LEU A 105 -2.01 -12.77 -10.69
CA LEU A 105 -2.27 -11.91 -9.53
C LEU A 105 -1.44 -10.62 -9.60
N MET A 106 -0.15 -10.77 -9.81
CA MET A 106 0.75 -9.62 -9.90
C MET A 106 0.30 -8.67 -11.00
N SER A 107 -0.03 -9.23 -12.16
CA SER A 107 -0.46 -8.42 -13.30
C SER A 107 -1.76 -7.68 -13.00
N THR A 108 -2.54 -8.19 -12.06
CA THR A 108 -3.81 -7.57 -11.70
C THR A 108 -3.63 -6.22 -11.00
N GLN A 109 -2.93 -6.20 -9.87
CA GLN A 109 -2.71 -4.95 -9.13
C GLN A 109 -1.62 -4.11 -9.77
N ILE A 110 -0.50 -4.74 -10.10
CA ILE A 110 0.62 -4.02 -10.71
C ILE A 110 0.14 -3.15 -11.87
N VAL A 111 -0.79 -3.67 -12.67
CA VAL A 111 -1.32 -2.93 -13.81
C VAL A 111 -2.40 -1.94 -13.37
N VAL A 112 -3.06 -2.23 -12.25
CA VAL A 112 -4.10 -1.35 -11.75
C VAL A 112 -3.52 0.02 -11.40
N ILE A 113 -2.58 0.02 -10.46
CA ILE A 113 -1.93 1.26 -10.04
C ILE A 113 -1.29 1.93 -11.25
N THR A 114 -0.77 1.12 -12.17
CA THR A 114 -0.14 1.66 -13.38
C THR A 114 -1.10 2.63 -14.05
N SER A 115 -2.37 2.27 -14.07
CA SER A 115 -3.40 3.10 -14.67
C SER A 115 -3.49 4.41 -13.91
N GLY A 116 -3.29 4.32 -12.59
CA GLY A 116 -3.34 5.50 -11.76
C GLY A 116 -2.46 6.60 -12.29
N LEU A 117 -1.19 6.26 -12.53
CA LEU A 117 -0.23 7.21 -13.06
C LEU A 117 -0.82 7.92 -14.27
N ILE A 118 -1.22 7.11 -15.25
CA ILE A 118 -1.80 7.61 -16.50
C ILE A 118 -2.84 8.71 -16.23
N ALA A 119 -3.72 8.47 -15.26
CA ALA A 119 -4.75 9.44 -14.92
C ALA A 119 -4.14 10.82 -14.75
N ASP A 120 -3.17 10.92 -13.86
CA ASP A 120 -2.49 12.18 -13.61
C ASP A 120 -2.01 12.81 -14.92
N LEU A 121 -1.75 11.96 -15.91
CA LEU A 121 -1.28 12.44 -17.21
C LEU A 121 -2.42 12.44 -18.24
N SER A 122 -3.64 12.72 -17.77
CA SER A 122 -4.81 12.75 -18.64
C SER A 122 -4.70 13.89 -19.67
N GLU A 123 -5.66 13.95 -20.59
CA GLU A 123 -5.67 14.97 -21.63
C GLU A 123 -7.00 15.71 -21.69
N ARG A 124 -8.06 15.01 -22.11
CA ARG A 124 -9.39 15.59 -22.21
C ARG A 124 -10.20 15.36 -20.95
N ASP A 125 -11.39 15.97 -20.89
CA ASP A 125 -12.27 15.83 -19.74
C ASP A 125 -13.08 14.54 -19.82
N TRP A 126 -13.76 14.34 -20.94
CA TRP A 126 -14.57 13.14 -21.15
C TRP A 126 -13.77 11.89 -20.81
N VAL A 127 -12.53 11.86 -21.29
CA VAL A 127 -11.65 10.72 -21.05
C VAL A 127 -11.28 10.63 -19.57
N ARG A 128 -11.36 11.75 -18.87
CA ARG A 128 -11.03 11.78 -17.44
C ARG A 128 -11.97 10.90 -16.64
N TYR A 129 -13.22 10.79 -17.09
CA TYR A 129 -14.21 9.98 -16.40
C TYR A 129 -14.08 8.52 -16.82
N LEU A 130 -13.68 8.30 -18.06
CA LEU A 130 -13.52 6.95 -18.58
C LEU A 130 -12.28 6.28 -17.99
N TRP A 131 -11.22 7.05 -17.78
CA TRP A 131 -9.97 6.53 -17.22
C TRP A 131 -10.11 6.23 -15.74
N TYR A 132 -10.59 7.21 -14.98
CA TYR A 132 -10.75 7.04 -13.54
C TYR A 132 -11.53 5.76 -13.23
N ILE A 133 -12.53 5.47 -14.04
CA ILE A 133 -13.35 4.28 -13.87
C ILE A 133 -12.54 3.02 -14.18
N CYS A 134 -11.62 3.13 -15.12
CA CYS A 134 -10.77 2.01 -15.50
C CYS A 134 -9.95 1.50 -14.33
N GLY A 135 -9.49 2.44 -13.50
CA GLY A 135 -8.70 2.07 -12.34
C GLY A 135 -9.50 1.38 -11.27
N VAL A 136 -10.52 2.05 -10.75
CA VAL A 136 -11.38 1.50 -9.71
C VAL A 136 -11.94 0.13 -10.11
N CYS A 137 -12.32 0.00 -11.39
CA CYS A 137 -12.87 -1.24 -11.89
C CYS A 137 -11.88 -2.40 -11.71
N ALA A 138 -10.71 -2.27 -12.31
CA ALA A 138 -9.68 -3.29 -12.22
C ALA A 138 -9.31 -3.58 -10.76
N PHE A 139 -9.55 -2.60 -9.88
CA PHE A 139 -9.24 -2.76 -8.47
C PHE A 139 -10.09 -3.87 -7.85
N LEU A 140 -11.36 -3.91 -8.20
CA LEU A 140 -12.26 -4.92 -7.67
C LEU A 140 -11.91 -6.29 -8.25
N ILE A 141 -11.35 -6.29 -9.46
CA ILE A 141 -10.96 -7.52 -10.13
C ILE A 141 -9.82 -8.22 -9.40
N ILE A 142 -8.77 -7.47 -9.10
CA ILE A 142 -7.61 -8.02 -8.40
C ILE A 142 -8.02 -8.60 -7.05
N LEU A 143 -8.99 -7.98 -6.41
CA LEU A 143 -9.46 -8.45 -5.10
C LEU A 143 -9.94 -9.89 -5.19
N TRP A 144 -10.74 -10.17 -6.22
CA TRP A 144 -11.26 -11.51 -6.44
C TRP A 144 -10.12 -12.51 -6.64
N GLY A 145 -9.07 -12.07 -7.32
CA GLY A 145 -7.93 -12.93 -7.58
C GLY A 145 -7.09 -13.18 -6.34
N ILE A 146 -7.22 -12.30 -5.36
CA ILE A 146 -6.47 -12.44 -4.11
C ILE A 146 -6.99 -13.60 -3.28
N TRP A 147 -8.30 -13.72 -3.17
CA TRP A 147 -8.91 -14.80 -2.39
C TRP A 147 -9.54 -15.87 -3.29
N ASN A 148 -9.37 -15.73 -4.61
CA ASN A 148 -9.93 -16.70 -5.54
C ASN A 148 -9.35 -18.10 -5.31
N PRO A 149 -8.03 -18.30 -5.50
CA PRO A 149 -7.40 -19.61 -5.29
C PRO A 149 -7.54 -20.12 -3.87
N LEU A 150 -6.99 -19.35 -2.92
CA LEU A 150 -7.04 -19.71 -1.50
C LEU A 150 -6.03 -20.82 -1.17
N ARG A 151 -6.15 -21.95 -1.85
CA ARG A 151 -5.25 -23.08 -1.64
C ARG A 151 -5.54 -23.75 -0.31
N ALA A 152 -6.22 -24.90 -0.37
CA ALA A 152 -6.56 -25.65 0.83
C ALA A 152 -5.31 -26.22 1.50
N LYS A 153 -4.31 -26.56 0.69
CA LYS A 153 -3.07 -27.12 1.20
C LYS A 153 -2.49 -26.25 2.30
N THR A 154 -2.38 -24.95 2.02
CA THR A 154 -1.84 -24.00 2.99
C THR A 154 -2.90 -23.60 4.01
N ARG A 155 -4.10 -23.30 3.52
CA ARG A 155 -5.21 -22.90 4.39
C ARG A 155 -5.39 -23.90 5.52
N THR A 156 -5.12 -25.17 5.24
CA THR A 156 -5.27 -26.23 6.22
C THR A 156 -3.93 -26.50 6.93
N GLN A 157 -2.83 -26.12 6.27
CA GLN A 157 -1.50 -26.33 6.85
C GLN A 157 -1.44 -25.78 8.27
N SER A 158 -1.85 -24.54 8.44
CA SER A 158 -1.84 -23.90 9.75
C SER A 158 -3.15 -23.18 10.02
N SER A 159 -3.73 -23.46 11.19
CA SER A 159 -5.00 -22.84 11.58
C SER A 159 -4.81 -21.35 11.89
N GLU A 160 -3.89 -21.06 12.80
CA GLU A 160 -3.62 -19.67 13.18
C GLU A 160 -3.31 -18.82 11.95
N LEU A 161 -2.72 -19.45 10.94
CA LEU A 161 -2.38 -18.76 9.70
C LEU A 161 -3.63 -18.35 8.94
N ALA A 162 -4.48 -19.33 8.66
CA ALA A 162 -5.73 -19.09 7.93
C ALA A 162 -6.61 -18.09 8.69
N ASN A 163 -6.59 -18.17 10.02
CA ASN A 163 -7.38 -17.29 10.85
C ASN A 163 -6.95 -15.85 10.68
N LEU A 164 -5.70 -15.56 11.03
CA LEU A 164 -5.15 -14.22 10.91
C LEU A 164 -5.30 -13.70 9.48
N TYR A 165 -5.35 -14.63 8.53
CA TYR A 165 -5.49 -14.28 7.12
C TYR A 165 -6.87 -13.67 6.86
N ASP A 166 -7.88 -14.22 7.51
CA ASP A 166 -9.25 -13.75 7.35
C ASP A 166 -9.35 -12.28 7.75
N LYS A 167 -8.85 -11.97 8.95
CA LYS A 167 -8.88 -10.59 9.45
C LYS A 167 -7.98 -9.70 8.61
N LEU A 168 -6.93 -10.30 8.04
CA LEU A 168 -5.98 -9.57 7.22
C LEU A 168 -6.66 -9.04 5.96
N VAL A 169 -7.20 -9.96 5.15
CA VAL A 169 -7.88 -9.58 3.93
C VAL A 169 -8.96 -8.54 4.19
N THR A 170 -9.49 -8.54 5.41
CA THR A 170 -10.53 -7.61 5.80
C THR A 170 -9.95 -6.20 5.97
N TYR A 171 -8.91 -6.09 6.78
CA TYR A 171 -8.27 -4.79 7.02
C TYR A 171 -7.76 -4.21 5.71
N PHE A 172 -7.28 -5.08 4.82
CA PHE A 172 -6.75 -4.65 3.53
C PHE A 172 -7.88 -4.10 2.65
N THR A 173 -8.92 -4.91 2.46
CA THR A 173 -10.04 -4.49 1.63
C THR A 173 -10.64 -3.19 2.17
N VAL A 174 -10.72 -3.08 3.48
CA VAL A 174 -11.25 -1.90 4.13
C VAL A 174 -10.34 -0.69 3.94
N LEU A 175 -9.06 -0.95 3.67
CA LEU A 175 -8.09 0.11 3.47
C LEU A 175 -8.30 0.81 2.13
N TRP A 176 -8.29 0.05 1.05
CA TRP A 176 -8.48 0.60 -0.30
C TRP A 176 -9.94 1.05 -0.49
N ILE A 177 -10.87 0.12 -0.24
CA ILE A 177 -12.28 0.44 -0.37
C ILE A 177 -12.54 1.74 0.37
N GLY A 178 -11.74 1.95 1.43
CA GLY A 178 -11.84 3.15 2.21
C GLY A 178 -11.21 4.32 1.50
N TYR A 179 -9.98 4.17 0.94
CA TYR A 179 -9.38 5.31 0.25
C TYR A 179 -10.14 5.54 -1.06
N PRO A 180 -10.16 4.62 -2.10
CA PRO A 180 -10.96 4.90 -3.29
C PRO A 180 -12.34 5.51 -3.02
N ILE A 181 -12.93 5.22 -1.86
CA ILE A 181 -14.25 5.77 -1.52
C ILE A 181 -14.21 7.28 -1.40
N VAL A 182 -13.22 7.77 -0.67
CA VAL A 182 -13.07 9.20 -0.46
C VAL A 182 -12.79 9.94 -1.76
N TRP A 183 -12.23 9.24 -2.75
CA TRP A 183 -11.91 9.84 -4.04
C TRP A 183 -13.14 9.96 -4.92
N ILE A 184 -13.84 8.84 -5.11
CA ILE A 184 -15.04 8.82 -5.94
C ILE A 184 -16.00 9.94 -5.55
N ILE A 185 -15.96 10.33 -4.27
CA ILE A 185 -16.82 11.39 -3.77
C ILE A 185 -16.04 12.67 -3.53
N GLY A 186 -16.74 13.80 -3.60
CA GLY A 186 -16.10 15.09 -3.39
C GLY A 186 -14.99 15.37 -4.39
N PRO A 187 -14.63 16.64 -4.59
CA PRO A 187 -13.58 17.02 -5.53
C PRO A 187 -12.18 16.74 -4.99
N SER A 188 -11.58 15.66 -5.46
CA SER A 188 -10.24 15.27 -5.03
C SER A 188 -10.17 15.14 -3.51
N GLY A 189 -11.06 14.32 -2.95
CA GLY A 189 -11.10 14.13 -1.51
C GLY A 189 -12.49 14.30 -0.93
N PHE A 190 -12.58 15.00 0.19
CA PHE A 190 -13.86 15.24 0.84
C PHE A 190 -14.72 16.18 0.02
N GLY A 191 -16.01 16.21 0.31
CA GLY A 191 -16.93 17.08 -0.41
C GLY A 191 -16.63 18.55 -0.18
N TRP A 192 -16.52 19.31 -1.26
CA TRP A 192 -16.24 20.73 -1.17
C TRP A 192 -15.02 20.99 -0.30
N ILE A 193 -13.84 20.63 -0.80
CA ILE A 193 -12.61 20.83 -0.05
C ILE A 193 -11.46 21.23 -0.98
N ASN A 194 -10.39 21.74 -0.40
CA ASN A 194 -9.23 22.16 -1.17
C ASN A 194 -8.16 21.06 -1.21
N GLN A 195 -7.22 21.18 -2.14
CA GLN A 195 -6.16 20.19 -2.28
C GLN A 195 -5.41 20.00 -0.96
N THR A 196 -5.37 21.06 -0.15
CA THR A 196 -4.70 21.02 1.14
C THR A 196 -5.25 19.90 2.02
N ILE A 197 -6.58 19.85 2.12
CA ILE A 197 -7.24 18.83 2.93
C ILE A 197 -7.06 17.43 2.33
N ASP A 198 -6.84 17.39 1.02
CA ASP A 198 -6.64 16.11 0.33
C ASP A 198 -5.40 15.39 0.84
N THR A 199 -4.24 16.04 0.70
CA THR A 199 -2.98 15.47 1.13
C THR A 199 -2.97 15.25 2.65
N PHE A 200 -3.75 16.08 3.36
CA PHE A 200 -3.84 15.97 4.81
C PHE A 200 -4.54 14.69 5.24
N LEU A 201 -5.57 14.29 4.48
CA LEU A 201 -6.32 13.09 4.78
C LEU A 201 -5.56 11.83 4.38
N PHE A 202 -4.58 11.97 3.48
CA PHE A 202 -3.79 10.83 3.04
C PHE A 202 -2.72 10.46 4.08
N CYS A 203 -1.90 11.45 4.45
CA CYS A 203 -0.87 11.21 5.43
C CYS A 203 -1.54 10.61 6.67
N LEU A 204 -2.77 11.07 6.92
CA LEU A 204 -3.55 10.59 8.05
C LEU A 204 -3.86 9.10 7.96
N LEU A 205 -4.62 8.68 6.94
CA LEU A 205 -4.94 7.26 6.84
C LEU A 205 -3.87 6.44 6.13
N PRO A 206 -3.44 6.79 4.89
CA PRO A 206 -2.37 6.01 4.27
C PRO A 206 -1.16 5.76 5.19
N PHE A 207 -0.91 6.62 6.18
CA PHE A 207 0.21 6.36 7.08
C PHE A 207 -0.23 5.34 8.11
N PHE A 208 -1.46 5.51 8.59
CA PHE A 208 -2.03 4.61 9.58
C PHE A 208 -1.98 3.17 9.07
N SER A 209 -1.96 3.01 7.75
CA SER A 209 -1.91 1.69 7.14
C SER A 209 -0.46 1.23 7.01
N LYS A 210 0.44 2.19 6.85
CA LYS A 210 1.86 1.89 6.72
C LYS A 210 2.37 1.08 7.90
N VAL A 211 2.33 1.68 9.09
CA VAL A 211 2.80 1.02 10.30
C VAL A 211 1.69 0.21 10.98
N GLY A 212 0.45 0.68 10.87
CA GLY A 212 -0.67 -0.02 11.48
C GLY A 212 -0.97 -1.36 10.83
N PHE A 213 -0.91 -1.40 9.50
CA PHE A 213 -1.19 -2.63 8.78
C PHE A 213 0.03 -3.55 8.77
N SER A 214 1.21 -2.98 8.54
CA SER A 214 2.44 -3.75 8.51
C SER A 214 2.61 -4.55 9.79
N PHE A 215 2.35 -3.90 10.92
CA PHE A 215 2.47 -4.56 12.22
C PHE A 215 1.31 -5.51 12.47
N LEU A 216 0.17 -5.22 11.86
CA LEU A 216 -1.02 -6.06 12.02
C LEU A 216 -0.75 -7.47 11.49
N ASP A 217 -0.18 -7.55 10.31
CA ASP A 217 0.13 -8.84 9.69
C ASP A 217 1.14 -9.63 10.53
N LEU A 218 2.30 -9.02 10.74
CA LEU A 218 3.35 -9.67 11.54
C LEU A 218 2.81 -10.15 12.88
N HIS A 219 2.15 -9.25 13.59
CA HIS A 219 1.58 -9.57 14.90
C HIS A 219 0.59 -10.73 14.78
N GLY A 220 -0.13 -10.79 13.67
CA GLY A 220 -1.09 -11.86 13.47
C GLY A 220 -0.50 -13.23 13.68
N LEU A 221 0.63 -13.49 13.02
CA LEU A 221 1.30 -14.79 13.13
C LEU A 221 1.86 -14.98 14.54
N ARG A 222 2.12 -13.88 15.23
CA ARG A 222 2.66 -13.93 16.59
C ARG A 222 4.09 -14.45 16.59
N ASN A 223 5.05 -13.53 16.66
CA ASN A 223 6.47 -13.90 16.66
C ASN A 223 6.76 -14.88 17.79
N LEU A 224 6.03 -14.76 18.89
CA LEU A 224 6.22 -15.63 20.04
C LEU A 224 4.88 -15.97 20.69
N ASN A 225 4.52 -17.26 20.66
CA ASN A 225 3.28 -17.71 21.25
C ASN A 225 3.48 -18.15 22.70
N ASP A 226 3.27 -17.22 23.63
CA ASP A 226 3.42 -17.51 25.05
C ASP A 226 2.06 -17.68 25.73
N SER A 227 1.46 -18.85 25.54
CA SER A 227 0.16 -19.14 26.13
C SER A 227 -0.06 -20.65 26.25
N ARG A 228 0.68 -21.27 27.16
CA ARG A 228 0.56 -22.71 27.38
C ARG A 228 0.46 -23.04 28.86
N GLN A 229 -0.27 -24.11 29.18
CA GLN A 229 -0.44 -24.53 30.57
C GLN A 229 -0.93 -23.36 31.43
C1 RET B . -6.57 7.09 -7.10
C2 RET B . -7.37 7.78 -8.19
C3 RET B . -7.88 6.79 -9.21
C4 RET B . -8.85 5.84 -8.55
C5 RET B . -8.19 5.12 -7.39
C6 RET B . -7.14 5.66 -6.71
C7 RET B . -6.52 4.90 -5.58
C8 RET B . -5.47 5.34 -4.85
C9 RET B . -4.90 4.56 -3.77
C10 RET B . -3.82 5.03 -3.03
C11 RET B . -3.26 4.27 -1.97
C12 RET B . -2.19 4.72 -1.22
C13 RET B . -1.63 3.97 -0.18
C14 RET B . -0.54 4.44 0.57
C15 RET B . 0.03 3.72 1.59
C16 RET B . -6.58 8.01 -5.88
C17 RET B . -5.14 6.95 -7.59
C18 RET B . -8.72 3.75 -7.00
C19 RET B . -5.48 3.20 -3.45
C20 RET B . -2.21 2.59 0.14
H21 RET B . -8.21 8.29 -7.74
H22 RET B . -6.74 8.51 -8.68
H31 RET B . -8.37 7.32 -10.01
H32 RET B . -7.04 6.23 -9.60
H41 RET B . -9.70 6.41 -8.19
H42 RET B . -9.19 5.12 -9.29
H7 RET B . -6.92 3.94 -5.35
H8 RET B . -5.04 6.30 -5.08
H10 RET B . -3.41 5.98 -3.25
H11 RET B . -3.66 3.30 -1.75
H12 RET B . -1.78 5.68 -1.46
H14 RET B . -0.13 5.41 0.34
H15 RET B . -0.38 2.75 1.83
H161 RET B . -7.58 8.35 -5.70
H162 RET B . -5.94 8.86 -6.07
H163 RET B . -6.22 7.47 -5.02
H171 RET B . -4.63 7.90 -7.49
H172 RET B . -4.62 6.20 -7.01
H173 RET B . -5.14 6.66 -8.63
H181 RET B . -8.93 3.17 -7.90
H182 RET B . -7.99 3.23 -6.40
H183 RET B . -9.63 3.87 -6.43
H191 RET B . -4.82 2.65 -2.79
H192 RET B . -5.62 2.63 -4.36
H193 RET B . -6.44 3.32 -2.96
H201 RET B . -2.27 2.01 -0.77
H202 RET B . -3.20 2.71 0.56
H203 RET B . -1.57 2.08 0.85
N MET A 1 -1.52 18.37 16.03
CA MET A 1 -2.78 18.79 15.34
C MET A 1 -2.75 20.28 15.01
N ASN A 2 -3.07 20.61 13.76
CA ASN A 2 -3.08 22.00 13.33
C ASN A 2 -1.72 22.64 13.54
N LEU A 3 -0.82 22.44 12.57
CA LEU A 3 0.52 23.00 12.64
C LEU A 3 1.00 23.44 11.26
N GLU A 4 2.25 23.90 11.19
CA GLU A 4 2.82 24.35 9.93
C GLU A 4 2.90 23.20 8.93
N SER A 5 2.30 23.41 7.76
CA SER A 5 2.30 22.39 6.70
C SER A 5 3.68 21.78 6.50
N LEU A 6 3.91 20.62 7.11
CA LEU A 6 5.20 19.94 7.00
C LEU A 6 5.02 18.42 7.11
N LEU A 7 3.81 17.94 6.83
CA LEU A 7 3.54 16.51 6.89
C LEU A 7 4.45 15.73 5.95
N HIS A 8 4.79 16.35 4.83
CA HIS A 8 5.66 15.73 3.84
C HIS A 8 7.05 15.47 4.42
N TRP A 9 7.48 16.36 5.31
CA TRP A 9 8.78 16.24 5.94
C TRP A 9 8.75 15.23 7.08
N ILE A 10 7.70 15.31 7.89
CA ILE A 10 7.55 14.41 9.03
C ILE A 10 7.37 12.97 8.57
N TYR A 11 6.89 12.79 7.34
CA TYR A 11 6.66 11.45 6.79
C TYR A 11 7.98 10.80 6.41
N VAL A 12 8.76 11.47 5.56
CA VAL A 12 10.05 10.95 5.11
C VAL A 12 10.90 10.53 6.30
N ALA A 13 10.69 11.20 7.44
CA ALA A 13 11.45 10.89 8.65
C ALA A 13 11.09 9.52 9.19
N GLY A 14 9.80 9.27 9.37
CA GLY A 14 9.34 7.99 9.88
C GLY A 14 9.76 6.83 9.00
N MET A 15 9.89 7.09 7.71
CA MET A 15 10.28 6.06 6.76
C MET A 15 11.77 5.72 6.90
N THR A 16 12.55 6.69 7.36
CA THR A 16 13.98 6.49 7.54
C THR A 16 14.28 5.60 8.73
N ILE A 17 13.72 5.95 9.89
CA ILE A 17 13.93 5.18 11.11
C ILE A 17 13.41 3.76 10.94
N GLY A 18 12.42 3.58 10.07
CA GLY A 18 11.86 2.25 9.83
C GLY A 18 12.86 1.31 9.19
N ALA A 19 13.21 1.58 7.94
CA ALA A 19 14.15 0.75 7.21
C ALA A 19 15.47 0.60 8.00
N LEU A 20 15.75 1.58 8.85
CA LEU A 20 16.97 1.56 9.66
C LEU A 20 16.96 0.39 10.64
N HIS A 21 15.89 0.30 11.44
CA HIS A 21 15.75 -0.77 12.41
C HIS A 21 16.01 -2.13 11.77
N PHE A 22 15.38 -2.36 10.63
CA PHE A 22 15.55 -3.62 9.91
C PHE A 22 17.02 -3.89 9.64
N TRP A 23 17.72 -2.89 9.14
CA TRP A 23 19.14 -3.02 8.84
C TRP A 23 19.91 -3.59 10.03
N SER A 24 19.41 -3.31 11.23
CA SER A 24 20.05 -3.80 12.45
C SER A 24 19.88 -5.32 12.57
N LEU A 25 18.67 -5.79 12.29
CA LEU A 25 18.37 -7.22 12.37
C LEU A 25 18.89 -7.99 11.16
N SER A 26 19.50 -7.27 10.20
CA SER A 26 20.02 -7.91 9.00
C SER A 26 21.03 -9.01 9.33
N ARG A 27 21.56 -9.00 10.56
CA ARG A 27 22.53 -10.01 10.99
C ARG A 27 22.01 -11.40 10.63
N ASN A 28 20.69 -11.54 10.71
CA ASN A 28 20.02 -12.79 10.38
C ASN A 28 18.52 -12.63 10.61
N PRO A 29 17.66 -13.09 9.66
CA PRO A 29 16.21 -12.98 9.81
C PRO A 29 15.58 -14.29 10.28
N ARG A 30 14.41 -14.18 10.89
CA ARG A 30 13.67 -15.35 11.38
C ARG A 30 12.29 -15.40 10.75
N GLY A 31 12.23 -15.87 9.50
CA GLY A 31 10.96 -15.97 8.80
C GLY A 31 10.98 -15.20 7.50
N VAL A 32 11.92 -14.27 7.37
CA VAL A 32 12.05 -13.47 6.16
C VAL A 32 13.37 -13.78 5.45
N PRO A 33 13.33 -14.37 4.23
CA PRO A 33 14.54 -14.68 3.47
C PRO A 33 15.32 -13.44 3.10
N GLN A 34 16.57 -13.61 2.69
CA GLN A 34 17.41 -12.49 2.31
C GLN A 34 16.73 -11.57 1.28
N TYR A 35 15.83 -12.11 0.46
CA TYR A 35 15.14 -11.31 -0.56
C TYR A 35 14.17 -10.32 0.08
N GLU A 36 13.39 -10.78 1.05
CA GLU A 36 12.41 -9.91 1.72
C GLU A 36 13.10 -8.70 2.32
N TYR A 37 14.28 -8.90 2.89
CA TYR A 37 15.02 -7.81 3.50
C TYR A 37 15.33 -6.76 2.43
N LEU A 38 15.67 -7.25 1.24
CA LEU A 38 15.97 -6.37 0.13
C LEU A 38 14.72 -5.62 -0.29
N VAL A 39 13.56 -6.22 -0.04
CA VAL A 39 12.29 -5.61 -0.39
C VAL A 39 12.06 -4.36 0.46
N ALA A 40 12.55 -4.39 1.70
CA ALA A 40 12.41 -3.25 2.61
C ALA A 40 13.16 -2.04 2.06
N MET A 41 14.44 -2.25 1.79
CA MET A 41 15.28 -1.20 1.26
C MET A 41 14.58 -0.67 0.02
N PHE A 42 13.97 -1.60 -0.72
CA PHE A 42 13.24 -1.27 -1.93
C PHE A 42 12.11 -0.29 -1.66
N ILE A 43 11.06 -0.71 -0.93
CA ILE A 43 9.98 0.23 -0.67
C ILE A 43 10.26 1.16 0.52
N PRO A 44 10.47 0.68 1.78
CA PRO A 44 10.76 1.58 2.89
C PRO A 44 11.68 2.78 2.56
N ILE A 45 12.71 2.57 1.73
CA ILE A 45 13.59 3.68 1.38
C ILE A 45 12.98 4.59 0.32
N TRP A 46 12.42 4.00 -0.73
CA TRP A 46 11.81 4.77 -1.81
C TRP A 46 10.75 5.72 -1.27
N SER A 47 9.75 5.17 -0.60
CA SER A 47 8.67 5.97 -0.04
C SER A 47 9.23 7.12 0.80
N GLY A 48 10.24 6.81 1.63
CA GLY A 48 10.83 7.85 2.46
C GLY A 48 11.24 9.08 1.68
N LEU A 49 12.07 8.87 0.65
CA LEU A 49 12.54 9.99 -0.18
C LEU A 49 11.39 10.61 -0.98
N ALA A 50 10.36 9.82 -1.22
CA ALA A 50 9.20 10.30 -1.98
C ALA A 50 8.51 11.46 -1.29
N TYR A 51 8.06 11.24 -0.07
CA TYR A 51 7.38 12.27 0.70
C TYR A 51 8.25 13.52 0.84
N MET A 52 9.54 13.31 1.08
CA MET A 52 10.47 14.43 1.23
C MET A 52 10.35 15.39 0.06
N ALA A 53 10.23 14.84 -1.14
CA ALA A 53 10.09 15.66 -2.35
C ALA A 53 8.87 16.56 -2.25
N MET A 54 7.73 15.98 -1.91
CA MET A 54 6.49 16.74 -1.79
C MET A 54 6.68 17.91 -0.84
N ALA A 55 7.58 17.74 0.13
CA ALA A 55 7.85 18.79 1.10
C ALA A 55 8.61 19.95 0.46
N ILE A 56 9.38 19.64 -0.58
CA ILE A 56 10.16 20.66 -1.27
C ILE A 56 9.39 21.23 -2.47
N ASP A 57 8.07 21.12 -2.42
CA ASP A 57 7.22 21.63 -3.51
C ASP A 57 7.68 21.07 -4.85
N GLN A 58 8.29 19.89 -4.81
CA GLN A 58 8.77 19.24 -6.03
C GLN A 58 7.96 17.98 -6.33
N GLY A 59 6.80 18.17 -6.97
CA GLY A 59 5.95 17.05 -7.30
C GLY A 59 4.62 17.49 -7.87
N LYS A 60 4.66 18.44 -8.79
CA LYS A 60 3.44 18.95 -9.41
C LYS A 60 3.76 19.65 -10.72
N VAL A 61 3.16 19.18 -11.81
CA VAL A 61 3.38 19.77 -13.13
C VAL A 61 2.06 20.16 -13.78
N GLU A 62 2.08 21.29 -14.48
CA GLU A 62 0.89 21.78 -15.17
C GLU A 62 0.92 21.42 -16.65
N ALA A 63 0.12 20.43 -17.02
CA ALA A 63 0.06 19.98 -18.41
C ALA A 63 -1.16 20.59 -19.12
N ALA A 64 -0.91 21.60 -19.95
CA ALA A 64 -1.98 22.25 -20.68
C ALA A 64 -2.88 23.06 -19.74
N GLY A 65 -2.30 23.50 -18.62
CA GLY A 65 -3.07 24.27 -17.65
C GLY A 65 -3.86 23.38 -16.71
N GLN A 66 -3.35 22.18 -16.46
CA GLN A 66 -4.02 21.24 -15.57
C GLN A 66 -3.05 20.70 -14.52
N ILE A 67 -3.42 20.84 -13.25
CA ILE A 67 -2.58 20.38 -12.16
C ILE A 67 -2.69 18.87 -11.97
N ALA A 68 -1.62 18.16 -12.31
CA ALA A 68 -1.59 16.71 -12.18
C ALA A 68 -0.61 16.26 -11.10
N HIS A 69 -1.11 15.54 -10.11
CA HIS A 69 -0.27 15.06 -9.02
C HIS A 69 0.44 13.77 -9.41
N TYR A 70 1.47 13.90 -10.22
CA TYR A 70 2.24 12.75 -10.69
C TYR A 70 3.19 12.25 -9.61
N ALA A 71 3.73 13.17 -8.83
CA ALA A 71 4.66 12.82 -7.76
C ALA A 71 4.03 11.83 -6.79
N ARG A 72 2.73 11.93 -6.60
CA ARG A 72 2.04 11.05 -5.69
C ARG A 72 1.75 9.70 -6.31
N TYR A 73 1.16 9.67 -7.49
CA TYR A 73 0.83 8.40 -8.14
C TYR A 73 2.03 7.45 -8.18
N ILE A 74 3.18 7.96 -8.58
CA ILE A 74 4.37 7.15 -8.64
C ILE A 74 4.70 6.61 -7.26
N ASP A 75 4.69 7.50 -6.27
CA ASP A 75 4.98 7.10 -4.89
C ASP A 75 3.90 6.16 -4.36
N TRP A 76 2.71 6.26 -4.94
CA TRP A 76 1.61 5.42 -4.52
C TRP A 76 1.76 4.05 -5.08
N MET A 77 2.33 3.98 -6.27
CA MET A 77 2.54 2.71 -6.93
C MET A 77 3.53 1.84 -6.14
N VAL A 78 4.82 2.19 -6.24
CA VAL A 78 5.87 1.46 -5.55
C VAL A 78 5.42 1.09 -4.15
N THR A 79 4.79 2.05 -3.49
CA THR A 79 4.30 1.83 -2.16
C THR A 79 3.13 0.84 -2.18
N THR A 80 2.29 0.94 -3.21
CA THR A 80 1.15 0.05 -3.32
C THR A 80 1.46 -1.34 -3.91
N PRO A 81 1.94 -1.61 -5.19
CA PRO A 81 2.15 -3.04 -5.49
C PRO A 81 3.12 -3.78 -4.58
N LEU A 82 4.10 -3.11 -3.97
CA LEU A 82 5.02 -3.83 -3.09
C LEU A 82 4.37 -4.07 -1.74
N LEU A 83 3.46 -3.18 -1.35
CA LEU A 83 2.77 -3.34 -0.07
C LEU A 83 1.99 -4.64 -0.05
N LEU A 84 1.53 -5.06 -1.22
CA LEU A 84 0.77 -6.29 -1.34
C LEU A 84 1.70 -7.47 -1.16
N LEU A 85 2.78 -7.48 -1.92
CA LEU A 85 3.77 -8.55 -1.85
C LEU A 85 4.27 -8.70 -0.41
N SER A 86 4.41 -7.57 0.28
CA SER A 86 4.88 -7.56 1.65
C SER A 86 3.98 -8.41 2.55
N LEU A 87 2.67 -8.21 2.40
CA LEU A 87 1.70 -8.96 3.20
C LEU A 87 1.97 -10.47 3.10
N SER A 88 2.20 -10.93 1.88
CA SER A 88 2.47 -12.35 1.64
C SER A 88 3.61 -12.85 2.54
N TRP A 89 4.66 -12.03 2.66
CA TRP A 89 5.81 -12.41 3.49
C TRP A 89 5.39 -12.70 4.93
N THR A 90 4.72 -11.74 5.57
CA THR A 90 4.28 -11.91 6.95
C THR A 90 3.43 -13.17 7.14
N ALA A 91 2.86 -13.67 6.05
CA ALA A 91 2.02 -14.85 6.11
C ALA A 91 2.82 -16.16 6.18
N MET A 92 3.98 -16.20 5.51
CA MET A 92 4.80 -17.41 5.51
C MET A 92 6.24 -17.12 5.91
N GLN A 93 6.93 -18.16 6.36
CA GLN A 93 8.33 -18.03 6.77
C GLN A 93 9.25 -18.23 5.57
N PHE A 94 8.78 -19.01 4.60
CA PHE A 94 9.55 -19.29 3.39
C PHE A 94 8.72 -18.98 2.15
N ILE A 95 9.23 -19.38 0.98
CA ILE A 95 8.53 -19.14 -0.28
C ILE A 95 8.81 -20.25 -1.29
N LYS A 96 7.96 -20.33 -2.32
CA LYS A 96 8.11 -21.33 -3.36
C LYS A 96 7.70 -20.77 -4.72
N LYS A 97 6.41 -20.83 -5.01
CA LYS A 97 5.89 -20.31 -6.29
C LYS A 97 6.41 -21.13 -7.46
N ASP A 98 5.77 -20.95 -8.62
CA ASP A 98 6.16 -21.65 -9.83
C ASP A 98 6.13 -20.72 -11.04
N TRP A 99 6.21 -19.41 -10.78
CA TRP A 99 6.19 -18.39 -11.84
C TRP A 99 4.78 -18.15 -12.39
N THR A 100 4.04 -19.20 -12.69
CA THR A 100 2.69 -19.07 -13.22
C THR A 100 1.81 -18.20 -12.32
N LEU A 101 2.09 -18.23 -11.02
CA LEU A 101 1.33 -17.44 -10.04
C LEU A 101 1.75 -15.97 -10.08
N ILE A 102 3.06 -15.72 -10.02
CA ILE A 102 3.57 -14.36 -10.03
C ILE A 102 3.14 -13.61 -11.29
N GLY A 103 2.89 -14.35 -12.37
CA GLY A 103 2.47 -13.73 -13.61
C GLY A 103 1.02 -13.28 -13.58
N PHE A 104 0.14 -14.14 -13.07
CA PHE A 104 -1.28 -13.82 -13.00
C PHE A 104 -1.56 -12.80 -11.90
N LEU A 105 -1.21 -13.15 -10.67
CA LEU A 105 -1.43 -12.28 -9.53
C LEU A 105 -0.87 -10.87 -9.76
N MET A 106 0.45 -10.78 -9.97
CA MET A 106 1.10 -9.49 -10.20
C MET A 106 0.37 -8.65 -11.24
N SER A 107 0.19 -9.22 -12.43
CA SER A 107 -0.49 -8.51 -13.52
C SER A 107 -1.79 -7.85 -13.06
N THR A 108 -2.50 -8.50 -12.14
CA THR A 108 -3.76 -7.96 -11.63
C THR A 108 -3.60 -6.63 -10.89
N GLN A 109 -2.80 -6.63 -9.83
CA GLN A 109 -2.58 -5.41 -9.04
C GLN A 109 -1.72 -4.39 -9.77
N ILE A 110 -0.59 -4.81 -10.29
CA ILE A 110 0.31 -3.90 -11.00
C ILE A 110 -0.44 -3.10 -12.07
N VAL A 111 -1.52 -3.68 -12.60
CA VAL A 111 -2.31 -3.02 -13.63
C VAL A 111 -3.17 -1.89 -13.07
N VAL A 112 -4.04 -2.22 -12.11
CA VAL A 112 -4.92 -1.21 -11.49
C VAL A 112 -4.15 0.05 -11.09
N ILE A 113 -3.02 -0.12 -10.44
CA ILE A 113 -2.21 1.01 -9.99
C ILE A 113 -1.76 1.83 -11.20
N THR A 114 -1.37 1.13 -12.26
CA THR A 114 -0.92 1.78 -13.49
C THR A 114 -2.03 2.63 -14.07
N SER A 115 -3.28 2.27 -13.75
CA SER A 115 -4.44 3.00 -14.23
C SER A 115 -4.51 4.36 -13.54
N GLY A 116 -4.12 4.37 -12.27
CA GLY A 116 -4.14 5.60 -11.50
C GLY A 116 -3.26 6.67 -12.13
N LEU A 117 -1.97 6.38 -12.23
CA LEU A 117 -1.03 7.34 -12.81
C LEU A 117 -1.53 7.81 -14.18
N ILE A 118 -2.23 6.93 -14.90
CA ILE A 118 -2.75 7.27 -16.21
C ILE A 118 -3.88 8.30 -16.10
N ALA A 119 -4.82 8.06 -15.18
CA ALA A 119 -5.95 8.96 -15.00
C ALA A 119 -5.48 10.40 -14.85
N ASP A 120 -4.28 10.55 -14.31
CA ASP A 120 -3.68 11.88 -14.11
C ASP A 120 -3.19 12.43 -15.44
N LEU A 121 -2.65 11.55 -16.27
CA LEU A 121 -2.15 11.94 -17.59
C LEU A 121 -3.22 11.78 -18.66
N SER A 122 -4.49 11.79 -18.23
CA SER A 122 -5.61 11.64 -19.16
C SER A 122 -5.50 12.61 -20.32
N GLU A 123 -6.23 12.34 -21.39
CA GLU A 123 -6.21 13.18 -22.58
C GLU A 123 -7.57 13.86 -22.78
N ARG A 124 -8.62 13.21 -22.29
CA ARG A 124 -9.97 13.74 -22.42
C ARG A 124 -10.68 13.74 -21.08
N ASP A 125 -11.45 14.80 -20.82
CA ASP A 125 -12.19 14.92 -19.56
C ASP A 125 -13.07 13.70 -19.33
N TRP A 126 -13.46 13.03 -20.40
CA TRP A 126 -14.31 11.85 -20.30
C TRP A 126 -13.47 10.58 -20.15
N VAL A 127 -12.24 10.63 -20.62
CA VAL A 127 -11.33 9.49 -20.53
C VAL A 127 -10.88 9.25 -19.10
N ARG A 128 -10.75 10.33 -18.34
CA ARG A 128 -10.33 10.24 -16.95
C ARG A 128 -11.37 9.54 -16.10
N TYR A 129 -12.65 9.71 -16.46
CA TYR A 129 -13.74 9.09 -15.73
C TYR A 129 -13.77 7.59 -15.94
N LEU A 130 -13.52 7.17 -17.18
CA LEU A 130 -13.52 5.75 -17.52
C LEU A 130 -12.33 5.05 -16.88
N TRP A 131 -11.22 5.75 -16.77
CA TRP A 131 -10.00 5.19 -16.18
C TRP A 131 -10.13 5.10 -14.66
N TYR A 132 -10.50 6.21 -14.04
CA TYR A 132 -10.65 6.25 -12.59
C TYR A 132 -11.60 5.14 -12.11
N ILE A 133 -12.77 5.07 -12.72
CA ILE A 133 -13.75 4.05 -12.36
C ILE A 133 -13.23 2.65 -12.65
N CYS A 134 -12.30 2.55 -13.60
CA CYS A 134 -11.72 1.26 -13.97
C CYS A 134 -10.75 0.78 -12.89
N GLY A 135 -10.10 1.73 -12.22
CA GLY A 135 -9.15 1.38 -11.19
C GLY A 135 -9.82 0.75 -9.98
N VAL A 136 -10.81 1.44 -9.42
CA VAL A 136 -11.52 0.93 -8.26
C VAL A 136 -12.20 -0.39 -8.56
N CYS A 137 -12.67 -0.54 -9.80
CA CYS A 137 -13.35 -1.76 -10.22
C CYS A 137 -12.41 -2.95 -10.15
N ALA A 138 -11.19 -2.77 -10.65
CA ALA A 138 -10.20 -3.85 -10.64
C ALA A 138 -9.66 -4.08 -9.23
N PHE A 139 -9.72 -3.05 -8.40
CA PHE A 139 -9.24 -3.15 -7.02
C PHE A 139 -10.09 -4.13 -6.22
N LEU A 140 -11.40 -4.03 -6.37
CA LEU A 140 -12.32 -4.91 -5.65
C LEU A 140 -12.32 -6.30 -6.27
N ILE A 141 -12.01 -6.36 -7.56
CA ILE A 141 -11.98 -7.63 -8.28
C ILE A 141 -10.82 -8.50 -7.83
N ILE A 142 -9.61 -7.94 -7.84
CA ILE A 142 -8.42 -8.68 -7.43
C ILE A 142 -8.56 -9.22 -6.00
N LEU A 143 -8.79 -8.33 -5.04
CA LEU A 143 -8.94 -8.75 -3.65
C LEU A 143 -10.04 -9.79 -3.51
N TRP A 144 -11.08 -9.65 -4.32
CA TRP A 144 -12.19 -10.59 -4.27
C TRP A 144 -11.71 -11.98 -4.64
N GLY A 145 -10.68 -12.03 -5.49
CA GLY A 145 -10.13 -13.30 -5.93
C GLY A 145 -9.15 -13.90 -4.93
N ILE A 146 -8.64 -13.09 -4.01
CA ILE A 146 -7.70 -13.60 -3.01
C ILE A 146 -8.40 -14.36 -1.89
N TRP A 147 -9.62 -13.93 -1.50
CA TRP A 147 -10.34 -14.61 -0.43
C TRP A 147 -11.57 -15.38 -0.94
N ASN A 148 -11.80 -15.38 -2.25
CA ASN A 148 -12.95 -16.10 -2.82
C ASN A 148 -12.68 -17.61 -2.93
N PRO A 149 -11.68 -18.03 -3.73
CA PRO A 149 -11.35 -19.45 -3.90
C PRO A 149 -10.71 -20.06 -2.66
N LEU A 150 -9.86 -19.28 -1.99
CA LEU A 150 -9.18 -19.75 -0.79
C LEU A 150 -8.38 -21.01 -1.08
N ARG A 151 -7.24 -20.84 -1.73
CA ARG A 151 -6.37 -21.96 -2.08
C ARG A 151 -6.14 -22.88 -0.89
N ALA A 152 -5.97 -24.16 -1.16
CA ALA A 152 -5.75 -25.15 -0.11
C ALA A 152 -4.28 -25.18 0.31
N LYS A 153 -3.39 -24.74 -0.57
CA LYS A 153 -1.96 -24.72 -0.27
C LYS A 153 -1.68 -23.87 0.97
N THR A 154 -2.50 -22.85 1.18
CA THR A 154 -2.34 -21.97 2.33
C THR A 154 -3.01 -22.57 3.56
N ARG A 155 -4.12 -23.25 3.35
CA ARG A 155 -4.87 -23.87 4.44
C ARG A 155 -4.04 -25.00 5.06
N THR A 156 -3.25 -25.66 4.24
CA THR A 156 -2.41 -26.76 4.70
C THR A 156 -1.11 -26.23 5.30
N GLN A 157 -0.65 -25.09 4.78
CA GLN A 157 0.57 -24.48 5.26
C GLN A 157 0.50 -24.26 6.77
N SER A 158 -0.66 -23.80 7.24
CA SER A 158 -0.87 -23.55 8.66
C SER A 158 -2.32 -23.12 8.91
N SER A 159 -2.98 -23.82 9.82
CA SER A 159 -4.36 -23.52 10.16
C SER A 159 -4.48 -22.17 10.88
N GLU A 160 -3.51 -21.90 11.75
CA GLU A 160 -3.49 -20.64 12.50
C GLU A 160 -3.28 -19.45 11.56
N LEU A 161 -2.14 -19.44 10.89
CA LEU A 161 -1.81 -18.36 9.97
C LEU A 161 -2.87 -18.22 8.88
N ALA A 162 -3.57 -19.31 8.60
CA ALA A 162 -4.62 -19.30 7.57
C ALA A 162 -5.74 -18.34 7.95
N ASN A 163 -6.41 -18.62 9.07
CA ASN A 163 -7.50 -17.76 9.53
C ASN A 163 -7.00 -16.33 9.68
N LEU A 164 -5.72 -16.19 10.00
CA LEU A 164 -5.11 -14.89 10.17
C LEU A 164 -5.21 -14.06 8.90
N TYR A 165 -4.81 -14.67 7.80
CA TYR A 165 -4.85 -14.00 6.51
C TYR A 165 -6.23 -13.43 6.22
N ASP A 166 -7.26 -14.22 6.50
CA ASP A 166 -8.63 -13.78 6.26
C ASP A 166 -8.98 -12.55 7.10
N LYS A 167 -8.64 -12.59 8.38
CA LYS A 167 -8.93 -11.48 9.29
C LYS A 167 -8.14 -10.23 8.92
N LEU A 168 -6.81 -10.31 8.96
CA LEU A 168 -5.96 -9.17 8.62
C LEU A 168 -6.32 -8.60 7.26
N VAL A 169 -6.68 -9.47 6.32
CA VAL A 169 -7.04 -9.02 4.97
C VAL A 169 -8.22 -8.06 5.03
N THR A 170 -9.15 -8.31 5.94
CA THR A 170 -10.32 -7.46 6.08
C THR A 170 -9.92 -6.08 6.58
N TYR A 171 -8.87 -6.03 7.39
CA TYR A 171 -8.40 -4.76 7.95
C TYR A 171 -7.75 -3.90 6.87
N PHE A 172 -7.15 -4.55 5.87
CA PHE A 172 -6.50 -3.83 4.78
C PHE A 172 -7.50 -3.46 3.69
N THR A 173 -8.38 -4.40 3.35
CA THR A 173 -9.38 -4.16 2.32
C THR A 173 -10.26 -2.96 2.68
N VAL A 174 -10.61 -2.86 3.96
CA VAL A 174 -11.45 -1.77 4.43
C VAL A 174 -10.63 -0.49 4.66
N LEU A 175 -9.35 -0.66 4.94
CA LEU A 175 -8.46 0.49 5.17
C LEU A 175 -8.34 1.35 3.93
N TRP A 176 -7.90 0.74 2.82
CA TRP A 176 -7.73 1.48 1.57
C TRP A 176 -9.11 1.87 1.01
N ILE A 177 -10.05 0.91 1.06
CA ILE A 177 -11.40 1.15 0.59
C ILE A 177 -11.88 2.47 1.14
N GLY A 178 -11.53 2.71 2.40
CA GLY A 178 -11.91 3.94 3.03
C GLY A 178 -11.19 5.06 2.32
N TYR A 179 -9.93 4.79 1.97
CA TYR A 179 -9.12 5.76 1.25
C TYR A 179 -9.76 6.08 -0.11
N PRO A 180 -9.95 5.17 -1.15
CA PRO A 180 -10.62 5.72 -2.36
C PRO A 180 -11.99 6.31 -2.05
N ILE A 181 -12.55 5.99 -0.89
CA ILE A 181 -13.85 6.51 -0.51
C ILE A 181 -13.77 8.02 -0.32
N VAL A 182 -12.63 8.48 0.19
CA VAL A 182 -12.41 9.89 0.43
C VAL A 182 -12.07 10.63 -0.88
N TRP A 183 -11.53 9.89 -1.84
CA TRP A 183 -11.16 10.48 -3.12
C TRP A 183 -12.37 10.62 -4.05
N ILE A 184 -13.10 9.53 -4.26
CA ILE A 184 -14.28 9.55 -5.11
C ILE A 184 -15.22 10.69 -4.74
N ILE A 185 -15.20 11.06 -3.46
CA ILE A 185 -16.06 12.14 -2.96
C ILE A 185 -15.24 13.41 -2.73
N GLY A 186 -15.88 14.55 -2.91
CA GLY A 186 -15.20 15.82 -2.72
C GLY A 186 -14.13 16.05 -3.75
N PRO A 187 -13.67 17.31 -3.92
CA PRO A 187 -12.64 17.66 -4.88
C PRO A 187 -11.24 17.33 -4.37
N SER A 188 -10.84 16.07 -4.52
CA SER A 188 -9.52 15.63 -4.07
C SER A 188 -9.44 15.64 -2.54
N GLY A 189 -10.50 15.16 -1.90
CA GLY A 189 -10.51 15.11 -0.45
C GLY A 189 -11.92 14.95 0.11
N PHE A 190 -12.05 15.12 1.43
CA PHE A 190 -13.34 14.99 2.09
C PHE A 190 -14.25 16.17 1.75
N GLY A 191 -15.03 16.02 0.69
CA GLY A 191 -15.94 17.09 0.29
C GLY A 191 -15.22 18.41 0.11
N TRP A 192 -16.00 19.46 -0.15
CA TRP A 192 -15.43 20.80 -0.35
C TRP A 192 -14.45 21.15 0.76
N ILE A 193 -13.16 20.96 0.47
CA ILE A 193 -12.11 21.27 1.43
C ILE A 193 -10.87 21.82 0.75
N ASN A 194 -9.88 22.20 1.54
CA ASN A 194 -8.64 22.75 1.01
C ASN A 194 -7.66 21.64 0.65
N GLN A 195 -6.54 22.03 0.04
CA GLN A 195 -5.52 21.06 -0.36
C GLN A 195 -4.69 20.61 0.84
N THR A 196 -4.37 21.56 1.71
CA THR A 196 -3.59 21.26 2.91
C THR A 196 -4.26 20.19 3.75
N ILE A 197 -5.57 20.28 3.89
CA ILE A 197 -6.34 19.32 4.67
C ILE A 197 -6.40 17.96 3.96
N ASP A 198 -6.46 18.00 2.64
CA ASP A 198 -6.53 16.78 1.83
C ASP A 198 -5.26 15.94 2.01
N THR A 199 -4.11 16.58 1.81
CA THR A 199 -2.83 15.89 1.94
C THR A 199 -2.64 15.41 3.38
N PHE A 200 -3.28 16.09 4.31
CA PHE A 200 -3.18 15.73 5.72
C PHE A 200 -4.00 14.48 6.02
N LEU A 201 -4.98 14.20 5.17
CA LEU A 201 -5.83 13.02 5.36
C LEU A 201 -5.09 11.75 4.95
N PHE A 202 -4.33 11.83 3.88
CA PHE A 202 -3.56 10.69 3.38
C PHE A 202 -2.39 10.34 4.32
N CYS A 203 -1.46 11.27 4.42
CA CYS A 203 -0.30 11.07 5.28
C CYS A 203 -0.76 10.58 6.64
N LEU A 204 -1.91 11.08 7.08
CA LEU A 204 -2.46 10.69 8.37
C LEU A 204 -3.00 9.25 8.37
N LEU A 205 -3.96 8.93 7.49
CA LEU A 205 -4.48 7.56 7.53
C LEU A 205 -3.57 6.57 6.82
N PRO A 206 -3.20 6.78 5.53
CA PRO A 206 -2.28 5.82 4.91
C PRO A 206 -1.06 5.52 5.79
N PHE A 207 -0.53 6.51 6.52
CA PHE A 207 0.62 6.23 7.37
C PHE A 207 0.22 5.16 8.37
N PHE A 208 -0.96 5.35 8.96
CA PHE A 208 -1.49 4.40 9.95
C PHE A 208 -1.53 2.98 9.37
N SER A 209 -1.54 2.88 8.05
CA SER A 209 -1.59 1.58 7.39
C SER A 209 -0.19 1.00 7.19
N LYS A 210 0.81 1.88 7.14
CA LYS A 210 2.19 1.47 6.95
C LYS A 210 2.72 0.77 8.20
N VAL A 211 2.66 1.46 9.33
CA VAL A 211 3.12 0.92 10.60
C VAL A 211 2.06 0.06 11.27
N GLY A 212 0.80 0.32 10.94
CA GLY A 212 -0.29 -0.44 11.52
C GLY A 212 -0.42 -1.84 10.92
N PHE A 213 -0.43 -1.91 9.59
CA PHE A 213 -0.55 -3.19 8.90
C PHE A 213 0.73 -4.01 9.04
N SER A 214 1.87 -3.37 8.81
CA SER A 214 3.16 -4.05 8.91
C SER A 214 3.29 -4.81 10.22
N PHE A 215 3.01 -4.13 11.33
CA PHE A 215 3.09 -4.75 12.65
C PHE A 215 1.94 -5.71 12.89
N LEU A 216 0.78 -5.40 12.33
CA LEU A 216 -0.41 -6.25 12.50
C LEU A 216 -0.16 -7.64 11.93
N ASP A 217 0.14 -7.70 10.64
CA ASP A 217 0.39 -8.98 9.97
C ASP A 217 1.40 -9.81 10.75
N LEU A 218 2.55 -9.21 11.06
CA LEU A 218 3.59 -9.91 11.80
C LEU A 218 3.05 -10.45 13.12
N HIS A 219 2.45 -9.56 13.91
CA HIS A 219 1.88 -9.95 15.20
C HIS A 219 0.96 -11.15 15.05
N GLY A 220 0.16 -11.13 13.99
CA GLY A 220 -0.76 -12.23 13.74
C GLY A 220 -0.07 -13.58 13.78
N LEU A 221 1.12 -13.64 13.18
CA LEU A 221 1.89 -14.88 13.15
C LEU A 221 2.28 -15.31 14.57
N ARG A 222 2.54 -14.33 15.42
CA ARG A 222 2.92 -14.60 16.80
C ARG A 222 1.87 -14.03 17.77
N ASN A 223 0.66 -14.57 17.71
CA ASN A 223 -0.43 -14.12 18.57
C ASN A 223 -1.20 -15.31 19.14
N LEU A 224 -2.38 -15.03 19.67
CA LEU A 224 -3.23 -16.07 20.26
C LEU A 224 -2.53 -16.76 21.42
N ASN A 225 -1.75 -17.80 21.11
CA ASN A 225 -1.02 -18.55 22.13
C ASN A 225 -1.97 -19.43 22.95
N ASP A 226 -2.80 -18.79 23.77
CA ASP A 226 -3.76 -19.51 24.60
C ASP A 226 -4.58 -20.50 23.78
N SER A 227 -5.23 -21.43 24.47
CA SER A 227 -6.04 -22.44 23.79
C SER A 227 -7.53 -22.24 24.11
N ARG A 228 -7.80 -21.62 25.25
CA ARG A 228 -9.17 -21.36 25.68
C ARG A 228 -9.84 -22.64 26.17
N GLN A 229 -10.08 -23.58 25.26
CA GLN A 229 -10.71 -24.84 25.61
C GLN A 229 -10.18 -25.98 24.76
C1 RET B . -5.85 5.13 -7.31
C2 RET B . -6.51 5.58 -8.62
C3 RET B . -7.39 4.50 -9.18
C4 RET B . -8.53 4.23 -8.25
C5 RET B . -8.02 3.82 -6.88
C6 RET B . -6.79 4.22 -6.42
C7 RET B . -6.32 3.77 -5.08
C8 RET B . -5.12 4.09 -4.55
C9 RET B . -4.71 3.63 -3.22
C10 RET B . -3.48 3.96 -2.69
C11 RET B . -3.07 3.53 -1.41
C12 RET B . -1.85 3.85 -0.87
C13 RET B . -1.44 3.41 0.39
C14 RET B . -0.19 3.76 0.94
C15 RET B . 0.22 3.33 2.17
C16 RET B . -5.46 6.38 -6.56
C17 RET B . -4.59 4.37 -7.69
C18 RET B . -8.91 2.94 -6.00
C19 RET B . -5.65 2.75 -2.42
C20 RET B . -2.38 2.52 1.21
H21 RET B . -7.11 6.46 -8.41
H22 RET B . -5.75 5.84 -9.33
H31 RET B . -7.78 4.81 -10.15
H32 RET B . -6.81 3.60 -9.31
H41 RET B . -9.14 5.12 -8.15
H42 RET B . -9.15 3.43 -8.65
H7 RET B . -6.97 3.15 -4.50
H8 RET B . -4.46 4.71 -5.11
H10 RET B . -2.82 4.59 -3.26
H11 RET B . -3.72 2.90 -0.85
H12 RET B . -1.19 4.48 -1.44
H14 RET B . 0.46 4.38 0.37
H15 RET B . -0.42 2.71 2.75
H161 RET B . -6.29 7.07 -6.55
H162 RET B . -4.61 6.85 -7.05
H163 RET B . -5.19 6.13 -5.55
H171 RET B . -3.81 5.07 -7.94
H172 RET B . -4.27 3.77 -6.84
H173 RET B . -4.78 3.72 -8.53
H181 RET B . -9.36 2.17 -6.61
H182 RET B . -8.31 2.48 -5.23
H183 RET B . -9.68 3.55 -5.55
H191 RET B . -5.12 2.32 -1.59
H192 RET B . -6.04 1.96 -3.05
H193 RET B . -6.47 3.34 -2.05
H201 RET B . -2.71 1.69 0.60
H202 RET B . -3.24 3.09 1.52
H203 RET B . -1.86 2.14 2.08
N MET A 1 1.90 13.17 19.70
CA MET A 1 1.71 14.45 18.99
C MET A 1 3.03 15.18 18.82
N ASN A 2 3.53 15.22 17.58
CA ASN A 2 4.78 15.90 17.30
C ASN A 2 4.85 16.38 15.86
N LEU A 3 4.83 17.70 15.67
CA LEU A 3 4.88 18.28 14.33
C LEU A 3 5.98 19.34 14.24
N GLU A 4 6.35 19.69 13.02
CA GLU A 4 7.40 20.68 12.80
C GLU A 4 6.92 21.77 11.83
N SER A 5 6.62 21.37 10.60
CA SER A 5 6.15 22.31 9.59
C SER A 5 4.80 21.87 9.03
N LEU A 6 4.79 20.81 8.24
CA LEU A 6 3.56 20.29 7.65
C LEU A 6 3.47 18.78 7.77
N LEU A 7 2.49 18.21 7.07
CA LEU A 7 2.27 16.77 7.09
C LEU A 7 3.36 16.04 6.31
N HIS A 8 3.80 16.63 5.21
CA HIS A 8 4.83 16.04 4.36
C HIS A 8 6.14 15.87 5.13
N TRP A 9 6.52 16.91 5.87
CA TRP A 9 7.76 16.88 6.64
C TRP A 9 7.71 15.80 7.73
N ILE A 10 6.70 15.85 8.58
CA ILE A 10 6.56 14.88 9.65
C ILE A 10 6.46 13.45 9.11
N TYR A 11 6.12 13.32 7.84
CA TYR A 11 5.99 12.00 7.21
C TYR A 11 7.36 11.36 7.00
N VAL A 12 8.23 12.03 6.23
CA VAL A 12 9.56 11.50 5.95
C VAL A 12 10.25 11.03 7.23
N ALA A 13 10.11 11.81 8.30
CA ALA A 13 10.73 11.45 9.57
C ALA A 13 10.25 10.08 10.06
N GLY A 14 8.93 9.93 10.15
CA GLY A 14 8.37 8.67 10.61
C GLY A 14 8.90 7.47 9.83
N MET A 15 8.79 7.52 8.51
CA MET A 15 9.26 6.43 7.66
C MET A 15 10.71 6.07 7.97
N THR A 16 11.46 7.03 8.49
CA THR A 16 12.86 6.81 8.82
C THR A 16 13.02 5.81 9.98
N ILE A 17 12.43 6.13 11.13
CA ILE A 17 12.53 5.26 12.29
C ILE A 17 12.07 3.84 11.96
N GLY A 18 11.23 3.71 10.94
CA GLY A 18 10.73 2.40 10.55
C GLY A 18 11.83 1.51 9.98
N ALA A 19 12.57 2.04 9.01
CA ALA A 19 13.64 1.29 8.37
C ALA A 19 14.64 0.78 9.41
N LEU A 20 14.87 1.58 10.44
CA LEU A 20 15.79 1.20 11.51
C LEU A 20 15.38 -0.10 12.18
N HIS A 21 14.10 -0.18 12.55
CA HIS A 21 13.56 -1.36 13.21
C HIS A 21 13.92 -2.63 12.44
N PHE A 22 13.64 -2.63 11.13
CA PHE A 22 13.94 -3.78 10.29
C PHE A 22 15.43 -4.12 10.33
N TRP A 23 16.26 -3.08 10.40
CA TRP A 23 17.70 -3.27 10.45
C TRP A 23 18.11 -4.11 11.65
N SER A 24 17.30 -4.06 12.70
CA SER A 24 17.58 -4.83 13.92
C SER A 24 17.29 -6.31 13.71
N LEU A 25 16.10 -6.63 13.21
CA LEU A 25 15.71 -8.01 12.97
C LEU A 25 16.66 -8.71 11.99
N SER A 26 17.44 -7.92 11.25
CA SER A 26 18.38 -8.47 10.29
C SER A 26 19.39 -9.40 10.96
N ARG A 27 19.50 -9.32 12.29
CA ARG A 27 20.43 -10.17 13.03
C ARG A 27 20.25 -11.62 12.60
N ASN A 28 19.01 -11.96 12.29
CA ASN A 28 18.66 -13.29 11.83
C ASN A 28 17.15 -13.38 11.59
N PRO A 29 16.68 -13.96 10.47
CA PRO A 29 15.27 -14.08 10.18
C PRO A 29 14.70 -15.44 10.53
N ARG A 30 13.41 -15.63 10.28
CA ARG A 30 12.73 -16.88 10.56
C ARG A 30 11.45 -17.00 9.73
N GLY A 31 11.61 -17.29 8.44
CA GLY A 31 10.46 -17.41 7.56
C GLY A 31 10.55 -16.47 6.38
N VAL A 32 11.30 -15.38 6.55
CA VAL A 32 11.46 -14.40 5.49
C VAL A 32 12.95 -14.17 5.18
N PRO A 33 13.42 -14.56 3.97
CA PRO A 33 14.83 -14.38 3.58
C PRO A 33 15.16 -12.92 3.32
N GLN A 34 16.44 -12.60 3.26
CA GLN A 34 16.89 -11.24 3.01
C GLN A 34 16.18 -10.62 1.81
N TYR A 35 15.78 -11.47 0.86
CA TYR A 35 15.09 -11.00 -0.34
C TYR A 35 13.90 -10.12 0.02
N GLU A 36 13.15 -10.53 1.04
CA GLU A 36 11.98 -9.76 1.46
C GLU A 36 12.42 -8.52 2.22
N TYR A 37 13.45 -8.67 3.06
CA TYR A 37 13.96 -7.55 3.83
C TYR A 37 14.28 -6.39 2.91
N LEU A 38 14.78 -6.72 1.72
CA LEU A 38 15.12 -5.72 0.72
C LEU A 38 13.86 -5.09 0.16
N VAL A 39 12.81 -5.89 0.03
CA VAL A 39 11.54 -5.41 -0.49
C VAL A 39 10.93 -4.37 0.44
N ALA A 40 10.85 -4.70 1.74
CA ALA A 40 10.28 -3.79 2.72
C ALA A 40 10.93 -2.41 2.62
N MET A 41 12.25 -2.43 2.78
CA MET A 41 13.06 -1.22 2.68
C MET A 41 12.64 -0.43 1.46
N PHE A 42 12.33 -1.15 0.39
CA PHE A 42 11.91 -0.49 -0.83
C PHE A 42 10.61 0.26 -0.54
N ILE A 43 9.77 -0.33 0.32
CA ILE A 43 8.51 0.30 0.70
C ILE A 43 8.69 1.39 1.77
N PRO A 44 9.22 1.23 3.05
CA PRO A 44 9.25 2.47 3.86
C PRO A 44 10.30 3.52 3.43
N ILE A 45 11.31 3.13 2.66
CA ILE A 45 12.33 4.09 2.24
C ILE A 45 11.83 5.01 1.13
N TRP A 46 11.10 4.46 0.16
CA TRP A 46 10.58 5.26 -0.94
C TRP A 46 9.57 6.28 -0.44
N SER A 47 8.54 5.81 0.26
CA SER A 47 7.51 6.70 0.78
C SER A 47 8.13 7.85 1.57
N GLY A 48 9.21 7.54 2.28
CA GLY A 48 9.88 8.56 3.07
C GLY A 48 10.38 9.72 2.23
N LEU A 49 11.35 9.44 1.35
CA LEU A 49 11.91 10.47 0.49
C LEU A 49 10.83 11.13 -0.35
N ALA A 50 9.80 10.37 -0.69
CA ALA A 50 8.69 10.88 -1.49
C ALA A 50 7.99 12.03 -0.79
N TYR A 51 7.50 11.76 0.42
CA TYR A 51 6.80 12.77 1.20
C TYR A 51 7.70 13.99 1.42
N MET A 52 8.97 13.74 1.73
CA MET A 52 9.93 14.81 1.97
C MET A 52 9.91 15.81 0.82
N ALA A 53 9.64 15.31 -0.39
CA ALA A 53 9.59 16.16 -1.56
C ALA A 53 8.35 17.05 -1.55
N MET A 54 7.23 16.48 -1.13
CA MET A 54 5.97 17.22 -1.06
C MET A 54 6.16 18.48 -0.22
N ALA A 55 7.09 18.43 0.72
CA ALA A 55 7.37 19.57 1.59
C ALA A 55 8.16 20.64 0.85
N ILE A 56 9.18 20.21 0.11
CA ILE A 56 10.01 21.14 -0.66
C ILE A 56 9.30 21.59 -1.93
N ASP A 57 8.25 20.86 -2.31
CA ASP A 57 7.48 21.19 -3.51
C ASP A 57 8.26 20.83 -4.77
N GLN A 58 8.45 19.54 -5.00
CA GLN A 58 9.18 19.06 -6.17
C GLN A 58 8.53 17.82 -6.77
N GLY A 59 7.20 17.82 -6.80
CA GLY A 59 6.48 16.66 -7.34
C GLY A 59 5.26 17.05 -8.16
N LYS A 60 4.87 18.32 -8.10
CA LYS A 60 3.70 18.80 -8.83
C LYS A 60 4.12 19.49 -10.14
N VAL A 61 3.53 19.05 -11.24
CA VAL A 61 3.85 19.63 -12.56
C VAL A 61 2.61 20.23 -13.21
N GLU A 62 2.71 21.48 -13.65
CA GLU A 62 1.60 22.17 -14.30
C GLU A 62 1.57 21.84 -15.79
N ALA A 63 0.61 21.00 -16.18
CA ALA A 63 0.47 20.61 -17.58
C ALA A 63 -0.85 21.11 -18.16
N ALA A 64 -0.77 22.03 -19.12
CA ALA A 64 -1.97 22.58 -19.75
C ALA A 64 -2.81 23.36 -18.74
N GLY A 65 -2.14 24.19 -17.94
CA GLY A 65 -2.84 24.97 -16.94
C GLY A 65 -3.56 24.11 -15.92
N GLN A 66 -3.18 22.84 -15.83
CA GLN A 66 -3.79 21.92 -14.88
C GLN A 66 -2.74 21.36 -13.92
N ILE A 67 -3.19 20.99 -12.72
CA ILE A 67 -2.29 20.45 -11.71
C ILE A 67 -2.40 18.93 -11.63
N ALA A 68 -1.27 18.25 -11.82
CA ALA A 68 -1.24 16.80 -11.77
C ALA A 68 -0.58 16.30 -10.49
N HIS A 69 -1.29 15.43 -9.76
CA HIS A 69 -0.78 14.87 -8.52
C HIS A 69 0.05 13.61 -8.77
N TYR A 70 1.06 13.75 -9.61
CA TYR A 70 1.93 12.64 -9.94
C TYR A 70 2.79 12.22 -8.75
N ALA A 71 3.31 13.21 -8.03
CA ALA A 71 4.15 12.95 -6.87
C ALA A 71 3.56 11.90 -5.93
N ARG A 72 2.26 11.98 -5.68
CA ARG A 72 1.62 11.03 -4.79
C ARG A 72 1.37 9.67 -5.45
N TYR A 73 0.99 9.63 -6.72
CA TYR A 73 0.74 8.34 -7.37
C TYR A 73 1.97 7.46 -7.35
N ILE A 74 3.10 7.97 -7.83
CA ILE A 74 4.33 7.19 -7.84
C ILE A 74 4.60 6.67 -6.43
N ASP A 75 4.42 7.55 -5.45
CA ASP A 75 4.63 7.19 -4.07
C ASP A 75 3.56 6.20 -3.63
N TRP A 76 2.39 6.27 -4.26
CA TRP A 76 1.31 5.39 -3.92
C TRP A 76 1.58 4.00 -4.42
N MET A 77 2.26 3.91 -5.55
CA MET A 77 2.59 2.63 -6.15
C MET A 77 3.45 1.78 -5.20
N VAL A 78 4.68 2.23 -5.02
CA VAL A 78 5.61 1.52 -4.15
C VAL A 78 4.93 1.14 -2.84
N THR A 79 4.01 1.98 -2.40
CA THR A 79 3.29 1.70 -1.17
C THR A 79 2.17 0.67 -1.39
N THR A 80 1.46 0.71 -2.53
CA THR A 80 0.40 -0.29 -2.73
C THR A 80 1.01 -1.58 -3.27
N PRO A 81 1.65 -1.60 -4.47
CA PRO A 81 2.28 -2.86 -4.91
C PRO A 81 3.07 -3.61 -3.81
N LEU A 82 3.94 -2.91 -3.08
CA LEU A 82 4.74 -3.57 -2.05
C LEU A 82 3.92 -3.93 -0.81
N LEU A 83 2.85 -3.18 -0.53
CA LEU A 83 2.01 -3.47 0.63
C LEU A 83 1.55 -4.91 0.56
N LEU A 84 1.06 -5.31 -0.60
CA LEU A 84 0.60 -6.67 -0.82
C LEU A 84 1.73 -7.63 -0.54
N LEU A 85 2.88 -7.35 -1.15
CA LEU A 85 4.06 -8.18 -0.97
C LEU A 85 4.32 -8.40 0.51
N SER A 86 4.18 -7.33 1.29
CA SER A 86 4.40 -7.39 2.73
C SER A 86 3.48 -8.42 3.36
N LEU A 87 2.23 -8.46 2.91
CA LEU A 87 1.26 -9.41 3.43
C LEU A 87 1.85 -10.82 3.32
N SER A 88 2.65 -11.03 2.28
CA SER A 88 3.29 -12.32 2.05
C SER A 88 4.42 -12.52 3.04
N TRP A 89 5.03 -11.40 3.44
CA TRP A 89 6.14 -11.42 4.39
C TRP A 89 5.66 -11.86 5.76
N THR A 90 4.60 -11.23 6.26
CA THR A 90 4.07 -11.57 7.57
C THR A 90 3.79 -13.06 7.65
N ALA A 91 3.21 -13.63 6.60
CA ALA A 91 2.92 -15.05 6.58
C ALA A 91 4.22 -15.84 6.73
N MET A 92 5.19 -15.49 5.89
CA MET A 92 6.52 -16.12 5.89
C MET A 92 7.28 -15.78 4.60
N GLN A 93 7.31 -16.70 3.63
CA GLN A 93 8.02 -16.44 2.37
C GLN A 93 7.11 -15.75 1.35
N PHE A 94 6.04 -16.43 0.98
CA PHE A 94 5.07 -15.90 0.02
C PHE A 94 3.64 -16.31 0.38
N ILE A 95 2.71 -16.10 -0.53
CA ILE A 95 1.31 -16.45 -0.29
C ILE A 95 0.64 -16.96 -1.57
N LYS A 96 -0.27 -17.91 -1.41
CA LYS A 96 -1.00 -18.48 -2.54
C LYS A 96 -0.05 -19.10 -3.56
N LYS A 97 -0.12 -20.42 -3.69
CA LYS A 97 0.74 -21.13 -4.63
C LYS A 97 -0.05 -21.56 -5.86
N ASP A 98 -0.67 -20.60 -6.53
CA ASP A 98 -1.47 -20.88 -7.73
C ASP A 98 -0.57 -20.97 -8.96
N TRP A 99 0.50 -20.17 -8.95
CA TRP A 99 1.46 -20.15 -10.06
C TRP A 99 0.87 -19.44 -11.28
N THR A 100 -0.14 -20.04 -11.88
CA THR A 100 -0.79 -19.46 -13.05
C THR A 100 -1.70 -18.31 -12.66
N LEU A 101 -2.71 -18.60 -11.86
CA LEU A 101 -3.66 -17.60 -11.41
C LEU A 101 -2.93 -16.39 -10.82
N ILE A 102 -1.86 -16.66 -10.07
CA ILE A 102 -1.09 -15.59 -9.46
C ILE A 102 -0.38 -14.75 -10.50
N GLY A 103 0.17 -15.42 -11.52
CA GLY A 103 0.86 -14.71 -12.58
C GLY A 103 0.04 -13.59 -13.17
N PHE A 104 -1.26 -13.80 -13.26
CA PHE A 104 -2.17 -12.80 -13.81
C PHE A 104 -2.58 -11.78 -12.74
N LEU A 105 -2.57 -12.23 -11.48
CA LEU A 105 -2.96 -11.36 -10.37
C LEU A 105 -1.87 -10.32 -10.10
N MET A 106 -0.61 -10.71 -10.29
CA MET A 106 0.50 -9.81 -10.07
C MET A 106 0.61 -8.79 -11.21
N SER A 107 0.54 -9.28 -12.43
CA SER A 107 0.62 -8.42 -13.61
C SER A 107 -0.59 -7.48 -13.71
N THR A 108 -1.69 -7.87 -13.06
CA THR A 108 -2.89 -7.06 -13.10
C THR A 108 -2.72 -5.77 -12.29
N GLN A 109 -2.43 -5.90 -11.00
CA GLN A 109 -2.25 -4.71 -10.16
C GLN A 109 -1.09 -3.85 -10.67
N ILE A 110 -0.13 -4.48 -11.32
CA ILE A 110 1.02 -3.76 -11.85
C ILE A 110 0.58 -2.63 -12.79
N VAL A 111 -0.13 -3.00 -13.84
CA VAL A 111 -0.62 -2.04 -14.83
C VAL A 111 -1.69 -1.13 -14.23
N VAL A 112 -2.42 -1.65 -13.26
CA VAL A 112 -3.48 -0.89 -12.61
C VAL A 112 -2.94 0.41 -12.02
N ILE A 113 -1.98 0.30 -11.11
CA ILE A 113 -1.38 1.47 -10.49
C ILE A 113 -0.89 2.44 -11.58
N THR A 114 -0.25 1.88 -12.61
CA THR A 114 0.26 2.69 -13.70
C THR A 114 -0.87 3.52 -14.30
N SER A 115 -2.07 2.95 -14.30
CA SER A 115 -3.25 3.64 -14.84
C SER A 115 -3.62 4.82 -13.95
N GLY A 116 -3.24 4.74 -12.67
CA GLY A 116 -3.54 5.80 -11.74
C GLY A 116 -2.78 7.08 -12.04
N LEU A 117 -1.45 7.02 -12.01
CA LEU A 117 -0.63 8.19 -12.29
C LEU A 117 -1.00 8.80 -13.63
N ILE A 118 -1.13 7.95 -14.65
CA ILE A 118 -1.46 8.39 -16.00
C ILE A 118 -2.85 9.04 -16.07
N ALA A 119 -3.74 8.64 -15.16
CA ALA A 119 -5.09 9.19 -15.13
C ALA A 119 -5.11 10.65 -14.69
N ASP A 120 -4.64 10.90 -13.47
CA ASP A 120 -4.61 12.25 -12.92
C ASP A 120 -3.62 13.16 -13.66
N LEU A 121 -2.82 12.58 -14.56
CA LEU A 121 -1.86 13.36 -15.32
C LEU A 121 -2.55 14.15 -16.44
N SER A 122 -3.77 13.76 -16.79
CA SER A 122 -4.52 14.44 -17.83
C SER A 122 -5.48 15.46 -17.21
N GLU A 123 -6.08 16.28 -18.06
CA GLU A 123 -7.01 17.30 -17.59
C GLU A 123 -8.47 16.90 -17.85
N ARG A 124 -8.71 16.31 -19.02
CA ARG A 124 -10.06 15.88 -19.40
C ARG A 124 -10.70 15.06 -18.27
N ASP A 125 -11.74 15.61 -17.66
CA ASP A 125 -12.43 14.93 -16.58
C ASP A 125 -13.14 13.68 -17.09
N TRP A 126 -13.45 13.67 -18.39
CA TRP A 126 -14.13 12.54 -19.00
C TRP A 126 -13.15 11.39 -19.25
N VAL A 127 -11.92 11.74 -19.58
CA VAL A 127 -10.89 10.73 -19.85
C VAL A 127 -10.30 10.20 -18.54
N ARG A 128 -10.34 11.02 -17.51
CA ARG A 128 -9.80 10.62 -16.21
C ARG A 128 -10.73 9.62 -15.52
N TYR A 129 -12.02 9.69 -15.85
CA TYR A 129 -13.01 8.79 -15.27
C TYR A 129 -12.98 7.43 -15.98
N LEU A 130 -12.71 7.46 -17.29
CA LEU A 130 -12.66 6.23 -18.06
C LEU A 130 -11.42 5.42 -17.70
N TRP A 131 -10.27 6.08 -17.68
CA TRP A 131 -9.01 5.42 -17.34
C TRP A 131 -9.08 4.82 -15.95
N TYR A 132 -9.78 5.50 -15.05
CA TYR A 132 -9.93 5.04 -13.68
C TYR A 132 -10.74 3.75 -13.64
N ILE A 133 -11.72 3.65 -14.53
CA ILE A 133 -12.57 2.47 -14.60
C ILE A 133 -11.78 1.24 -15.03
N CYS A 134 -10.70 1.47 -15.78
CA CYS A 134 -9.86 0.38 -16.26
C CYS A 134 -9.03 -0.19 -15.12
N GLY A 135 -8.59 0.68 -14.21
CA GLY A 135 -7.79 0.23 -13.09
C GLY A 135 -8.62 -0.51 -12.05
N VAL A 136 -9.74 0.08 -11.65
CA VAL A 136 -10.62 -0.53 -10.66
C VAL A 136 -11.06 -1.92 -11.11
N CYS A 137 -11.36 -2.06 -12.39
CA CYS A 137 -11.80 -3.34 -12.94
C CYS A 137 -10.78 -4.44 -12.65
N ALA A 138 -9.57 -4.28 -13.16
CA ALA A 138 -8.50 -5.24 -12.95
C ALA A 138 -8.20 -5.42 -11.46
N PHE A 139 -8.28 -4.31 -10.73
CA PHE A 139 -8.02 -4.34 -9.29
C PHE A 139 -8.98 -5.30 -8.59
N LEU A 140 -10.24 -5.27 -9.01
CA LEU A 140 -11.26 -6.14 -8.43
C LEU A 140 -10.87 -7.61 -8.58
N ILE A 141 -10.35 -7.95 -9.75
CA ILE A 141 -9.93 -9.33 -10.03
C ILE A 141 -9.03 -9.84 -8.92
N ILE A 142 -8.02 -9.05 -8.58
CA ILE A 142 -7.08 -9.42 -7.52
C ILE A 142 -7.82 -9.84 -6.25
N LEU A 143 -8.65 -8.94 -5.73
CA LEU A 143 -9.41 -9.20 -4.52
C LEU A 143 -10.16 -10.53 -4.64
N TRP A 144 -10.48 -10.93 -5.86
CA TRP A 144 -11.20 -12.16 -6.10
C TRP A 144 -10.30 -13.37 -5.89
N GLY A 145 -9.07 -13.28 -6.38
CA GLY A 145 -8.13 -14.37 -6.22
C GLY A 145 -7.80 -14.65 -4.77
N ILE A 146 -8.09 -13.68 -3.90
CA ILE A 146 -7.82 -13.84 -2.48
C ILE A 146 -9.09 -14.09 -1.66
N TRP A 147 -10.25 -13.88 -2.26
CA TRP A 147 -11.52 -14.08 -1.56
C TRP A 147 -12.30 -15.30 -2.06
N ASN A 148 -12.52 -15.37 -3.36
CA ASN A 148 -13.25 -16.48 -3.96
C ASN A 148 -12.75 -17.84 -3.47
N PRO A 149 -11.44 -18.12 -3.56
CA PRO A 149 -10.88 -19.40 -3.11
C PRO A 149 -11.02 -19.60 -1.61
N LEU A 150 -10.94 -18.50 -0.86
CA LEU A 150 -11.06 -18.53 0.59
C LEU A 150 -9.80 -19.12 1.22
N ARG A 151 -9.57 -20.41 1.01
CA ARG A 151 -8.39 -21.08 1.56
C ARG A 151 -8.34 -22.54 1.12
N ALA A 152 -8.45 -22.76 -0.19
CA ALA A 152 -8.41 -24.11 -0.74
C ALA A 152 -6.98 -24.60 -0.90
N LYS A 153 -6.15 -23.79 -1.57
CA LYS A 153 -4.76 -24.14 -1.79
C LYS A 153 -3.90 -23.71 -0.60
N THR A 154 -4.32 -22.65 0.07
CA THR A 154 -3.59 -22.14 1.22
C THR A 154 -3.50 -23.21 2.32
N ARG A 155 -4.54 -24.02 2.43
CA ARG A 155 -4.57 -25.08 3.43
C ARG A 155 -3.62 -26.21 3.05
N THR A 156 -3.24 -26.26 1.77
CA THR A 156 -2.33 -27.29 1.29
C THR A 156 -0.90 -26.97 1.68
N GLN A 157 -0.59 -25.68 1.75
CA GLN A 157 0.74 -25.24 2.14
C GLN A 157 0.84 -25.09 3.64
N SER A 158 -0.01 -24.22 4.18
CA SER A 158 -0.03 -23.99 5.61
C SER A 158 -1.42 -23.53 6.05
N SER A 159 -2.10 -24.36 6.82
CA SER A 159 -3.44 -24.05 7.31
C SER A 159 -3.39 -22.98 8.39
N GLU A 160 -2.51 -23.16 9.36
CA GLU A 160 -2.38 -22.20 10.45
C GLU A 160 -2.20 -20.79 9.92
N LEU A 161 -1.16 -20.58 9.12
CA LEU A 161 -0.87 -19.28 8.55
C LEU A 161 -2.00 -18.82 7.64
N ALA A 162 -2.63 -19.77 6.95
CA ALA A 162 -3.73 -19.45 6.04
C ALA A 162 -4.90 -18.84 6.80
N ASN A 163 -5.07 -19.25 8.06
CA ASN A 163 -6.16 -18.74 8.89
C ASN A 163 -5.92 -17.28 9.28
N LEU A 164 -4.84 -17.02 10.01
CA LEU A 164 -4.52 -15.66 10.44
C LEU A 164 -4.38 -14.73 9.23
N TYR A 165 -3.93 -15.28 8.12
CA TYR A 165 -3.75 -14.50 6.90
C TYR A 165 -5.10 -14.02 6.37
N ASP A 166 -6.12 -14.83 6.55
CA ASP A 166 -7.47 -14.49 6.09
C ASP A 166 -8.00 -13.27 6.82
N LYS A 167 -8.02 -13.34 8.15
CA LYS A 167 -8.52 -12.24 8.97
C LYS A 167 -7.84 -10.93 8.59
N LEU A 168 -6.59 -11.03 8.14
CA LEU A 168 -5.82 -9.86 7.74
C LEU A 168 -6.39 -9.26 6.46
N VAL A 169 -6.66 -10.10 5.48
CA VAL A 169 -7.20 -9.66 4.20
C VAL A 169 -8.44 -8.78 4.40
N THR A 170 -9.29 -9.15 5.35
CA THR A 170 -10.49 -8.39 5.62
C THR A 170 -10.16 -7.02 6.20
N TYR A 171 -9.15 -6.96 7.06
CA TYR A 171 -8.73 -5.72 7.68
C TYR A 171 -8.34 -4.68 6.63
N PHE A 172 -7.31 -4.98 5.85
CA PHE A 172 -6.84 -4.06 4.81
C PHE A 172 -7.89 -3.86 3.73
N THR A 173 -8.81 -4.81 3.59
CA THR A 173 -9.86 -4.72 2.58
C THR A 173 -10.76 -3.51 2.84
N VAL A 174 -11.53 -3.57 3.92
CA VAL A 174 -12.43 -2.49 4.27
C VAL A 174 -11.68 -1.18 4.52
N LEU A 175 -10.38 -1.30 4.83
CA LEU A 175 -9.55 -0.12 5.09
C LEU A 175 -9.43 0.75 3.84
N TRP A 176 -8.95 0.16 2.76
CA TRP A 176 -8.78 0.89 1.51
C TRP A 176 -10.16 1.26 0.91
N ILE A 177 -11.13 0.35 1.07
CA ILE A 177 -12.47 0.63 0.57
C ILE A 177 -12.85 2.04 0.98
N GLY A 178 -12.43 2.39 2.18
CA GLY A 178 -12.70 3.70 2.72
C GLY A 178 -11.87 4.78 2.05
N TYR A 179 -10.57 4.52 1.79
CA TYR A 179 -9.74 5.53 1.15
C TYR A 179 -9.94 5.51 -0.38
N PRO A 180 -9.59 4.42 -1.15
CA PRO A 180 -9.87 4.44 -2.59
C PRO A 180 -11.24 4.99 -3.01
N ILE A 181 -12.27 4.83 -2.16
CA ILE A 181 -13.60 5.32 -2.52
C ILE A 181 -13.83 6.82 -2.27
N VAL A 182 -13.30 7.37 -1.19
CA VAL A 182 -13.51 8.80 -0.91
C VAL A 182 -12.89 9.72 -1.95
N TRP A 183 -11.64 9.47 -2.29
CA TRP A 183 -10.97 10.29 -3.28
C TRP A 183 -11.57 10.14 -4.68
N ILE A 184 -12.40 9.11 -4.86
CA ILE A 184 -13.05 8.85 -6.14
C ILE A 184 -13.68 10.10 -6.76
N ILE A 185 -14.04 11.06 -5.92
CA ILE A 185 -14.66 12.29 -6.41
C ILE A 185 -13.71 13.49 -6.30
N GLY A 186 -13.93 14.49 -7.16
CA GLY A 186 -13.09 15.67 -7.15
C GLY A 186 -11.75 15.47 -7.82
N PRO A 187 -11.07 16.56 -8.17
CA PRO A 187 -9.76 16.50 -8.81
C PRO A 187 -8.75 15.75 -7.95
N SER A 188 -8.35 14.58 -8.43
CA SER A 188 -7.38 13.73 -7.73
C SER A 188 -7.66 13.63 -6.24
N GLY A 189 -8.90 13.31 -5.90
CA GLY A 189 -9.26 13.19 -4.50
C GLY A 189 -9.88 14.47 -3.93
N PHE A 190 -10.99 14.31 -3.23
CA PHE A 190 -11.69 15.43 -2.63
C PHE A 190 -12.21 16.38 -3.70
N GLY A 191 -13.49 16.75 -3.59
CA GLY A 191 -14.13 17.65 -4.55
C GLY A 191 -13.25 18.82 -4.95
N TRP A 192 -13.66 19.53 -6.01
CA TRP A 192 -12.92 20.69 -6.53
C TRP A 192 -12.36 21.53 -5.39
N ILE A 193 -11.11 21.25 -5.02
CA ILE A 193 -10.45 21.96 -3.95
C ILE A 193 -8.93 21.93 -4.10
N ASN A 194 -8.23 22.56 -3.17
CA ASN A 194 -6.77 22.61 -3.18
C ASN A 194 -6.16 21.32 -2.63
N GLN A 195 -4.90 21.08 -2.98
CA GLN A 195 -4.19 19.89 -2.52
C GLN A 195 -4.06 19.88 -0.99
N THR A 196 -4.16 21.05 -0.38
CA THR A 196 -4.04 21.17 1.07
C THR A 196 -4.95 20.18 1.78
N ILE A 197 -6.26 20.35 1.62
CA ILE A 197 -7.23 19.45 2.25
C ILE A 197 -7.12 18.05 1.68
N ASP A 198 -6.76 17.96 0.40
CA ASP A 198 -6.63 16.66 -0.26
C ASP A 198 -5.68 15.75 0.51
N THR A 199 -4.43 16.19 0.65
CA THR A 199 -3.42 15.41 1.36
C THR A 199 -3.76 15.27 2.85
N PHE A 200 -4.64 16.12 3.35
CA PHE A 200 -5.03 16.08 4.76
C PHE A 200 -5.74 14.76 5.09
N LEU A 201 -6.80 14.46 4.34
CA LEU A 201 -7.57 13.22 4.56
C LEU A 201 -6.72 11.99 4.27
N PHE A 202 -5.84 12.10 3.29
CA PHE A 202 -4.97 10.98 2.92
C PHE A 202 -3.99 10.65 4.03
N CYS A 203 -3.27 11.66 4.48
CA CYS A 203 -2.32 11.46 5.55
C CYS A 203 -3.07 10.85 6.72
N LEU A 204 -4.33 11.26 6.85
CA LEU A 204 -5.17 10.76 7.92
C LEU A 204 -5.43 9.25 7.80
N LEU A 205 -6.09 8.81 6.73
CA LEU A 205 -6.35 7.37 6.60
C LEU A 205 -5.18 6.61 5.96
N PRO A 206 -4.71 6.99 4.75
CA PRO A 206 -3.57 6.27 4.17
C PRO A 206 -2.41 6.07 5.14
N PHE A 207 -2.19 6.99 6.10
CA PHE A 207 -1.10 6.78 7.04
C PHE A 207 -1.55 5.76 8.08
N PHE A 208 -2.82 5.87 8.47
CA PHE A 208 -3.41 4.97 9.46
C PHE A 208 -3.23 3.51 9.03
N SER A 209 -3.08 3.30 7.73
CA SER A 209 -2.91 1.94 7.19
C SER A 209 -1.45 1.53 7.23
N LYS A 210 -0.54 2.46 6.94
CA LYS A 210 0.88 2.16 6.94
C LYS A 210 1.30 1.51 8.25
N VAL A 211 1.25 2.27 9.34
CA VAL A 211 1.62 1.75 10.65
C VAL A 211 0.57 0.78 11.19
N GLY A 212 -0.71 1.10 10.94
CA GLY A 212 -1.79 0.24 11.40
C GLY A 212 -1.61 -1.21 10.98
N PHE A 213 -1.62 -1.44 9.67
CA PHE A 213 -1.46 -2.80 9.14
C PHE A 213 -0.12 -3.40 9.52
N SER A 214 0.88 -2.54 9.74
CA SER A 214 2.21 -2.99 10.11
C SER A 214 2.16 -3.93 11.32
N PHE A 215 1.71 -3.39 12.44
CA PHE A 215 1.61 -4.17 13.68
C PHE A 215 0.51 -5.22 13.62
N LEU A 216 -0.47 -5.00 12.75
CA LEU A 216 -1.58 -5.94 12.60
C LEU A 216 -1.09 -7.26 11.99
N ASP A 217 -0.53 -7.16 10.79
CA ASP A 217 -0.03 -8.34 10.09
C ASP A 217 0.88 -9.17 10.99
N LEU A 218 1.87 -8.53 11.59
CA LEU A 218 2.80 -9.21 12.48
C LEU A 218 2.07 -9.80 13.68
N HIS A 219 1.28 -8.97 14.35
CA HIS A 219 0.53 -9.41 15.53
C HIS A 219 -0.28 -10.67 15.22
N GLY A 220 -0.85 -10.73 14.03
CA GLY A 220 -1.63 -11.88 13.65
C GLY A 220 -0.85 -13.17 13.76
N LEU A 221 0.31 -13.22 13.12
CA LEU A 221 1.16 -14.41 13.16
C LEU A 221 1.40 -14.86 14.60
N ARG A 222 1.44 -13.91 15.52
CA ARG A 222 1.67 -14.21 16.93
C ARG A 222 3.06 -14.79 17.14
N ASN A 223 3.65 -14.49 18.29
CA ASN A 223 4.98 -14.99 18.61
C ASN A 223 4.91 -16.19 19.54
N LEU A 224 5.96 -17.01 19.51
CA LEU A 224 6.02 -18.22 20.34
C LEU A 224 7.00 -18.03 21.49
N ASN A 225 6.51 -17.50 22.60
CA ASN A 225 7.35 -17.27 23.78
C ASN A 225 7.17 -18.39 24.80
N ASP A 226 5.93 -18.83 24.97
CA ASP A 226 5.62 -19.90 25.92
C ASP A 226 6.08 -19.53 27.33
N SER A 227 5.49 -18.48 27.87
CA SER A 227 5.83 -18.02 29.21
C SER A 227 4.69 -18.29 30.19
N ARG A 228 4.76 -19.43 30.86
CA ARG A 228 3.73 -19.81 31.83
C ARG A 228 4.27 -19.75 33.25
N GLN A 229 3.38 -19.83 34.23
CA GLN A 229 3.78 -19.79 35.64
C GLN A 229 3.57 -21.15 36.30
C1 RET B . -5.43 3.14 -7.93
C2 RET B . -6.08 3.17 -9.32
C3 RET B . -6.90 1.91 -9.54
C4 RET B . -8.05 1.87 -8.58
C5 RET B . -7.55 1.91 -7.14
C6 RET B . -6.35 2.48 -6.82
C7 RET B . -5.89 2.48 -5.40
C8 RET B . -4.72 3.00 -4.97
C9 RET B . -4.32 2.97 -3.57
C10 RET B . -3.13 3.51 -3.14
C11 RET B . -2.72 3.49 -1.78
C12 RET B . -1.53 4.02 -1.35
C13 RET B . -1.14 3.99 -0.01
C14 RET B . 0.08 4.54 0.42
C15 RET B . 0.49 4.51 1.73
C16 RET B . -5.12 4.58 -7.56
C17 RET B . -4.13 2.37 -8.05
C18 RET B . -8.41 1.28 -6.06
C19 RET B . -5.24 2.31 -2.55
C20 RET B . -2.05 3.32 1.02
H21 RET B . -6.73 4.04 -9.38
H22 RET B . -5.31 3.24 -10.07
H31 RET B . -7.28 1.92 -10.55
H32 RET B . -6.27 1.05 -9.40
H41 RET B . -8.69 2.72 -8.75
H42 RET B . -8.61 0.97 -8.73
H7 RET B . -6.53 2.02 -4.66
H8 RET B . -4.07 3.46 -5.68
H10 RET B . -2.48 3.97 -3.86
H11 RET B . -3.36 3.01 -1.07
H12 RET B . -0.89 4.48 -2.07
H14 RET B . 0.72 5.00 -0.31
H15 RET B . -0.14 4.06 2.46
H161 RET B . -5.98 5.20 -7.76
H162 RET B . -4.29 4.93 -8.16
H163 RET B . -4.86 4.65 -6.52
H171 RET B . -3.38 3.00 -8.49
H172 RET B . -3.80 2.06 -7.06
H173 RET B . -4.27 1.51 -8.66
H181 RET B . -8.82 0.35 -6.42
H182 RET B . -7.81 1.09 -5.18
H183 RET B . -9.23 1.95 -5.81
H191 RET B . -4.71 2.17 -1.62
H192 RET B . -5.58 1.36 -2.92
H193 RET B . -6.10 2.95 -2.38
H201 RET B . -2.32 2.34 0.68
H202 RET B . -2.94 3.92 1.15
H203 RET B . -1.54 3.24 1.96
N MET A 1 0.69 17.84 16.82
CA MET A 1 -0.66 18.26 17.29
C MET A 1 -1.40 19.02 16.20
N ASN A 2 -2.28 18.32 15.49
CA ASN A 2 -3.08 18.89 14.40
C ASN A 2 -2.25 19.81 13.52
N LEU A 3 -1.07 19.34 13.13
CA LEU A 3 -0.17 20.12 12.29
C LEU A 3 -0.79 20.35 10.91
N GLU A 4 -0.73 19.33 10.06
CA GLU A 4 -1.28 19.41 8.71
C GLU A 4 -0.38 20.22 7.76
N SER A 5 0.72 20.74 8.28
CA SER A 5 1.65 21.53 7.48
C SER A 5 2.98 20.81 7.31
N LEU A 6 3.60 20.46 8.44
CA LEU A 6 4.88 19.76 8.42
C LEU A 6 4.68 18.26 8.46
N LEU A 7 3.75 17.77 7.64
CA LEU A 7 3.45 16.34 7.58
C LEU A 7 4.46 15.60 6.71
N HIS A 8 4.95 16.26 5.67
CA HIS A 8 5.92 15.66 4.76
C HIS A 8 7.27 15.45 5.44
N TRP A 9 7.72 16.46 6.18
CA TRP A 9 8.99 16.38 6.89
C TRP A 9 8.95 15.31 7.98
N ILE A 10 7.99 15.44 8.90
CA ILE A 10 7.85 14.48 9.99
C ILE A 10 7.81 13.05 9.46
N TYR A 11 7.36 12.90 8.22
CA TYR A 11 7.28 11.58 7.59
C TYR A 11 8.67 11.01 7.31
N VAL A 12 9.57 11.86 6.83
CA VAL A 12 10.93 11.42 6.53
C VAL A 12 11.60 10.84 7.78
N ALA A 13 11.30 11.43 8.93
CA ALA A 13 11.89 10.98 10.19
C ALA A 13 11.28 9.65 10.64
N GLY A 14 9.99 9.46 10.36
CA GLY A 14 9.33 8.23 10.75
C GLY A 14 9.89 6.99 10.06
N MET A 15 9.64 6.89 8.76
CA MET A 15 10.13 5.75 7.99
C MET A 15 11.62 5.55 8.19
N THR A 16 12.34 6.64 8.44
CA THR A 16 13.79 6.58 8.64
C THR A 16 14.15 5.55 9.72
N ILE A 17 13.64 5.75 10.93
CA ILE A 17 13.92 4.85 12.03
C ILE A 17 13.42 3.44 11.74
N GLY A 18 12.43 3.33 10.85
CA GLY A 18 11.89 2.03 10.51
C GLY A 18 12.90 1.13 9.83
N ALA A 19 13.47 1.61 8.73
CA ALA A 19 14.47 0.85 7.99
C ALA A 19 15.61 0.39 8.90
N LEU A 20 16.06 1.30 9.76
CA LEU A 20 17.15 1.00 10.69
C LEU A 20 16.81 -0.22 11.55
N HIS A 21 15.61 -0.21 12.12
CA HIS A 21 15.15 -1.31 12.96
C HIS A 21 15.40 -2.65 12.28
N PHE A 22 15.17 -2.68 10.96
CA PHE A 22 15.39 -3.91 10.19
C PHE A 22 16.86 -4.26 10.15
N TRP A 23 17.71 -3.25 9.99
CA TRP A 23 19.16 -3.46 9.95
C TRP A 23 19.61 -4.33 11.11
N SER A 24 18.91 -4.21 12.24
CA SER A 24 19.23 -4.98 13.43
C SER A 24 18.81 -6.45 13.28
N LEU A 25 17.52 -6.66 13.01
CA LEU A 25 16.99 -8.02 12.85
C LEU A 25 17.69 -8.78 11.74
N SER A 26 18.30 -8.04 10.81
CA SER A 26 19.00 -8.67 9.70
C SER A 26 20.06 -9.65 10.20
N ARG A 27 20.50 -9.47 11.45
CA ARG A 27 21.50 -10.36 12.03
C ARG A 27 21.05 -11.80 11.85
N ASN A 28 19.74 -12.00 11.89
CA ASN A 28 19.14 -13.31 11.72
C ASN A 28 17.64 -13.16 11.39
N PRO A 29 17.10 -13.89 10.39
CA PRO A 29 15.69 -13.80 10.02
C PRO A 29 14.82 -14.76 10.82
N ARG A 30 13.52 -14.46 10.88
CA ARG A 30 12.58 -15.30 11.61
C ARG A 30 11.14 -15.06 11.15
N GLY A 31 10.71 -15.85 10.18
CA GLY A 31 9.35 -15.73 9.65
C GLY A 31 9.33 -15.49 8.15
N VAL A 32 10.18 -14.57 7.69
CA VAL A 32 10.26 -14.26 6.27
C VAL A 32 11.73 -14.15 5.84
N PRO A 33 12.23 -15.07 4.99
CA PRO A 33 13.62 -15.03 4.54
C PRO A 33 14.09 -13.64 4.12
N GLN A 34 15.41 -13.52 4.00
CA GLN A 34 16.06 -12.27 3.62
C GLN A 34 15.49 -11.67 2.34
N TYR A 35 15.11 -12.50 1.38
CA TYR A 35 14.55 -11.98 0.11
C TYR A 35 13.24 -11.24 0.32
N GLU A 36 12.38 -11.76 1.19
CA GLU A 36 11.09 -11.13 1.45
C GLU A 36 11.24 -9.71 1.99
N TYR A 37 11.88 -9.59 3.13
CA TYR A 37 12.07 -8.27 3.72
C TYR A 37 12.95 -7.40 2.84
N LEU A 38 13.70 -8.01 1.93
CA LEU A 38 14.57 -7.25 1.04
C LEU A 38 13.70 -6.29 0.23
N VAL A 39 12.60 -6.82 -0.27
CA VAL A 39 11.68 -6.02 -1.07
C VAL A 39 11.11 -4.91 -0.19
N ALA A 40 10.84 -5.23 1.07
CA ALA A 40 10.30 -4.25 2.01
C ALA A 40 11.29 -3.10 2.19
N MET A 41 12.55 -3.46 2.43
CA MET A 41 13.62 -2.49 2.63
C MET A 41 13.53 -1.43 1.56
N PHE A 42 13.16 -1.85 0.36
CA PHE A 42 13.00 -0.93 -0.75
C PHE A 42 11.75 -0.10 -0.50
N ILE A 43 10.73 -0.73 0.09
CA ILE A 43 9.48 -0.06 0.40
C ILE A 43 9.56 0.90 1.60
N PRO A 44 9.89 0.54 2.91
CA PRO A 44 9.91 1.67 3.87
C PRO A 44 11.01 2.71 3.62
N ILE A 45 12.08 2.32 2.93
CA ILE A 45 13.15 3.26 2.65
C ILE A 45 12.75 4.20 1.52
N TRP A 46 11.98 3.68 0.57
CA TRP A 46 11.53 4.46 -0.57
C TRP A 46 10.66 5.62 -0.12
N SER A 47 9.57 5.28 0.57
CA SER A 47 8.63 6.25 1.06
C SER A 47 9.33 7.34 1.87
N GLY A 48 10.33 6.95 2.64
CA GLY A 48 11.06 7.91 3.45
C GLY A 48 11.57 9.08 2.63
N LEU A 49 12.30 8.78 1.56
CA LEU A 49 12.84 9.81 0.69
C LEU A 49 11.75 10.51 -0.11
N ALA A 50 10.79 9.74 -0.61
CA ALA A 50 9.68 10.28 -1.39
C ALA A 50 8.95 11.39 -0.64
N TYR A 51 8.53 11.09 0.57
CA TYR A 51 7.80 12.05 1.39
C TYR A 51 8.61 13.34 1.57
N MET A 52 9.92 13.19 1.78
CA MET A 52 10.80 14.34 1.96
C MET A 52 10.58 15.35 0.84
N ALA A 53 10.42 14.85 -0.37
CA ALA A 53 10.21 15.70 -1.53
C ALA A 53 8.94 16.51 -1.36
N MET A 54 7.87 15.84 -0.97
CA MET A 54 6.58 16.50 -0.75
C MET A 54 6.76 17.70 0.17
N ALA A 55 7.74 17.61 1.06
CA ALA A 55 8.01 18.67 2.02
C ALA A 55 8.67 19.86 1.33
N ILE A 56 9.44 19.57 0.29
CA ILE A 56 10.13 20.62 -0.46
C ILE A 56 9.27 21.17 -1.60
N ASP A 57 7.96 20.90 -1.55
CA ASP A 57 7.02 21.37 -2.57
C ASP A 57 7.59 21.20 -3.97
N GLN A 58 8.07 20.00 -4.27
CA GLN A 58 8.65 19.72 -5.58
C GLN A 58 7.80 18.70 -6.35
N GLY A 59 6.98 17.94 -5.63
CA GLY A 59 6.12 16.95 -6.25
C GLY A 59 4.92 17.56 -6.93
N LYS A 60 5.16 18.36 -7.96
CA LYS A 60 4.08 19.02 -8.70
C LYS A 60 4.45 19.18 -10.17
N VAL A 61 3.48 18.97 -11.06
CA VAL A 61 3.71 19.10 -12.48
C VAL A 61 2.49 19.67 -13.18
N GLU A 62 2.72 20.45 -14.23
CA GLU A 62 1.64 21.05 -15.00
C GLU A 62 1.44 20.35 -16.33
N ALA A 63 0.57 19.34 -16.34
CA ALA A 63 0.29 18.58 -17.55
C ALA A 63 -0.86 19.19 -18.33
N ALA A 64 -0.54 19.81 -19.46
CA ALA A 64 -1.55 20.44 -20.30
C ALA A 64 -2.20 21.62 -19.58
N GLY A 65 -1.44 22.23 -18.66
CA GLY A 65 -1.95 23.36 -17.92
C GLY A 65 -2.79 22.95 -16.73
N GLN A 66 -2.61 21.71 -16.28
CA GLN A 66 -3.36 21.19 -15.14
C GLN A 66 -2.41 20.72 -14.04
N ILE A 67 -2.65 21.21 -12.82
CA ILE A 67 -1.82 20.84 -11.68
C ILE A 67 -2.18 19.45 -11.16
N ALA A 68 -1.35 18.47 -11.50
CA ALA A 68 -1.58 17.09 -11.07
C ALA A 68 -0.51 16.64 -10.09
N HIS A 69 -0.90 15.83 -9.12
CA HIS A 69 0.03 15.33 -8.12
C HIS A 69 0.72 14.05 -8.60
N TYR A 70 1.66 14.21 -9.52
CA TYR A 70 2.39 13.07 -10.07
C TYR A 70 3.24 12.39 -9.00
N ALA A 71 3.97 13.20 -8.24
CA ALA A 71 4.83 12.69 -7.18
C ALA A 71 4.08 11.76 -6.24
N ARG A 72 2.77 11.95 -6.15
CA ARG A 72 1.93 11.13 -5.29
C ARG A 72 1.69 9.75 -5.91
N TYR A 73 1.25 9.73 -7.15
CA TYR A 73 0.97 8.47 -7.84
C TYR A 73 2.18 7.54 -7.84
N ILE A 74 3.33 8.05 -8.27
CA ILE A 74 4.55 7.22 -8.30
C ILE A 74 4.81 6.58 -6.94
N ASP A 75 4.83 7.38 -5.88
CA ASP A 75 5.08 6.86 -4.56
C ASP A 75 3.92 5.99 -4.11
N TRP A 76 2.74 6.28 -4.65
CA TRP A 76 1.55 5.51 -4.31
C TRP A 76 1.56 4.17 -5.01
N MET A 77 2.39 4.03 -6.04
CA MET A 77 2.50 2.79 -6.78
C MET A 77 3.39 1.81 -6.00
N VAL A 78 4.70 2.07 -6.03
CA VAL A 78 5.63 1.21 -5.32
C VAL A 78 5.09 0.92 -3.93
N THR A 79 4.43 1.91 -3.35
CA THR A 79 3.86 1.75 -2.05
C THR A 79 2.64 0.83 -2.10
N THR A 80 1.63 1.16 -2.93
CA THR A 80 0.45 0.31 -2.98
C THR A 80 0.73 -1.05 -3.63
N PRO A 81 1.15 -1.17 -4.92
CA PRO A 81 1.45 -2.51 -5.44
C PRO A 81 2.29 -3.40 -4.50
N LEU A 82 3.42 -2.90 -4.03
CA LEU A 82 4.26 -3.70 -3.15
C LEU A 82 3.76 -3.76 -1.72
N LEU A 83 2.63 -3.13 -1.42
CA LEU A 83 2.09 -3.17 -0.07
C LEU A 83 1.32 -4.46 0.13
N LEU A 84 0.47 -4.77 -0.83
CA LEU A 84 -0.32 -5.99 -0.75
C LEU A 84 0.59 -7.19 -0.91
N LEU A 85 1.65 -7.03 -1.70
CA LEU A 85 2.61 -8.11 -1.92
C LEU A 85 3.55 -8.27 -0.73
N SER A 86 4.02 -7.15 -0.18
CA SER A 86 4.92 -7.18 0.96
C SER A 86 4.25 -7.75 2.20
N LEU A 87 3.16 -7.12 2.63
CA LEU A 87 2.41 -7.58 3.79
C LEU A 87 2.14 -9.06 3.67
N SER A 88 1.75 -9.49 2.48
CA SER A 88 1.47 -10.89 2.24
C SER A 88 2.73 -11.72 2.46
N TRP A 89 3.81 -11.32 1.79
CA TRP A 89 5.09 -12.00 1.89
C TRP A 89 5.46 -12.25 3.35
N THR A 90 5.24 -11.24 4.20
CA THR A 90 5.56 -11.35 5.62
C THR A 90 4.85 -12.54 6.26
N ALA A 91 3.58 -12.73 5.92
CA ALA A 91 2.79 -13.83 6.47
C ALA A 91 3.27 -15.19 5.95
N MET A 92 4.01 -15.19 4.85
CA MET A 92 4.51 -16.43 4.27
C MET A 92 5.83 -16.89 4.90
N GLN A 93 5.89 -18.17 5.24
CA GLN A 93 7.08 -18.73 5.86
C GLN A 93 8.07 -19.21 4.79
N PHE A 94 7.54 -19.88 3.77
CA PHE A 94 8.35 -20.39 2.67
C PHE A 94 7.75 -19.98 1.32
N ILE A 95 8.46 -20.27 0.24
CA ILE A 95 7.98 -19.92 -1.09
C ILE A 95 8.15 -21.09 -2.07
N LYS A 96 7.48 -20.99 -3.21
CA LYS A 96 7.53 -22.02 -4.24
C LYS A 96 7.50 -21.40 -5.63
N LYS A 97 6.49 -20.57 -5.88
CA LYS A 97 6.33 -19.92 -7.16
C LYS A 97 6.20 -20.93 -8.29
N ASP A 98 4.99 -21.07 -8.82
CA ASP A 98 4.73 -22.01 -9.91
C ASP A 98 3.24 -22.06 -10.25
N TRP A 99 2.71 -20.92 -10.70
CA TRP A 99 1.30 -20.84 -11.07
C TRP A 99 1.06 -19.70 -12.06
N THR A 100 0.50 -20.03 -13.21
CA THR A 100 0.22 -19.04 -14.24
C THR A 100 -0.90 -18.11 -13.81
N LEU A 101 -1.95 -18.69 -13.24
CA LEU A 101 -3.09 -17.90 -12.77
C LEU A 101 -2.63 -16.77 -11.86
N ILE A 102 -1.83 -17.12 -10.87
CA ILE A 102 -1.31 -16.14 -9.92
C ILE A 102 -0.53 -15.04 -10.64
N GLY A 103 0.23 -15.45 -11.66
CA GLY A 103 1.01 -14.49 -12.41
C GLY A 103 0.18 -13.35 -12.96
N PHE A 104 -1.08 -13.66 -13.29
CA PHE A 104 -1.99 -12.65 -13.83
C PHE A 104 -2.50 -11.75 -12.72
N LEU A 105 -2.65 -12.32 -11.52
CA LEU A 105 -3.14 -11.56 -10.38
C LEU A 105 -2.17 -10.43 -10.04
N MET A 106 -0.90 -10.78 -9.85
CA MET A 106 0.12 -9.79 -9.53
C MET A 106 0.16 -8.70 -10.60
N SER A 107 0.00 -9.12 -11.85
CA SER A 107 0.00 -8.18 -12.97
C SER A 107 -1.20 -7.25 -12.90
N THR A 108 -2.22 -7.66 -12.15
CA THR A 108 -3.43 -6.85 -12.01
C THR A 108 -3.18 -5.62 -11.15
N GLN A 109 -2.62 -5.83 -9.95
CA GLN A 109 -2.34 -4.73 -9.04
C GLN A 109 -1.44 -3.68 -9.66
N ILE A 110 -0.43 -4.10 -10.41
CA ILE A 110 0.48 -3.16 -11.04
C ILE A 110 -0.21 -2.43 -12.19
N VAL A 111 -1.24 -3.06 -12.75
CA VAL A 111 -1.98 -2.46 -13.85
C VAL A 111 -2.98 -1.43 -13.35
N VAL A 112 -3.68 -1.75 -12.26
CA VAL A 112 -4.67 -0.84 -11.69
C VAL A 112 -4.00 0.47 -11.29
N ILE A 113 -3.12 0.40 -10.31
CA ILE A 113 -2.40 1.58 -9.83
C ILE A 113 -1.73 2.29 -11.00
N THR A 114 -1.26 1.52 -11.97
CA THR A 114 -0.61 2.09 -13.14
C THR A 114 -1.53 3.08 -13.83
N SER A 115 -2.79 2.69 -13.98
CA SER A 115 -3.78 3.56 -14.61
C SER A 115 -3.89 4.88 -13.85
N GLY A 116 -3.68 4.79 -12.54
CA GLY A 116 -3.75 5.98 -11.71
C GLY A 116 -2.82 7.07 -12.19
N LEU A 117 -1.53 6.74 -12.32
CA LEU A 117 -0.55 7.71 -12.77
C LEU A 117 -1.03 8.37 -14.05
N ILE A 118 -1.58 7.56 -14.94
CA ILE A 118 -2.10 8.05 -16.22
C ILE A 118 -3.23 9.04 -16.01
N ALA A 119 -4.06 8.80 -14.98
CA ALA A 119 -5.17 9.68 -14.68
C ALA A 119 -4.72 11.13 -14.59
N ASP A 120 -3.68 11.35 -13.80
CA ASP A 120 -3.12 12.69 -13.63
C ASP A 120 -2.37 13.14 -14.88
N LEU A 121 -1.92 12.17 -15.67
CA LEU A 121 -1.20 12.46 -16.90
C LEU A 121 -2.14 12.48 -18.11
N SER A 122 -3.40 12.78 -17.86
CA SER A 122 -4.40 12.83 -18.91
C SER A 122 -4.41 14.20 -19.60
N GLU A 123 -5.18 14.31 -20.67
CA GLU A 123 -5.27 15.56 -21.42
C GLU A 123 -6.72 16.02 -21.54
N ARG A 124 -7.65 15.07 -21.48
CA ARG A 124 -9.07 15.39 -21.59
C ARG A 124 -9.76 15.20 -20.24
N ASP A 125 -10.95 15.77 -20.11
CA ASP A 125 -11.73 15.67 -18.87
C ASP A 125 -12.56 14.39 -18.86
N TRP A 126 -13.31 14.17 -19.93
CA TRP A 126 -14.16 12.99 -20.04
C TRP A 126 -13.35 11.72 -19.84
N VAL A 127 -12.08 11.75 -20.25
CA VAL A 127 -11.20 10.60 -20.12
C VAL A 127 -10.86 10.34 -18.65
N ARG A 128 -10.95 11.38 -17.83
CA ARG A 128 -10.65 11.24 -16.41
C ARG A 128 -11.58 10.24 -15.73
N TYR A 129 -12.82 10.18 -16.21
CA TYR A 129 -13.81 9.26 -15.66
C TYR A 129 -13.65 7.86 -16.27
N LEU A 130 -13.30 7.81 -17.54
CA LEU A 130 -13.10 6.55 -18.23
C LEU A 130 -11.94 5.78 -17.63
N TRP A 131 -10.84 6.49 -17.38
CA TRP A 131 -9.64 5.87 -16.82
C TRP A 131 -9.84 5.57 -15.33
N TYR A 132 -10.28 6.57 -14.58
CA TYR A 132 -10.50 6.39 -13.15
C TYR A 132 -11.40 5.19 -12.89
N ILE A 133 -12.47 5.08 -13.67
CA ILE A 133 -13.40 3.98 -13.53
C ILE A 133 -12.72 2.65 -13.86
N CYS A 134 -11.73 2.71 -14.75
CA CYS A 134 -10.99 1.53 -15.15
C CYS A 134 -10.15 1.00 -13.99
N GLY A 135 -9.71 1.91 -13.13
CA GLY A 135 -8.92 1.51 -11.98
C GLY A 135 -9.72 0.72 -10.96
N VAL A 136 -10.78 1.33 -10.45
CA VAL A 136 -11.63 0.67 -9.47
C VAL A 136 -12.10 -0.69 -9.97
N CYS A 137 -12.49 -0.74 -11.25
CA CYS A 137 -12.95 -1.98 -11.85
C CYS A 137 -11.87 -3.05 -11.79
N ALA A 138 -10.62 -2.63 -12.02
CA ALA A 138 -9.49 -3.54 -12.00
C ALA A 138 -9.19 -4.01 -10.58
N PHE A 139 -9.59 -3.21 -9.60
CA PHE A 139 -9.37 -3.54 -8.20
C PHE A 139 -10.34 -4.63 -7.74
N LEU A 140 -11.47 -4.76 -8.44
CA LEU A 140 -12.47 -5.76 -8.10
C LEU A 140 -12.05 -7.14 -8.61
N ILE A 141 -11.74 -7.21 -9.89
CA ILE A 141 -11.32 -8.48 -10.50
C ILE A 141 -10.21 -9.15 -9.69
N ILE A 142 -9.18 -8.39 -9.35
CA ILE A 142 -8.06 -8.92 -8.58
C ILE A 142 -8.55 -9.44 -7.22
N LEU A 143 -9.33 -8.63 -6.52
CA LEU A 143 -9.86 -9.01 -5.22
C LEU A 143 -10.58 -10.35 -5.31
N TRP A 144 -11.17 -10.60 -6.48
CA TRP A 144 -11.90 -11.86 -6.70
C TRP A 144 -10.92 -13.02 -6.89
N GLY A 145 -9.80 -12.74 -7.53
CA GLY A 145 -8.81 -13.78 -7.77
C GLY A 145 -8.21 -14.30 -6.48
N ILE A 146 -8.32 -13.52 -5.42
CA ILE A 146 -7.79 -13.91 -4.12
C ILE A 146 -8.89 -14.28 -3.13
N TRP A 147 -10.15 -14.03 -3.50
CA TRP A 147 -11.28 -14.34 -2.63
C TRP A 147 -11.99 -15.62 -3.07
N ASN A 148 -12.32 -15.71 -4.36
CA ASN A 148 -13.01 -16.88 -4.89
C ASN A 148 -12.33 -18.18 -4.46
N PRO A 149 -11.01 -18.33 -4.71
CA PRO A 149 -10.28 -19.54 -4.34
C PRO A 149 -10.54 -19.97 -2.90
N LEU A 150 -10.93 -19.01 -2.06
CA LEU A 150 -11.21 -19.29 -0.65
C LEU A 150 -9.92 -19.58 0.11
N ARG A 151 -8.81 -19.01 -0.36
CA ARG A 151 -7.52 -19.20 0.26
C ARG A 151 -7.17 -20.68 0.36
N ALA A 152 -7.33 -21.39 -0.76
CA ALA A 152 -7.03 -22.82 -0.81
C ALA A 152 -5.54 -23.07 -0.63
N LYS A 153 -4.72 -22.32 -1.37
CA LYS A 153 -3.27 -22.46 -1.30
C LYS A 153 -2.76 -22.07 0.08
N THR A 154 -3.51 -21.21 0.77
CA THR A 154 -3.12 -20.76 2.09
C THR A 154 -3.52 -21.78 3.15
N ARG A 155 -4.69 -22.38 2.98
CA ARG A 155 -5.19 -23.37 3.93
C ARG A 155 -4.36 -24.65 3.84
N THR A 156 -3.77 -24.89 2.66
CA THR A 156 -2.95 -26.07 2.45
C THR A 156 -1.53 -25.86 2.96
N GLN A 157 -1.09 -24.61 2.96
CA GLN A 157 0.25 -24.27 3.43
C GLN A 157 0.35 -24.40 4.94
N SER A 158 -0.65 -23.89 5.64
CA SER A 158 -0.69 -23.95 7.10
C SER A 158 -2.02 -23.41 7.63
N SER A 159 -2.76 -24.27 8.32
CA SER A 159 -4.06 -23.87 8.88
C SER A 159 -3.92 -22.63 9.75
N GLU A 160 -2.87 -22.59 10.56
CA GLU A 160 -2.63 -21.46 11.44
C GLU A 160 -2.56 -20.14 10.66
N LEU A 161 -1.58 -20.06 9.77
CA LEU A 161 -1.40 -18.85 8.95
C LEU A 161 -2.66 -18.55 8.14
N ALA A 162 -3.49 -19.56 7.92
CA ALA A 162 -4.72 -19.40 7.17
C ALA A 162 -5.71 -18.50 7.91
N ASN A 163 -6.09 -18.92 9.12
CA ASN A 163 -7.02 -18.16 9.94
C ASN A 163 -6.55 -16.71 10.05
N LEU A 164 -5.24 -16.53 10.00
CA LEU A 164 -4.63 -15.22 10.09
C LEU A 164 -4.91 -14.43 8.81
N TYR A 165 -4.48 -14.98 7.68
CA TYR A 165 -4.68 -14.34 6.39
C TYR A 165 -6.15 -13.96 6.19
N ASP A 166 -7.04 -14.74 6.79
CA ASP A 166 -8.48 -14.49 6.67
C ASP A 166 -8.84 -13.16 7.33
N LYS A 167 -8.55 -13.04 8.63
CA LYS A 167 -8.85 -11.83 9.37
C LYS A 167 -8.10 -10.64 8.77
N LEU A 168 -6.92 -10.90 8.22
CA LEU A 168 -6.11 -9.86 7.62
C LEU A 168 -6.77 -9.34 6.34
N VAL A 169 -7.26 -10.25 5.51
CA VAL A 169 -7.91 -9.89 4.27
C VAL A 169 -9.06 -8.93 4.52
N THR A 170 -9.69 -9.06 5.69
CA THR A 170 -10.81 -8.21 6.05
C THR A 170 -10.34 -6.77 6.29
N TYR A 171 -9.37 -6.62 7.20
CA TYR A 171 -8.83 -5.31 7.52
C TYR A 171 -8.26 -4.65 6.27
N PHE A 172 -7.73 -5.47 5.37
CA PHE A 172 -7.15 -4.95 4.14
C PHE A 172 -8.24 -4.50 3.19
N THR A 173 -9.28 -5.31 3.06
CA THR A 173 -10.40 -4.98 2.19
C THR A 173 -10.91 -3.58 2.47
N VAL A 174 -11.07 -3.27 3.75
CA VAL A 174 -11.54 -1.96 4.15
C VAL A 174 -10.47 -0.89 3.93
N LEU A 175 -9.21 -1.32 3.87
CA LEU A 175 -8.10 -0.40 3.64
C LEU A 175 -8.29 0.38 2.33
N TRP A 176 -8.42 -0.35 1.22
CA TRP A 176 -8.61 0.28 -0.08
C TRP A 176 -10.02 0.90 -0.12
N ILE A 177 -11.01 0.11 0.27
CA ILE A 177 -12.38 0.61 0.29
C ILE A 177 -12.38 1.94 1.03
N GLY A 178 -11.48 2.05 2.00
CA GLY A 178 -11.35 3.25 2.78
C GLY A 178 -10.74 4.38 1.97
N TYR A 179 -9.63 4.13 1.23
CA TYR A 179 -9.05 5.21 0.46
C TYR A 179 -9.81 5.35 -0.87
N PRO A 180 -9.81 4.36 -1.82
CA PRO A 180 -10.59 4.51 -3.05
C PRO A 180 -11.99 5.14 -2.89
N ILE A 181 -12.62 5.05 -1.70
CA ILE A 181 -13.95 5.63 -1.54
C ILE A 181 -13.91 7.12 -1.17
N VAL A 182 -13.02 7.50 -0.26
CA VAL A 182 -12.93 8.91 0.15
C VAL A 182 -12.52 9.81 -1.02
N TRP A 183 -11.84 9.22 -2.00
CA TRP A 183 -11.41 9.97 -3.17
C TRP A 183 -12.41 9.86 -4.30
N ILE A 184 -13.19 8.77 -4.30
CA ILE A 184 -14.20 8.55 -5.33
C ILE A 184 -15.07 9.78 -5.56
N ILE A 185 -15.37 10.51 -4.48
CA ILE A 185 -16.20 11.71 -4.59
C ILE A 185 -15.38 12.96 -4.31
N GLY A 186 -15.73 14.04 -5.00
CA GLY A 186 -15.03 15.31 -4.84
C GLY A 186 -13.53 15.20 -5.06
N PRO A 187 -12.84 16.34 -5.15
CA PRO A 187 -11.39 16.38 -5.36
C PRO A 187 -10.61 16.02 -4.10
N SER A 188 -10.27 14.75 -3.96
CA SER A 188 -9.52 14.27 -2.81
C SER A 188 -10.21 14.68 -1.50
N GLY A 189 -11.39 14.13 -1.26
CA GLY A 189 -12.12 14.44 -0.05
C GLY A 189 -13.63 14.40 -0.25
N PHE A 190 -14.37 14.66 0.83
CA PHE A 190 -15.84 14.65 0.76
C PHE A 190 -16.33 15.50 -0.40
N GLY A 191 -15.76 16.69 -0.53
CA GLY A 191 -16.15 17.59 -1.60
C GLY A 191 -15.12 18.66 -1.85
N TRP A 192 -15.57 19.92 -1.94
CA TRP A 192 -14.67 21.04 -2.18
C TRP A 192 -13.50 21.01 -1.22
N ILE A 193 -12.37 20.46 -1.67
CA ILE A 193 -11.17 20.37 -0.85
C ILE A 193 -9.98 21.01 -1.55
N ASN A 194 -9.09 21.61 -0.76
CA ASN A 194 -7.90 22.26 -1.30
C ASN A 194 -6.72 21.29 -1.36
N GLN A 195 -5.63 21.74 -1.97
CA GLN A 195 -4.44 20.91 -2.09
C GLN A 195 -3.82 20.65 -0.72
N THR A 196 -4.04 21.58 0.21
CA THR A 196 -3.50 21.44 1.56
C THR A 196 -4.23 20.34 2.33
N ILE A 197 -5.54 20.42 2.36
CA ILE A 197 -6.35 19.43 3.07
C ILE A 197 -6.29 18.07 2.37
N ASP A 198 -6.07 18.10 1.06
CA ASP A 198 -5.99 16.87 0.28
C ASP A 198 -4.86 15.99 0.81
N THR A 199 -3.69 16.59 1.02
CA THR A 199 -2.54 15.86 1.53
C THR A 199 -2.71 15.52 3.01
N PHE A 200 -3.57 16.26 3.69
CA PHE A 200 -3.82 16.02 5.12
C PHE A 200 -4.57 14.72 5.33
N LEU A 201 -5.77 14.62 4.78
CA LEU A 201 -6.58 13.41 4.92
C LEU A 201 -5.81 12.19 4.43
N PHE A 202 -4.95 12.39 3.43
CA PHE A 202 -4.16 11.30 2.87
C PHE A 202 -2.99 10.93 3.80
N CYS A 203 -2.01 11.84 3.89
CA CYS A 203 -0.83 11.63 4.72
C CYS A 203 -1.18 10.96 6.03
N LEU A 204 -2.25 11.44 6.65
CA LEU A 204 -2.70 10.86 7.91
C LEU A 204 -3.15 9.43 7.65
N LEU A 205 -3.75 9.21 6.48
CA LEU A 205 -4.22 7.88 6.11
C LEU A 205 -3.11 6.92 5.63
N PRO A 206 -2.21 7.15 4.59
CA PRO A 206 -1.23 6.06 4.36
C PRO A 206 -0.35 5.75 5.58
N PHE A 207 -0.31 6.66 6.54
CA PHE A 207 0.49 6.43 7.73
C PHE A 207 -0.24 5.50 8.69
N PHE A 208 -1.57 5.59 8.67
CA PHE A 208 -2.41 4.76 9.54
C PHE A 208 -2.37 3.29 9.09
N SER A 209 -2.28 3.07 7.79
CA SER A 209 -2.24 1.71 7.24
C SER A 209 -0.82 1.15 7.28
N LYS A 210 0.17 2.03 7.18
CA LYS A 210 1.57 1.61 7.21
C LYS A 210 1.90 0.88 8.51
N VAL A 211 1.86 1.62 9.61
CA VAL A 211 2.15 1.06 10.91
C VAL A 211 1.07 0.08 11.37
N GLY A 212 -0.15 0.29 10.90
CA GLY A 212 -1.26 -0.57 11.27
C GLY A 212 -1.15 -1.98 10.72
N PHE A 213 -1.08 -2.09 9.40
CA PHE A 213 -0.98 -3.40 8.75
C PHE A 213 0.40 -4.03 8.93
N SER A 214 1.44 -3.21 8.93
CA SER A 214 2.79 -3.71 9.08
C SER A 214 2.92 -4.60 10.32
N PHE A 215 2.65 -4.02 11.49
CA PHE A 215 2.74 -4.75 12.75
C PHE A 215 1.64 -5.80 12.87
N LEU A 216 0.56 -5.63 12.11
CA LEU A 216 -0.56 -6.57 12.16
C LEU A 216 -0.21 -7.90 11.51
N ASP A 217 0.16 -7.86 10.23
CA ASP A 217 0.50 -9.07 9.49
C ASP A 217 1.57 -9.88 10.22
N LEU A 218 2.67 -9.23 10.56
CA LEU A 218 3.78 -9.91 11.26
C LEU A 218 3.31 -10.52 12.58
N HIS A 219 2.72 -9.70 13.44
CA HIS A 219 2.24 -10.16 14.73
C HIS A 219 1.37 -11.41 14.59
N GLY A 220 0.37 -11.34 13.73
CA GLY A 220 -0.51 -12.47 13.50
C GLY A 220 0.25 -13.77 13.24
N LEU A 221 1.40 -13.65 12.60
CA LEU A 221 2.22 -14.82 12.29
C LEU A 221 2.69 -15.50 13.57
N ARG A 222 3.24 -14.71 14.48
CA ARG A 222 3.73 -15.25 15.75
C ARG A 222 3.66 -14.20 16.86
N ASN A 223 2.52 -14.13 17.53
CA ASN A 223 2.32 -13.16 18.60
C ASN A 223 0.98 -13.39 19.29
N LEU A 224 1.01 -14.09 20.42
CA LEU A 224 -0.21 -14.38 21.18
C LEU A 224 0.13 -14.75 22.62
N ASN A 225 -0.44 -14.00 23.57
CA ASN A 225 -0.21 -14.24 24.99
C ASN A 225 1.27 -14.09 25.34
N ASP A 226 2.02 -15.18 25.20
CA ASP A 226 3.45 -15.16 25.51
C ASP A 226 3.69 -14.91 26.99
N SER A 227 2.99 -15.68 27.83
CA SER A 227 3.12 -15.55 29.27
C SER A 227 3.77 -16.79 29.88
N ARG A 228 3.66 -16.93 31.19
CA ARG A 228 4.23 -18.08 31.89
C ARG A 228 3.15 -19.08 32.29
N GLN A 229 3.29 -20.32 31.82
CA GLN A 229 2.33 -21.37 32.12
C GLN A 229 2.93 -22.39 33.08
C1 RET B . -6.29 6.14 -6.81
C2 RET B . -7.05 6.82 -7.96
C3 RET B . -7.53 5.78 -8.95
C4 RET B . -8.54 4.87 -8.30
C5 RET B . -7.92 4.19 -7.09
C6 RET B . -6.88 4.74 -6.39
C7 RET B . -6.30 4.02 -5.22
C8 RET B . -5.28 4.47 -4.48
C9 RET B . -4.74 3.73 -3.34
C10 RET B . -3.69 4.20 -2.59
C11 RET B . -3.17 3.48 -1.49
C12 RET B . -2.13 3.94 -0.73
C13 RET B . -1.60 3.23 0.36
C14 RET B . -0.53 3.73 1.13
C15 RET B . 0.00 3.03 2.19
C16 RET B . -6.33 7.12 -5.64
C17 RET B . -4.84 5.97 -7.26
C18 RET B . -8.48 2.83 -6.67
C19 RET B . -5.37 2.38 -3.00
C20 RET B . -2.21 1.87 0.71
H21 RET B . -7.90 7.33 -7.55
H22 RET B . -6.39 7.51 -8.46
H31 RET B . -7.99 6.29 -9.79
H32 RET B . -6.69 5.21 -9.31
H41 RET B . -9.39 5.46 -7.99
H42 RET B . -8.86 4.13 -9.01
H7 RET B . -6.74 3.06 -4.96
H8 RET B . -4.84 5.42 -4.72
H10 RET B . -3.27 5.15 -2.84
H11 RET B . -3.59 2.53 -1.24
H12 RET B . -1.69 4.89 -0.98
H14 RET B . -0.11 4.67 0.88
H15 RET B . -0.43 2.09 2.45
H161 RET B . -7.33 7.47 -5.51
H162 RET B . -5.67 7.95 -5.84
H163 RET B . -5.99 6.61 -4.74
H171 RET B . -4.32 6.92 -7.18
H172 RET B . -4.35 5.24 -6.64
H173 RET B . -4.82 5.64 -8.29
H181 RET B . -8.66 2.23 -7.54
H182 RET B . -7.78 2.33 -6.02
H183 RET B . -9.41 2.98 -6.14
H191 RET B . -4.72 1.86 -2.30
H192 RET B . -5.47 1.78 -3.89
H193 RET B . -6.34 2.54 -2.55
H201 RET B . -2.26 1.26 -0.17
H202 RET B . -3.21 2.02 1.10
H203 RET B . -1.60 1.39 1.46
N MET A 1 8.35 21.73 16.67
CA MET A 1 7.11 20.94 16.46
C MET A 1 5.90 21.71 16.98
N ASN A 2 5.48 22.73 16.21
CA ASN A 2 4.33 23.54 16.60
C ASN A 2 3.77 24.29 15.39
N LEU A 3 4.52 25.27 14.91
CA LEU A 3 4.08 26.07 13.76
C LEU A 3 4.95 25.78 12.54
N GLU A 4 5.49 24.56 12.49
CA GLU A 4 6.34 24.16 11.38
C GLU A 4 5.50 23.86 10.13
N SER A 5 4.29 23.33 10.35
CA SER A 5 3.37 22.99 9.28
C SER A 5 4.09 22.35 8.08
N LEU A 6 4.14 21.03 8.06
CA LEU A 6 4.80 20.31 6.98
C LEU A 6 4.52 18.81 7.07
N LEU A 7 3.44 18.38 6.43
CA LEU A 7 3.06 16.98 6.44
C LEU A 7 4.07 16.16 5.62
N HIS A 8 4.65 16.80 4.62
CA HIS A 8 5.63 16.15 3.75
C HIS A 8 6.93 15.90 4.51
N TRP A 9 7.37 16.89 5.27
CA TRP A 9 8.61 16.77 6.04
C TRP A 9 8.49 15.70 7.11
N ILE A 10 7.52 15.86 8.01
CA ILE A 10 7.30 14.90 9.08
C ILE A 10 7.23 13.47 8.56
N TYR A 11 6.77 13.33 7.31
CA TYR A 11 6.65 12.02 6.70
C TYR A 11 8.03 11.40 6.42
N VAL A 12 8.98 12.23 5.99
CA VAL A 12 10.33 11.74 5.70
C VAL A 12 10.97 11.15 6.96
N ALA A 13 10.64 11.74 8.12
CA ALA A 13 11.19 11.29 9.39
C ALA A 13 10.52 10.00 9.84
N GLY A 14 9.19 9.95 9.73
CA GLY A 14 8.44 8.78 10.14
C GLY A 14 8.91 7.52 9.43
N MET A 15 9.17 7.64 8.13
CA MET A 15 9.62 6.51 7.33
C MET A 15 11.03 6.09 7.72
N THR A 16 11.85 7.06 8.11
CA THR A 16 13.22 6.80 8.52
C THR A 16 13.28 5.85 9.71
N ILE A 17 12.77 6.30 10.85
CA ILE A 17 12.77 5.49 12.07
C ILE A 17 12.18 4.11 11.81
N GLY A 18 11.22 4.03 10.90
CA GLY A 18 10.60 2.75 10.59
C GLY A 18 11.62 1.69 10.22
N ALA A 19 12.38 1.94 9.17
CA ALA A 19 13.39 1.00 8.72
C ALA A 19 14.33 0.62 9.86
N LEU A 20 14.57 1.57 10.76
CA LEU A 20 15.44 1.33 11.90
C LEU A 20 15.06 0.05 12.64
N HIS A 21 13.83 -0.01 13.12
CA HIS A 21 13.33 -1.18 13.83
C HIS A 21 13.59 -2.45 13.02
N PHE A 22 13.22 -2.40 11.75
CA PHE A 22 13.39 -3.54 10.87
C PHE A 22 14.84 -4.02 10.89
N TRP A 23 15.78 -3.09 10.80
CA TRP A 23 17.20 -3.41 10.82
C TRP A 23 17.59 -4.12 12.12
N SER A 24 16.78 -3.92 13.16
CA SER A 24 17.05 -4.54 14.46
C SER A 24 16.86 -6.05 14.40
N LEU A 25 15.65 -6.47 14.04
CA LEU A 25 15.34 -7.90 13.95
C LEU A 25 16.01 -8.54 12.74
N SER A 26 16.53 -7.72 11.83
CA SER A 26 17.19 -8.24 10.65
C SER A 26 18.39 -9.10 11.01
N ARG A 27 18.86 -9.00 12.26
CA ARG A 27 19.99 -9.80 12.70
C ARG A 27 19.67 -11.27 12.42
N ASN A 28 18.38 -11.59 12.57
CA ASN A 28 17.89 -12.93 12.33
C ASN A 28 16.37 -12.85 12.07
N PRO A 29 15.84 -13.54 11.05
CA PRO A 29 14.40 -13.51 10.75
C PRO A 29 13.60 -14.60 11.44
N ARG A 30 13.79 -15.83 10.99
CA ARG A 30 13.07 -16.98 11.56
C ARG A 30 11.63 -16.96 11.08
N GLY A 31 11.42 -17.43 9.85
CA GLY A 31 10.10 -17.46 9.26
C GLY A 31 10.04 -16.70 7.94
N VAL A 32 10.62 -15.50 7.92
CA VAL A 32 10.63 -14.68 6.71
C VAL A 32 12.07 -14.49 6.22
N PRO A 33 12.44 -15.05 5.04
CA PRO A 33 13.79 -14.92 4.48
C PRO A 33 14.16 -13.50 4.08
N GLN A 34 15.45 -13.28 3.85
CA GLN A 34 15.98 -11.98 3.47
C GLN A 34 15.23 -11.35 2.29
N TYR A 35 14.86 -12.15 1.29
CA TYR A 35 14.14 -11.61 0.13
C TYR A 35 12.96 -10.76 0.57
N GLU A 36 12.33 -11.15 1.68
CA GLU A 36 11.20 -10.40 2.20
C GLU A 36 11.69 -9.11 2.85
N TYR A 37 12.80 -9.21 3.56
CA TYR A 37 13.38 -8.05 4.23
C TYR A 37 13.76 -6.98 3.21
N LEU A 38 14.18 -7.42 2.03
CA LEU A 38 14.57 -6.50 0.97
C LEU A 38 13.35 -5.76 0.43
N VAL A 39 12.21 -6.44 0.37
CA VAL A 39 10.99 -5.83 -0.13
C VAL A 39 10.63 -4.58 0.66
N ALA A 40 10.32 -4.76 1.94
CA ALA A 40 9.96 -3.63 2.80
C ALA A 40 11.04 -2.55 2.78
N MET A 41 12.29 -2.99 2.94
CA MET A 41 13.43 -2.07 2.95
C MET A 41 13.29 -1.10 1.79
N PHE A 42 12.86 -1.61 0.66
CA PHE A 42 12.66 -0.78 -0.51
C PHE A 42 11.44 0.09 -0.26
N ILE A 43 10.46 -0.49 0.44
CA ILE A 43 9.23 0.22 0.76
C ILE A 43 9.41 1.35 1.78
N PRO A 44 9.88 1.24 3.10
CA PRO A 44 9.97 2.52 3.85
C PRO A 44 10.98 3.54 3.30
N ILE A 45 12.00 3.10 2.58
CA ILE A 45 12.99 4.05 2.05
C ILE A 45 12.44 4.86 0.88
N TRP A 46 11.75 4.20 -0.05
CA TRP A 46 11.19 4.90 -1.21
C TRP A 46 10.11 5.88 -0.78
N SER A 47 9.16 5.41 0.01
CA SER A 47 8.07 6.24 0.49
C SER A 47 8.59 7.52 1.12
N GLY A 48 9.72 7.41 1.83
CA GLY A 48 10.30 8.57 2.48
C GLY A 48 10.79 9.62 1.50
N LEU A 49 11.59 9.21 0.53
CA LEU A 49 12.12 10.12 -0.47
C LEU A 49 10.99 10.83 -1.23
N ALA A 50 9.95 10.09 -1.55
CA ALA A 50 8.80 10.65 -2.27
C ALA A 50 8.22 11.85 -1.53
N TYR A 51 7.80 11.62 -0.28
CA TYR A 51 7.22 12.68 0.53
C TYR A 51 8.17 13.86 0.65
N MET A 52 9.46 13.58 0.84
CA MET A 52 10.46 14.63 0.97
C MET A 52 10.34 15.64 -0.18
N ALA A 53 10.05 15.13 -1.37
CA ALA A 53 9.90 15.97 -2.54
C ALA A 53 8.73 16.92 -2.37
N MET A 54 7.60 16.38 -1.94
CA MET A 54 6.40 17.18 -1.73
C MET A 54 6.71 18.38 -0.85
N ALA A 55 7.70 18.23 0.02
CA ALA A 55 8.10 19.30 0.93
C ALA A 55 8.87 20.38 0.19
N ILE A 56 9.63 19.96 -0.82
CA ILE A 56 10.43 20.90 -1.61
C ILE A 56 9.64 21.44 -2.81
N ASP A 57 8.31 21.28 -2.77
CA ASP A 57 7.45 21.77 -3.85
C ASP A 57 7.97 21.32 -5.22
N GLN A 58 8.49 20.10 -5.26
CA GLN A 58 9.02 19.54 -6.51
C GLN A 58 8.50 18.14 -6.74
N GLY A 59 7.22 18.05 -7.12
CA GLY A 59 6.61 16.75 -7.38
C GLY A 59 5.44 16.84 -8.33
N LYS A 60 4.70 17.94 -8.25
CA LYS A 60 3.54 18.14 -9.12
C LYS A 60 3.81 19.24 -10.14
N VAL A 61 3.53 18.95 -11.41
CA VAL A 61 3.74 19.92 -12.48
C VAL A 61 2.42 20.32 -13.12
N GLU A 62 2.36 21.57 -13.59
CA GLU A 62 1.15 22.07 -14.23
C GLU A 62 0.99 21.49 -15.63
N ALA A 63 -0.10 20.77 -15.84
CA ALA A 63 -0.38 20.16 -17.14
C ALA A 63 -1.84 20.30 -17.52
N ALA A 64 -2.10 20.91 -18.68
CA ALA A 64 -3.46 21.12 -19.15
C ALA A 64 -4.22 22.11 -18.28
N GLY A 65 -3.47 22.90 -17.51
CA GLY A 65 -4.10 23.88 -16.63
C GLY A 65 -4.46 23.32 -15.28
N GLN A 66 -4.46 22.00 -15.15
CA GLN A 66 -4.80 21.35 -13.89
C GLN A 66 -3.54 20.85 -13.19
N ILE A 67 -3.54 20.90 -11.87
CA ILE A 67 -2.41 20.45 -11.08
C ILE A 67 -2.32 18.93 -11.05
N ALA A 68 -1.45 18.37 -11.90
CA ALA A 68 -1.27 16.93 -11.97
C ALA A 68 -0.36 16.44 -10.85
N HIS A 69 -0.89 15.59 -9.98
CA HIS A 69 -0.13 15.04 -8.87
C HIS A 69 0.58 13.75 -9.29
N TYR A 70 1.65 13.90 -10.06
CA TYR A 70 2.43 12.76 -10.53
C TYR A 70 3.24 12.15 -9.39
N ALA A 71 3.95 13.00 -8.65
CA ALA A 71 4.77 12.56 -7.54
C ALA A 71 3.97 11.66 -6.59
N ARG A 72 2.66 11.88 -6.55
CA ARG A 72 1.80 11.10 -5.67
C ARG A 72 1.53 9.70 -6.21
N TYR A 73 1.12 9.61 -7.47
CA TYR A 73 0.83 8.31 -8.06
C TYR A 73 2.03 7.37 -7.98
N ILE A 74 3.25 7.90 -8.13
CA ILE A 74 4.44 7.05 -8.05
C ILE A 74 4.57 6.46 -6.65
N ASP A 75 4.45 7.30 -5.63
CA ASP A 75 4.54 6.83 -4.26
C ASP A 75 3.35 5.93 -3.94
N TRP A 76 2.30 6.09 -4.74
CA TRP A 76 1.07 5.31 -4.60
C TRP A 76 1.32 3.89 -5.06
N MET A 77 2.19 3.76 -6.06
CA MET A 77 2.56 2.48 -6.65
C MET A 77 3.42 1.61 -5.71
N VAL A 78 4.68 1.97 -5.60
CA VAL A 78 5.58 1.22 -4.75
C VAL A 78 4.97 0.96 -3.38
N THR A 79 4.31 1.97 -2.86
CA THR A 79 3.67 1.83 -1.57
C THR A 79 2.47 0.90 -1.63
N THR A 80 1.46 1.23 -2.45
CA THR A 80 0.28 0.37 -2.50
C THR A 80 0.58 -0.97 -3.20
N PRO A 81 0.97 -1.05 -4.52
CA PRO A 81 1.28 -2.36 -5.10
C PRO A 81 2.12 -3.29 -4.23
N LEU A 82 3.24 -2.81 -3.67
CA LEU A 82 4.09 -3.66 -2.84
C LEU A 82 3.62 -3.77 -1.40
N LEU A 83 2.54 -3.07 -1.04
CA LEU A 83 2.01 -3.14 0.32
C LEU A 83 1.28 -4.46 0.48
N LEU A 84 0.32 -4.70 -0.42
CA LEU A 84 -0.46 -5.92 -0.40
C LEU A 84 0.46 -7.12 -0.65
N LEU A 85 1.38 -6.95 -1.60
CA LEU A 85 2.32 -8.01 -1.93
C LEU A 85 3.24 -8.31 -0.75
N SER A 86 3.47 -7.31 0.09
CA SER A 86 4.33 -7.44 1.26
C SER A 86 3.68 -8.31 2.33
N LEU A 87 2.34 -8.25 2.40
CA LEU A 87 1.60 -9.02 3.39
C LEU A 87 1.64 -10.51 3.04
N SER A 88 1.64 -10.79 1.74
CA SER A 88 1.67 -12.17 1.26
C SER A 88 3.04 -12.80 1.50
N TRP A 89 4.09 -12.04 1.20
CA TRP A 89 5.46 -12.52 1.38
C TRP A 89 5.81 -12.68 2.86
N THR A 90 5.11 -11.96 3.72
CA THR A 90 5.36 -12.03 5.15
C THR A 90 4.88 -13.35 5.73
N ALA A 91 3.57 -13.61 5.62
CA ALA A 91 3.00 -14.84 6.13
C ALA A 91 3.76 -16.05 5.60
N MET A 92 4.33 -15.91 4.41
CA MET A 92 5.09 -16.98 3.78
C MET A 92 6.24 -17.44 4.68
N GLN A 93 6.17 -18.69 5.12
CA GLN A 93 7.20 -19.25 5.99
C GLN A 93 8.33 -19.86 5.17
N PHE A 94 7.99 -20.86 4.38
CA PHE A 94 8.98 -21.53 3.53
C PHE A 94 8.71 -21.24 2.05
N ILE A 95 9.76 -21.30 1.24
CA ILE A 95 9.61 -21.03 -0.19
C ILE A 95 9.65 -22.32 -1.00
N LYS A 96 8.82 -22.38 -2.05
CA LYS A 96 8.72 -23.54 -2.92
C LYS A 96 7.65 -23.32 -3.99
N LYS A 97 7.62 -24.20 -4.98
CA LYS A 97 6.64 -24.11 -6.06
C LYS A 97 6.78 -22.80 -6.84
N ASP A 98 6.33 -22.82 -8.09
CA ASP A 98 6.39 -21.64 -8.95
C ASP A 98 4.99 -21.19 -9.33
N TRP A 99 4.22 -22.10 -9.92
CA TRP A 99 2.85 -21.82 -10.33
C TRP A 99 2.75 -20.51 -11.09
N THR A 100 2.80 -20.59 -12.42
CA THR A 100 2.72 -19.41 -13.26
C THR A 100 1.38 -18.70 -13.07
N LEU A 101 0.37 -19.47 -12.69
CA LEU A 101 -0.97 -18.92 -12.47
C LEU A 101 -0.94 -17.84 -11.39
N ILE A 102 -0.43 -18.20 -10.22
CA ILE A 102 -0.34 -17.26 -9.10
C ILE A 102 0.35 -15.98 -9.55
N GLY A 103 1.45 -16.14 -10.27
CA GLY A 103 2.20 -14.98 -10.74
C GLY A 103 1.33 -14.05 -11.57
N PHE A 104 0.36 -14.62 -12.27
CA PHE A 104 -0.55 -13.83 -13.10
C PHE A 104 -1.36 -12.87 -12.26
N LEU A 105 -1.88 -13.37 -11.14
CA LEU A 105 -2.67 -12.56 -10.23
C LEU A 105 -1.92 -11.27 -9.88
N MET A 106 -0.71 -11.44 -9.36
CA MET A 106 0.11 -10.30 -8.97
C MET A 106 0.26 -9.34 -10.15
N SER A 107 0.17 -9.88 -11.37
CA SER A 107 0.29 -9.08 -12.57
C SER A 107 -0.98 -8.27 -12.80
N THR A 108 -2.12 -8.81 -12.37
CA THR A 108 -3.39 -8.13 -12.53
C THR A 108 -3.42 -6.85 -11.69
N GLN A 109 -2.69 -6.85 -10.59
CA GLN A 109 -2.63 -5.70 -9.70
C GLN A 109 -1.79 -4.57 -10.31
N ILE A 110 -0.60 -4.91 -10.79
CA ILE A 110 0.28 -3.91 -11.38
C ILE A 110 -0.41 -3.20 -12.55
N VAL A 111 -1.38 -3.87 -13.16
CA VAL A 111 -2.12 -3.31 -14.28
C VAL A 111 -3.12 -2.24 -13.82
N VAL A 112 -3.82 -2.52 -12.74
CA VAL A 112 -4.79 -1.57 -12.20
C VAL A 112 -4.12 -0.29 -11.74
N ILE A 113 -3.17 -0.42 -10.82
CA ILE A 113 -2.45 0.72 -10.30
C ILE A 113 -1.86 1.53 -11.44
N THR A 114 -1.40 0.83 -12.48
CA THR A 114 -0.83 1.51 -13.64
C THR A 114 -1.85 2.49 -14.19
N SER A 115 -3.12 2.08 -14.11
CA SER A 115 -4.21 2.92 -14.59
C SER A 115 -4.23 4.22 -13.79
N GLY A 116 -3.88 4.12 -12.51
CA GLY A 116 -3.85 5.29 -11.65
C GLY A 116 -2.97 6.38 -12.20
N LEU A 117 -1.71 6.04 -12.45
CA LEU A 117 -0.74 6.99 -12.98
C LEU A 117 -1.31 7.73 -14.18
N ILE A 118 -2.02 7.00 -15.03
CA ILE A 118 -2.64 7.58 -16.22
C ILE A 118 -3.81 8.49 -15.85
N ALA A 119 -4.58 8.06 -14.85
CA ALA A 119 -5.73 8.84 -14.38
C ALA A 119 -5.37 10.30 -14.16
N ASP A 120 -4.12 10.51 -13.76
CA ASP A 120 -3.62 11.87 -13.52
C ASP A 120 -2.99 12.43 -14.79
N LEU A 121 -2.45 11.54 -15.61
CA LEU A 121 -1.82 11.93 -16.87
C LEU A 121 -2.82 11.87 -18.02
N SER A 122 -4.11 11.91 -17.69
CA SER A 122 -5.17 11.85 -18.69
C SER A 122 -5.10 13.04 -19.65
N GLU A 123 -5.25 12.77 -20.93
CA GLU A 123 -5.22 13.81 -21.95
C GLU A 123 -6.55 14.57 -21.96
N ARG A 124 -7.61 13.88 -21.58
CA ARG A 124 -8.95 14.46 -21.53
C ARG A 124 -9.64 14.12 -20.22
N ASP A 125 -10.58 14.94 -19.80
CA ASP A 125 -11.32 14.70 -18.56
C ASP A 125 -12.15 13.42 -18.64
N TRP A 126 -12.97 13.33 -19.67
CA TRP A 126 -13.83 12.16 -19.87
C TRP A 126 -13.01 10.87 -19.80
N VAL A 127 -11.82 10.88 -20.40
CA VAL A 127 -10.96 9.70 -20.40
C VAL A 127 -10.50 9.34 -18.99
N ARG A 128 -10.48 10.33 -18.10
CA ARG A 128 -10.06 10.10 -16.73
C ARG A 128 -11.17 9.41 -15.93
N TYR A 129 -12.41 9.66 -16.32
CA TYR A 129 -13.56 9.07 -15.64
C TYR A 129 -13.60 7.56 -15.89
N LEU A 130 -13.24 7.17 -17.11
CA LEU A 130 -13.23 5.77 -17.49
C LEU A 130 -11.99 5.06 -16.95
N TRP A 131 -10.93 5.84 -16.71
CA TRP A 131 -9.68 5.29 -16.19
C TRP A 131 -9.80 4.95 -14.71
N TYR A 132 -10.18 5.94 -13.91
CA TYR A 132 -10.34 5.75 -12.47
C TYR A 132 -11.31 4.61 -12.18
N ILE A 133 -12.47 4.65 -12.83
CA ILE A 133 -13.49 3.63 -12.64
C ILE A 133 -13.00 2.28 -13.11
N CYS A 134 -12.03 2.28 -14.02
CA CYS A 134 -11.47 1.04 -14.55
C CYS A 134 -10.62 0.34 -13.51
N GLY A 135 -9.98 1.14 -12.66
CA GLY A 135 -9.12 0.58 -11.62
C GLY A 135 -9.91 -0.16 -10.55
N VAL A 136 -10.91 0.51 -9.98
CA VAL A 136 -11.73 -0.09 -8.94
C VAL A 136 -12.37 -1.40 -9.40
N CYS A 137 -12.76 -1.46 -10.67
CA CYS A 137 -13.37 -2.65 -11.23
C CYS A 137 -12.47 -3.87 -11.05
N ALA A 138 -11.29 -3.81 -11.66
CA ALA A 138 -10.33 -4.91 -11.57
C ALA A 138 -9.86 -5.11 -10.14
N PHE A 139 -9.76 -4.02 -9.38
CA PHE A 139 -9.32 -4.08 -7.99
C PHE A 139 -10.17 -5.08 -7.21
N LEU A 140 -11.48 -4.98 -7.37
CA LEU A 140 -12.40 -5.87 -6.67
C LEU A 140 -12.16 -7.32 -7.08
N ILE A 141 -11.96 -7.55 -8.37
CA ILE A 141 -11.73 -8.89 -8.89
C ILE A 141 -10.56 -9.56 -8.14
N ILE A 142 -9.48 -8.82 -7.98
CA ILE A 142 -8.30 -9.34 -7.29
C ILE A 142 -8.65 -9.76 -5.87
N LEU A 143 -9.23 -8.84 -5.10
CA LEU A 143 -9.61 -9.10 -3.73
C LEU A 143 -10.43 -10.38 -3.64
N TRP A 144 -11.35 -10.56 -4.58
CA TRP A 144 -12.20 -11.75 -4.61
C TRP A 144 -11.34 -13.01 -4.69
N GLY A 145 -10.42 -13.03 -5.64
CA GLY A 145 -9.55 -14.18 -5.81
C GLY A 145 -8.75 -14.50 -4.56
N ILE A 146 -8.66 -13.55 -3.65
CA ILE A 146 -7.92 -13.75 -2.41
C ILE A 146 -8.76 -14.46 -1.35
N TRP A 147 -10.08 -14.22 -1.37
CA TRP A 147 -10.97 -14.85 -0.39
C TRP A 147 -11.86 -15.93 -1.01
N ASN A 148 -12.57 -15.59 -2.09
CA ASN A 148 -13.47 -16.54 -2.75
C ASN A 148 -12.82 -17.91 -2.96
N PRO A 149 -11.66 -18.01 -3.64
CA PRO A 149 -11.00 -19.29 -3.87
C PRO A 149 -10.27 -19.79 -2.63
N LEU A 150 -10.00 -18.87 -1.69
CA LEU A 150 -9.31 -19.22 -0.45
C LEU A 150 -7.83 -19.54 -0.69
N ARG A 151 -7.37 -19.33 -1.93
CA ARG A 151 -5.98 -19.60 -2.27
C ARG A 151 -5.55 -20.99 -1.80
N ALA A 152 -5.86 -22.00 -2.59
CA ALA A 152 -5.51 -23.38 -2.25
C ALA A 152 -4.01 -23.49 -1.97
N LYS A 153 -3.23 -22.64 -2.62
CA LYS A 153 -1.78 -22.65 -2.44
C LYS A 153 -1.42 -22.46 -0.96
N THR A 154 -1.98 -21.42 -0.35
CA THR A 154 -1.71 -21.13 1.05
C THR A 154 -2.19 -22.26 1.94
N ARG A 155 -3.33 -22.85 1.58
CA ARG A 155 -3.89 -23.96 2.36
C ARG A 155 -3.06 -25.22 2.20
N THR A 156 -2.32 -25.31 1.09
CA THR A 156 -1.48 -26.47 0.83
C THR A 156 -0.20 -26.40 1.66
N GLN A 157 0.30 -25.20 1.87
CA GLN A 157 1.53 -24.99 2.65
C GLN A 157 1.22 -25.00 4.14
N SER A 158 0.46 -24.00 4.59
CA SER A 158 0.10 -23.90 5.99
C SER A 158 -1.37 -23.52 6.15
N SER A 159 -2.16 -24.44 6.69
CA SER A 159 -3.59 -24.20 6.90
C SER A 159 -3.81 -23.06 7.89
N GLU A 160 -2.97 -23.01 8.92
CA GLU A 160 -3.07 -21.97 9.94
C GLU A 160 -2.90 -20.59 9.33
N LEU A 161 -1.81 -20.41 8.60
CA LEU A 161 -1.52 -19.13 7.95
C LEU A 161 -2.68 -18.70 7.06
N ALA A 162 -3.36 -19.68 6.47
CA ALA A 162 -4.48 -19.39 5.59
C ALA A 162 -5.69 -18.87 6.38
N ASN A 163 -5.81 -19.32 7.63
CA ASN A 163 -6.91 -18.89 8.48
C ASN A 163 -6.71 -17.45 8.94
N LEU A 164 -5.60 -17.19 9.62
CA LEU A 164 -5.29 -15.86 10.11
C LEU A 164 -5.19 -14.86 8.96
N TYR A 165 -4.60 -15.30 7.85
CA TYR A 165 -4.44 -14.44 6.68
C TYR A 165 -5.80 -13.94 6.19
N ASP A 166 -6.77 -14.84 6.13
CA ASP A 166 -8.11 -14.48 5.68
C ASP A 166 -8.64 -13.29 6.46
N LYS A 167 -8.64 -13.40 7.79
CA LYS A 167 -9.12 -12.33 8.64
C LYS A 167 -8.26 -11.08 8.50
N LEU A 168 -6.98 -11.29 8.17
CA LEU A 168 -6.05 -10.18 7.99
C LEU A 168 -6.47 -9.30 6.82
N VAL A 169 -6.51 -9.90 5.63
CA VAL A 169 -6.89 -9.18 4.43
C VAL A 169 -8.27 -8.52 4.58
N THR A 170 -9.06 -9.04 5.52
CA THR A 170 -10.40 -8.50 5.76
C THR A 170 -10.32 -7.16 6.49
N TYR A 171 -9.42 -7.08 7.46
CA TYR A 171 -9.27 -5.85 8.24
C TYR A 171 -8.59 -4.76 7.41
N PHE A 172 -7.45 -5.10 6.82
CA PHE A 172 -6.70 -4.15 5.99
C PHE A 172 -7.58 -3.63 4.86
N THR A 173 -8.57 -4.43 4.46
CA THR A 173 -9.48 -4.04 3.39
C THR A 173 -10.37 -2.88 3.81
N VAL A 174 -11.08 -3.07 4.92
CA VAL A 174 -11.98 -2.03 5.44
C VAL A 174 -11.24 -0.71 5.62
N LEU A 175 -9.99 -0.79 6.07
CA LEU A 175 -9.18 0.40 6.29
C LEU A 175 -9.05 1.22 5.00
N TRP A 176 -8.54 0.58 3.96
CA TRP A 176 -8.37 1.26 2.68
C TRP A 176 -9.73 1.76 2.17
N ILE A 177 -10.77 0.94 2.44
CA ILE A 177 -12.12 1.27 2.02
C ILE A 177 -12.40 2.72 2.39
N GLY A 178 -11.87 3.14 3.53
CA GLY A 178 -12.06 4.50 3.95
C GLY A 178 -11.20 5.42 3.11
N TYR A 179 -10.01 4.93 2.75
CA TYR A 179 -9.06 5.67 1.92
C TYR A 179 -9.58 5.81 0.47
N PRO A 180 -9.79 4.75 -0.42
CA PRO A 180 -10.31 5.14 -1.76
C PRO A 180 -11.74 5.67 -1.80
N ILE A 181 -12.54 5.45 -0.75
CA ILE A 181 -13.93 5.94 -0.77
C ILE A 181 -14.00 7.43 -0.47
N VAL A 182 -13.03 7.95 0.30
CA VAL A 182 -13.04 9.36 0.64
C VAL A 182 -12.49 10.23 -0.51
N TRP A 183 -11.52 9.70 -1.24
CA TRP A 183 -10.93 10.45 -2.36
C TRP A 183 -11.76 10.27 -3.63
N ILE A 184 -12.69 9.29 -3.62
CA ILE A 184 -13.54 9.02 -4.77
C ILE A 184 -14.12 10.30 -5.39
N ILE A 185 -14.30 11.33 -4.57
CA ILE A 185 -14.84 12.60 -5.04
C ILE A 185 -13.69 13.52 -5.47
N GLY A 186 -13.99 14.80 -5.68
CA GLY A 186 -12.96 15.74 -6.09
C GLY A 186 -11.84 15.85 -5.07
N PRO A 187 -11.07 16.94 -5.09
CA PRO A 187 -9.96 17.14 -4.16
C PRO A 187 -10.38 16.92 -2.71
N SER A 188 -9.65 16.05 -2.02
CA SER A 188 -9.94 15.73 -0.61
C SER A 188 -11.38 15.28 -0.43
N GLY A 189 -12.00 14.82 -1.50
CA GLY A 189 -13.37 14.35 -1.44
C GLY A 189 -14.37 15.44 -1.07
N PHE A 190 -14.87 16.15 -2.07
CA PHE A 190 -15.84 17.22 -1.85
C PHE A 190 -16.20 17.90 -3.16
N GLY A 191 -15.20 18.18 -3.98
CA GLY A 191 -15.43 18.83 -5.25
C GLY A 191 -14.50 19.99 -5.50
N TRP A 192 -14.16 20.72 -4.44
CA TRP A 192 -13.27 21.87 -4.55
C TRP A 192 -12.57 22.15 -3.22
N ILE A 193 -11.75 21.21 -2.77
CA ILE A 193 -11.03 21.37 -1.51
C ILE A 193 -9.59 21.84 -1.76
N ASN A 194 -8.99 22.45 -0.74
CA ASN A 194 -7.62 22.94 -0.85
C ASN A 194 -6.63 21.79 -0.84
N GLN A 195 -5.38 22.09 -1.20
CA GLN A 195 -4.34 21.07 -1.23
C GLN A 195 -3.86 20.73 0.19
N THR A 196 -3.76 21.74 1.03
CA THR A 196 -3.33 21.54 2.41
C THR A 196 -4.21 20.53 3.13
N ILE A 197 -5.52 20.76 3.07
CA ILE A 197 -6.48 19.88 3.72
C ILE A 197 -6.39 18.46 3.15
N ASP A 198 -6.15 18.37 1.85
CA ASP A 198 -6.05 17.08 1.17
C ASP A 198 -5.01 16.20 1.85
N THR A 199 -3.76 16.67 1.87
CA THR A 199 -2.67 15.93 2.48
C THR A 199 -2.93 15.68 3.96
N PHE A 200 -3.76 16.53 4.57
CA PHE A 200 -4.09 16.40 5.98
C PHE A 200 -4.75 15.06 6.27
N LEU A 201 -5.90 14.82 5.66
CA LEU A 201 -6.63 13.58 5.87
C LEU A 201 -5.77 12.37 5.50
N PHE A 202 -5.07 12.46 4.37
CA PHE A 202 -4.21 11.37 3.93
C PHE A 202 -3.23 11.00 5.07
N CYS A 203 -2.55 12.01 5.59
CA CYS A 203 -1.61 11.78 6.68
C CYS A 203 -2.32 10.98 7.75
N LEU A 204 -3.62 11.25 7.89
CA LEU A 204 -4.45 10.58 8.88
C LEU A 204 -4.69 9.11 8.54
N LEU A 205 -5.24 8.79 7.35
CA LEU A 205 -5.47 7.39 7.04
C LEU A 205 -4.23 6.70 6.47
N PRO A 206 -3.59 7.22 5.38
CA PRO A 206 -2.37 6.57 4.90
C PRO A 206 -1.35 6.28 6.00
N PHE A 207 -1.32 7.07 7.08
CA PHE A 207 -0.36 6.79 8.16
C PHE A 207 -0.85 5.57 8.94
N PHE A 208 -2.14 5.57 9.26
CA PHE A 208 -2.76 4.48 10.00
C PHE A 208 -2.60 3.15 9.26
N SER A 209 -2.42 3.23 7.95
CA SER A 209 -2.27 2.03 7.12
C SER A 209 -0.84 1.48 7.20
N LYS A 210 0.14 2.36 7.07
CA LYS A 210 1.55 1.96 7.12
C LYS A 210 1.89 1.33 8.46
N VAL A 211 1.37 1.90 9.55
CA VAL A 211 1.64 1.39 10.88
C VAL A 211 0.74 0.20 11.22
N GLY A 212 -0.51 0.27 10.77
CA GLY A 212 -1.45 -0.81 11.04
C GLY A 212 -1.07 -2.11 10.36
N PHE A 213 -0.62 -2.01 9.11
CA PHE A 213 -0.22 -3.19 8.35
C PHE A 213 1.10 -3.76 8.85
N SER A 214 2.00 -2.88 9.28
CA SER A 214 3.29 -3.31 9.78
C SER A 214 3.15 -4.38 10.86
N PHE A 215 2.51 -4.00 11.96
CA PHE A 215 2.28 -4.92 13.07
C PHE A 215 1.34 -6.05 12.66
N LEU A 216 0.55 -5.83 11.62
CA LEU A 216 -0.40 -6.82 11.15
C LEU A 216 0.32 -8.02 10.54
N ASP A 217 1.12 -7.78 9.51
CA ASP A 217 1.86 -8.84 8.84
C ASP A 217 2.63 -9.68 9.84
N LEU A 218 3.48 -9.03 10.63
CA LEU A 218 4.28 -9.74 11.63
C LEU A 218 3.39 -10.48 12.62
N HIS A 219 2.30 -9.84 13.03
CA HIS A 219 1.37 -10.45 13.97
C HIS A 219 0.79 -11.74 13.42
N GLY A 220 0.46 -11.74 12.13
CA GLY A 220 -0.09 -12.92 11.51
C GLY A 220 0.88 -14.09 11.50
N LEU A 221 2.16 -13.80 11.29
CA LEU A 221 3.18 -14.82 11.26
C LEU A 221 3.28 -15.53 12.61
N ARG A 222 3.24 -14.74 13.69
CA ARG A 222 3.32 -15.28 15.03
C ARG A 222 2.74 -14.31 16.05
N ASN A 223 1.60 -14.66 16.63
CA ASN A 223 0.95 -13.81 17.62
C ASN A 223 0.97 -14.48 19.00
N LEU A 224 0.68 -13.68 20.03
CA LEU A 224 0.67 -14.19 21.40
C LEU A 224 -0.74 -14.08 22.00
N ASN A 225 -1.75 -14.26 21.16
CA ASN A 225 -3.13 -14.19 21.61
C ASN A 225 -3.63 -15.56 22.07
N ASP A 226 -3.33 -16.60 21.29
CA ASP A 226 -3.73 -17.94 21.63
C ASP A 226 -3.02 -18.44 22.87
N SER A 227 -1.68 -18.39 22.85
CA SER A 227 -0.88 -18.83 23.98
C SER A 227 0.18 -17.79 24.32
N ARG A 228 0.83 -17.97 25.47
CA ARG A 228 1.87 -17.05 25.92
C ARG A 228 3.22 -17.46 25.37
N GLN A 229 3.42 -18.77 25.21
CA GLN A 229 4.68 -19.30 24.69
C GLN A 229 4.72 -19.22 23.17
C1 RET B . -6.64 3.53 -6.59
C2 RET B . -7.49 3.68 -7.86
C3 RET B . -8.11 2.37 -8.24
C4 RET B . -9.08 1.94 -7.18
C5 RET B . -8.38 1.81 -5.83
C6 RET B . -7.26 2.52 -5.54
C7 RET B . -6.60 2.34 -4.21
C8 RET B . -5.48 2.99 -3.83
C9 RET B . -4.86 2.78 -2.52
C10 RET B . -3.72 3.45 -2.13
C11 RET B . -3.12 3.26 -0.87
C12 RET B . -1.98 3.92 -0.48
C13 RET B . -1.38 3.72 0.77
C14 RET B . -0.22 4.41 1.16
C15 RET B . 0.38 4.21 2.39
C16 RET B . -6.51 4.92 -5.99
C17 RET B . -5.26 3.06 -7.01
C18 RET B . -8.97 0.84 -4.80
C19 RET B . -5.51 1.80 -1.55
C20 RET B . -2.02 2.72 1.75
H21 RET B . -8.26 4.41 -7.67
H22 RET B . -6.85 4.03 -8.66
H31 RET B . -8.63 2.48 -9.18
H32 RET B . -7.34 1.62 -8.35
H41 RET B . -9.87 2.68 -7.10
H42 RET B . -9.51 0.99 -7.45
H7 RET B . -7.04 1.66 -3.52
H8 RET B . -5.02 3.68 -4.50
H10 RET B . -3.27 4.15 -2.81
H11 RET B . -3.57 2.56 -0.19
H12 RET B . -1.53 4.62 -1.16
H14 RET B . 0.22 5.10 0.47
H15 RET B . -0.05 3.53 3.08
H161 RET B . -7.48 5.39 -5.95
H162 RET B . -5.84 5.51 -6.59
H163 RET B . -6.11 4.84 -4.98
H171 RET B . -4.69 3.88 -7.40
H172 RET B . -4.74 2.63 -6.16
H173 RET B . -5.36 2.29 -7.78
H181 RET B . -9.26 -0.07 -5.30
H182 RET B . -8.22 0.62 -4.06
H183 RET B . -9.82 1.30 -4.33
H191 RET B . -4.82 1.58 -0.75
H192 RET B . -5.75 0.88 -2.08
H193 RET B . -6.42 2.23 -1.15
H201 RET B . -2.19 1.78 1.24
H202 RET B . -2.97 3.11 2.10
H203 RET B . -1.35 2.57 2.59
#